data_2O0Q
# 
_entry.id   2O0Q 
# 
_audit_conform.dict_name       mmcif_pdbx.dic 
_audit_conform.dict_version    5.377 
_audit_conform.dict_location   http://mmcif.pdb.org/dictionaries/ascii/mmcif_pdbx.dic 
# 
loop_
_database_2.database_id 
_database_2.database_code 
_database_2.pdbx_database_accession 
_database_2.pdbx_DOI 
PDB   2O0Q         pdb_00002o0q 10.2210/pdb2o0q/pdb 
RCSB  RCSB040540   ?            ?                   
WWPDB D_1000040540 ?            ?                   
# 
loop_
_pdbx_database_related.db_name 
_pdbx_database_related.db_id 
_pdbx_database_related.details 
_pdbx_database_related.content_type 
PDB      2O0P  . unspecified 
TargetDB CcR55 . unspecified 
# 
_pdbx_database_status.status_code                     REL 
_pdbx_database_status.entry_id                        2O0Q 
_pdbx_database_status.recvd_initial_deposition_date   2006-11-28 
_pdbx_database_status.deposit_site                    RCSB 
_pdbx_database_status.process_site                    RCSB 
_pdbx_database_status.status_code_sf                  REL 
_pdbx_database_status.status_code_mr                  ? 
_pdbx_database_status.SG_entry                        Y 
_pdbx_database_status.pdb_format_compatible           Y 
_pdbx_database_status.status_code_cs                  ? 
_pdbx_database_status.status_code_nmr_data            ? 
_pdbx_database_status.methods_development_category    ? 
# 
loop_
_audit_author.name 
_audit_author.pdbx_ordinal 
'Seetharaman, J.'                                 1  
'Su, M.'                                          2  
'Wang, D.'                                        3  
'Fang, Y.'                                        4  
'Cunningham, K.'                                  5  
'Ma, L.'                                          6  
'Xiao, R.'                                        7  
'Liu, J.'                                         8  
'Baran, M.C.'                                     9  
'Acton, T.B.'                                     10 
'Rost, B.'                                        11 
'Montelione, G.T.'                                12 
'Hunt, J.F.'                                      13 
'Tong, L.'                                        14 
'Northeast Structural Genomics Consortium (NESG)' 15 
# 
_citation.id                        primary 
_citation.title                     'Crystal Structure of the Hypothetical Protein from Caulobacter Crescentus.' 
_citation.journal_abbrev            'TO BE PUBLISHED' 
_citation.journal_volume            ? 
_citation.page_first                ? 
_citation.page_last                 ? 
_citation.year                      ? 
_citation.journal_id_ASTM           ? 
_citation.country                   ? 
_citation.journal_id_ISSN           ? 
_citation.journal_id_CSD            0353 
_citation.book_publisher            ? 
_citation.pdbx_database_id_PubMed   ? 
_citation.pdbx_database_id_DOI      ? 
# 
loop_
_citation_author.citation_id 
_citation_author.name 
_citation_author.ordinal 
_citation_author.identifier_ORCID 
primary 'Seetharaman, J.'  1  ? 
primary 'Su, M.'           2  ? 
primary 'Wang, D.'         3  ? 
primary 'Fang, Y.'         4  ? 
primary 'Cunningham, K.'   5  ? 
primary 'Ma, L.'           6  ? 
primary 'Xiao, R.'         7  ? 
primary 'Liu, J.'          8  ? 
primary 'Baran, M.C.'      9  ? 
primary 'Acton, T.B.'      10 ? 
primary 'Rost, B.'         11 ? 
primary 'Montelione, G.T.' 12 ? 
primary 'Hunt, J.F.'       13 ? 
primary 'Tong, L.'         14 ? 
# 
_cell.entry_id           2O0Q 
_cell.length_a           85.143 
_cell.length_b           104.326 
_cell.length_c           46.107 
_cell.angle_alpha        90.00 
_cell.angle_beta         90.00 
_cell.angle_gamma        90.00 
_cell.Z_PDB              8 
_cell.pdbx_unique_axis   ? 
_cell.length_a_esd       ? 
_cell.length_b_esd       ? 
_cell.length_c_esd       ? 
_cell.angle_alpha_esd    ? 
_cell.angle_beta_esd     ? 
_cell.angle_gamma_esd    ? 
# 
_symmetry.entry_id                         2O0Q 
_symmetry.space_group_name_H-M             'C 2 2 2' 
_symmetry.pdbx_full_space_group_name_H-M   ? 
_symmetry.cell_setting                     ? 
_symmetry.Int_Tables_number                21 
_symmetry.space_group_name_Hall            ? 
# 
loop_
_entity.id 
_entity.type 
_entity.src_method 
_entity.pdbx_description 
_entity.formula_weight 
_entity.pdbx_number_of_molecules 
_entity.pdbx_ec 
_entity.pdbx_mutation 
_entity.pdbx_fragment 
_entity.details 
1 polymer man 'Hypothetical protein CC0527' 12571.089 1   ? ? ? ? 
2 water   nat water                         18.015    152 ? ? ? ? 
# 
_entity_poly.entity_id                      1 
_entity_poly.type                           'polypeptide(L)' 
_entity_poly.nstd_linkage                   no 
_entity_poly.nstd_monomer                   no 
_entity_poly.pdbx_seq_one_letter_code       
;MTLIYKILSRAEWDAAKAQGRFEGSAVDLADGFIHLSAGEQAQETAAKWFRGQANLVLLAVEAEPLGEDLKWEASRGGAR
FPHLYRPLLVSEVTREADLDLDADGVPQLGDHLAL
;
_entity_poly.pdbx_seq_one_letter_code_can   
;MTLIYKILSRAEWDAAKAQGRFEGSAVDLADGFIHLSAGEQAQETAAKWFRGQANLVLLAVEAEPLGEDLKWEASRGGAR
FPHLYRPLLVSEVTREADLDLDADGVPQLGDHLAL
;
_entity_poly.pdbx_strand_id                 A 
_entity_poly.pdbx_target_identifier         CcR55 
# 
loop_
_entity_poly_seq.entity_id 
_entity_poly_seq.num 
_entity_poly_seq.mon_id 
_entity_poly_seq.hetero 
1 1   MET n 
1 2   THR n 
1 3   LEU n 
1 4   ILE n 
1 5   TYR n 
1 6   LYS n 
1 7   ILE n 
1 8   LEU n 
1 9   SER n 
1 10  ARG n 
1 11  ALA n 
1 12  GLU n 
1 13  TRP n 
1 14  ASP n 
1 15  ALA n 
1 16  ALA n 
1 17  LYS n 
1 18  ALA n 
1 19  GLN n 
1 20  GLY n 
1 21  ARG n 
1 22  PHE n 
1 23  GLU n 
1 24  GLY n 
1 25  SER n 
1 26  ALA n 
1 27  VAL n 
1 28  ASP n 
1 29  LEU n 
1 30  ALA n 
1 31  ASP n 
1 32  GLY n 
1 33  PHE n 
1 34  ILE n 
1 35  HIS n 
1 36  LEU n 
1 37  SER n 
1 38  ALA n 
1 39  GLY n 
1 40  GLU n 
1 41  GLN n 
1 42  ALA n 
1 43  GLN n 
1 44  GLU n 
1 45  THR n 
1 46  ALA n 
1 47  ALA n 
1 48  LYS n 
1 49  TRP n 
1 50  PHE n 
1 51  ARG n 
1 52  GLY n 
1 53  GLN n 
1 54  ALA n 
1 55  ASN n 
1 56  LEU n 
1 57  VAL n 
1 58  LEU n 
1 59  LEU n 
1 60  ALA n 
1 61  VAL n 
1 62  GLU n 
1 63  ALA n 
1 64  GLU n 
1 65  PRO n 
1 66  LEU n 
1 67  GLY n 
1 68  GLU n 
1 69  ASP n 
1 70  LEU n 
1 71  LYS n 
1 72  TRP n 
1 73  GLU n 
1 74  ALA n 
1 75  SER n 
1 76  ARG n 
1 77  GLY n 
1 78  GLY n 
1 79  ALA n 
1 80  ARG n 
1 81  PHE n 
1 82  PRO n 
1 83  HIS n 
1 84  LEU n 
1 85  TYR n 
1 86  ARG n 
1 87  PRO n 
1 88  LEU n 
1 89  LEU n 
1 90  VAL n 
1 91  SER n 
1 92  GLU n 
1 93  VAL n 
1 94  THR n 
1 95  ARG n 
1 96  GLU n 
1 97  ALA n 
1 98  ASP n 
1 99  LEU n 
1 100 ASP n 
1 101 LEU n 
1 102 ASP n 
1 103 ALA n 
1 104 ASP n 
1 105 GLY n 
1 106 VAL n 
1 107 PRO n 
1 108 GLN n 
1 109 LEU n 
1 110 GLY n 
1 111 ASP n 
1 112 HIS n 
1 113 LEU n 
1 114 ALA n 
1 115 LEU n 
# 
_entity_src_gen.entity_id                          1 
_entity_src_gen.pdbx_src_id                        1 
_entity_src_gen.pdbx_alt_source_flag               sample 
_entity_src_gen.pdbx_seq_type                      ? 
_entity_src_gen.pdbx_beg_seq_num                   ? 
_entity_src_gen.pdbx_end_seq_num                   ? 
_entity_src_gen.gene_src_common_name               ? 
_entity_src_gen.gene_src_genus                     Caulobacter 
_entity_src_gen.pdbx_gene_src_gene                 ? 
_entity_src_gen.gene_src_species                   ? 
_entity_src_gen.gene_src_strain                    ? 
_entity_src_gen.gene_src_tissue                    ? 
_entity_src_gen.gene_src_tissue_fraction           ? 
_entity_src_gen.gene_src_details                   ? 
_entity_src_gen.pdbx_gene_src_fragment             ? 
_entity_src_gen.pdbx_gene_src_scientific_name      'Caulobacter vibrioides' 
_entity_src_gen.pdbx_gene_src_ncbi_taxonomy_id     155892 
_entity_src_gen.pdbx_gene_src_variant              ? 
_entity_src_gen.pdbx_gene_src_cell_line            ? 
_entity_src_gen.pdbx_gene_src_atcc                 ? 
_entity_src_gen.pdbx_gene_src_organ                ? 
_entity_src_gen.pdbx_gene_src_organelle            ? 
_entity_src_gen.pdbx_gene_src_cell                 ? 
_entity_src_gen.pdbx_gene_src_cellular_location    ? 
_entity_src_gen.host_org_common_name               ? 
_entity_src_gen.pdbx_host_org_scientific_name      'Escherichia coli' 
_entity_src_gen.pdbx_host_org_ncbi_taxonomy_id     562 
_entity_src_gen.host_org_genus                     Escherichia 
_entity_src_gen.pdbx_host_org_gene                 ? 
_entity_src_gen.pdbx_host_org_organ                ? 
_entity_src_gen.host_org_species                   ? 
_entity_src_gen.pdbx_host_org_tissue               ? 
_entity_src_gen.pdbx_host_org_tissue_fraction      ? 
_entity_src_gen.pdbx_host_org_strain               ? 
_entity_src_gen.pdbx_host_org_variant              ? 
_entity_src_gen.pdbx_host_org_cell_line            ? 
_entity_src_gen.pdbx_host_org_atcc                 ? 
_entity_src_gen.pdbx_host_org_culture_collection   ? 
_entity_src_gen.pdbx_host_org_cell                 ? 
_entity_src_gen.pdbx_host_org_organelle            ? 
_entity_src_gen.pdbx_host_org_cellular_location    ? 
_entity_src_gen.pdbx_host_org_vector_type          plasmid 
_entity_src_gen.pdbx_host_org_vector               'PET 21' 
_entity_src_gen.host_org_details                   ? 
_entity_src_gen.expression_system_id               ? 
_entity_src_gen.plasmid_name                       ? 
_entity_src_gen.plasmid_details                    ? 
_entity_src_gen.pdbx_description                   ? 
# 
_struct_ref.id                         1 
_struct_ref.db_name                    UNP 
_struct_ref.db_code                    Q9AAR9_CAUCR 
_struct_ref.pdbx_db_accession          Q9AAR9 
_struct_ref.entity_id                  1 
_struct_ref.pdbx_seq_one_letter_code   
;MTLIYKILSRAEWDAAKAQGRFEGSAVDLADGFIHLSAGEQAQETAAKWFRGQANLVLLAVEAEPLGEDLKWEASRGGAR
FPHLYRPLLVSEVTREADLDLDADGVPQLGDHLA
;
_struct_ref.pdbx_align_begin           1 
_struct_ref.pdbx_db_isoform            ? 
# 
_struct_ref_seq.align_id                      1 
_struct_ref_seq.ref_id                        1 
_struct_ref_seq.pdbx_PDB_id_code              2O0Q 
_struct_ref_seq.pdbx_strand_id                A 
_struct_ref_seq.seq_align_beg                 1 
_struct_ref_seq.pdbx_seq_align_beg_ins_code   ? 
_struct_ref_seq.seq_align_end                 114 
_struct_ref_seq.pdbx_seq_align_end_ins_code   ? 
_struct_ref_seq.pdbx_db_accession             Q9AAR9 
_struct_ref_seq.db_align_beg                  1 
_struct_ref_seq.pdbx_db_align_beg_ins_code    ? 
_struct_ref_seq.db_align_end                  114 
_struct_ref_seq.pdbx_db_align_end_ins_code    ? 
_struct_ref_seq.pdbx_auth_seq_align_beg       1 
_struct_ref_seq.pdbx_auth_seq_align_end       114 
# 
_struct_ref_seq_dif.align_id                     1 
_struct_ref_seq_dif.pdbx_pdb_id_code             2O0Q 
_struct_ref_seq_dif.mon_id                       LEU 
_struct_ref_seq_dif.pdbx_pdb_strand_id           A 
_struct_ref_seq_dif.seq_num                      115 
_struct_ref_seq_dif.pdbx_pdb_ins_code            ? 
_struct_ref_seq_dif.pdbx_seq_db_name             UNP 
_struct_ref_seq_dif.pdbx_seq_db_accession_code   Q9AAR9 
_struct_ref_seq_dif.db_mon_id                    ? 
_struct_ref_seq_dif.pdbx_seq_db_seq_num          ? 
_struct_ref_seq_dif.details                      'cloning artifact' 
_struct_ref_seq_dif.pdbx_auth_seq_num            115 
_struct_ref_seq_dif.pdbx_ordinal                 1 
# 
loop_
_chem_comp.id 
_chem_comp.type 
_chem_comp.mon_nstd_flag 
_chem_comp.name 
_chem_comp.pdbx_synonyms 
_chem_comp.formula 
_chem_comp.formula_weight 
ALA 'L-peptide linking' y ALANINE         ? 'C3 H7 N O2'     89.093  
ARG 'L-peptide linking' y ARGININE        ? 'C6 H15 N4 O2 1' 175.209 
ASN 'L-peptide linking' y ASPARAGINE      ? 'C4 H8 N2 O3'    132.118 
ASP 'L-peptide linking' y 'ASPARTIC ACID' ? 'C4 H7 N O4'     133.103 
GLN 'L-peptide linking' y GLUTAMINE       ? 'C5 H10 N2 O3'   146.144 
GLU 'L-peptide linking' y 'GLUTAMIC ACID' ? 'C5 H9 N O4'     147.129 
GLY 'peptide linking'   y GLYCINE         ? 'C2 H5 N O2'     75.067  
HIS 'L-peptide linking' y HISTIDINE       ? 'C6 H10 N3 O2 1' 156.162 
HOH non-polymer         . WATER           ? 'H2 O'           18.015  
ILE 'L-peptide linking' y ISOLEUCINE      ? 'C6 H13 N O2'    131.173 
LEU 'L-peptide linking' y LEUCINE         ? 'C6 H13 N O2'    131.173 
LYS 'L-peptide linking' y LYSINE          ? 'C6 H15 N2 O2 1' 147.195 
MET 'L-peptide linking' y METHIONINE      ? 'C5 H11 N O2 S'  149.211 
PHE 'L-peptide linking' y PHENYLALANINE   ? 'C9 H11 N O2'    165.189 
PRO 'L-peptide linking' y PROLINE         ? 'C5 H9 N O2'     115.130 
SER 'L-peptide linking' y SERINE          ? 'C3 H7 N O3'     105.093 
THR 'L-peptide linking' y THREONINE       ? 'C4 H9 N O3'     119.119 
TRP 'L-peptide linking' y TRYPTOPHAN      ? 'C11 H12 N2 O2'  204.225 
TYR 'L-peptide linking' y TYROSINE        ? 'C9 H11 N O3'    181.189 
VAL 'L-peptide linking' y VALINE          ? 'C5 H11 N O2'    117.146 
# 
_exptl.entry_id          2O0Q 
_exptl.method            'X-RAY DIFFRACTION' 
_exptl.crystals_number   1 
# 
_exptl_crystal.id                    1 
_exptl_crystal.density_meas          ? 
_exptl_crystal.density_Matthews      4.07 
_exptl_crystal.density_percent_sol   69.79 
_exptl_crystal.description           ? 
_exptl_crystal.F_000                 ? 
_exptl_crystal.preparation           ? 
# 
_exptl_crystal_grow.crystal_id      1 
_exptl_crystal_grow.method          'VAPOR DIFFUSION, HANGING DROP' 
_exptl_crystal_grow.temp            298 
_exptl_crystal_grow.temp_details    ? 
_exptl_crystal_grow.pH              5.6 
_exptl_crystal_grow.pdbx_details    
'0.2M Sodium acetate, 0.1M Sodium Citrate, PGE 4000 , pH 5.6, VAPOR DIFFUSION, HANGING DROP, temperature 298K' 
_exptl_crystal_grow.pdbx_pH_range   . 
# 
_diffrn.id                     1 
_diffrn.ambient_temp           100 
_diffrn.ambient_temp_details   ? 
_diffrn.crystal_id             1 
# 
_diffrn_detector.diffrn_id              1 
_diffrn_detector.detector               CCD 
_diffrn_detector.type                   'ADSC QUANTUM 4' 
_diffrn_detector.pdbx_collection_date   2006-10-10 
_diffrn_detector.details                Mirrors 
# 
_diffrn_radiation.diffrn_id                        1 
_diffrn_radiation.wavelength_id                    1 
_diffrn_radiation.pdbx_monochromatic_or_laue_m_l   M 
_diffrn_radiation.monochromator                    'SI 111 CHANNEL' 
_diffrn_radiation.pdbx_diffrn_protocol             'SINGLE WAVELENGTH' 
_diffrn_radiation.pdbx_scattering_type             x-ray 
# 
_diffrn_radiation_wavelength.id           1 
_diffrn_radiation_wavelength.wavelength   0.978 
_diffrn_radiation_wavelength.wt           1.0 
# 
_diffrn_source.diffrn_id                   1 
_diffrn_source.source                      SYNCHROTRON 
_diffrn_source.type                        'NSLS BEAMLINE X4A' 
_diffrn_source.pdbx_synchrotron_site       NSLS 
_diffrn_source.pdbx_synchrotron_beamline   X4A 
_diffrn_source.pdbx_wavelength             ? 
_diffrn_source.pdbx_wavelength_list        0.978 
# 
_reflns.entry_id                     2O0Q 
_reflns.observed_criterion_sigma_I   0 
_reflns.observed_criterion_sigma_F   0 
_reflns.d_resolution_low             50 
_reflns.d_resolution_high            1.8 
_reflns.number_obs                   31132 
_reflns.number_all                   ? 
_reflns.percent_possible_obs         98.4 
_reflns.pdbx_Rmerge_I_obs            0.07 
_reflns.pdbx_Rsym_value              0.054 
_reflns.pdbx_netI_over_sigmaI        11.4 
_reflns.B_iso_Wilson_estimate        9.9 
_reflns.pdbx_redundancy              7.3 
_reflns.R_free_details               ? 
_reflns.limit_h_max                  ? 
_reflns.limit_h_min                  ? 
_reflns.limit_k_max                  ? 
_reflns.limit_k_min                  ? 
_reflns.limit_l_max                  ? 
_reflns.limit_l_min                  ? 
_reflns.observed_criterion_F_max     ? 
_reflns.observed_criterion_F_min     ? 
_reflns.pdbx_chi_squared             ? 
_reflns.pdbx_scaling_rejects         ? 
_reflns.pdbx_diffrn_id               1 
_reflns.pdbx_ordinal                 1 
# 
_reflns_shell.d_res_high             1.80 
_reflns_shell.d_res_low              1.86 
_reflns_shell.percent_possible_all   88.3 
_reflns_shell.Rmerge_I_obs           0.369 
_reflns_shell.pdbx_Rsym_value        0.334 
_reflns_shell.meanI_over_sigI_obs    9.40 
_reflns_shell.pdbx_redundancy        5.5 
_reflns_shell.percent_possible_obs   ? 
_reflns_shell.number_unique_all      3267 
_reflns_shell.number_measured_all    ? 
_reflns_shell.number_measured_obs    ? 
_reflns_shell.number_unique_obs      ? 
_reflns_shell.pdbx_chi_squared       ? 
_reflns_shell.pdbx_diffrn_id         ? 
_reflns_shell.pdbx_ordinal           1 
# 
_refine.entry_id                                 2O0Q 
_refine.ls_number_reflns_obs                     31132 
_refine.ls_number_reflns_all                     ? 
_refine.pdbx_ls_sigma_I                          ? 
_refine.pdbx_ls_sigma_F                          2.0 
_refine.pdbx_data_cutoff_high_absF               83262.25 
_refine.pdbx_data_cutoff_low_absF                0.000000 
_refine.pdbx_data_cutoff_high_rms_absF           ? 
_refine.ls_d_res_low                             32.98 
_refine.ls_d_res_high                            1.80 
_refine.ls_percent_reflns_obs                    84.5 
_refine.ls_R_factor_obs                          0.222 
_refine.ls_R_factor_all                          ? 
_refine.ls_R_factor_R_work                       0.222 
_refine.ls_R_factor_R_free                       0.252 
_refine.ls_R_factor_R_free_error                 0.007 
_refine.ls_R_factor_R_free_error_details         ? 
_refine.ls_percent_reflns_R_free                 5.0 
_refine.ls_number_reflns_R_free                  1548 
_refine.ls_number_parameters                     ? 
_refine.ls_number_restraints                     ? 
_refine.occupancy_min                            ? 
_refine.occupancy_max                            ? 
_refine.correlation_coeff_Fo_to_Fc               ? 
_refine.correlation_coeff_Fo_to_Fc_free          ? 
_refine.B_iso_mean                               21.1 
_refine.aniso_B[1][1]                            6.94 
_refine.aniso_B[2][2]                            -3.18 
_refine.aniso_B[3][3]                            -3.76 
_refine.aniso_B[1][2]                            0.00 
_refine.aniso_B[1][3]                            0.00 
_refine.aniso_B[2][3]                            0.00 
_refine.solvent_model_details                    'FLAT MODEL' 
_refine.solvent_model_param_ksol                 0.390814 
_refine.solvent_model_param_bsol                 41.6208 
_refine.pdbx_solvent_vdw_probe_radii             ? 
_refine.pdbx_solvent_ion_probe_radii             ? 
_refine.pdbx_solvent_shrinkage_radii             ? 
_refine.pdbx_ls_cross_valid_method               THROUGHOUT 
_refine.details                                  ? 
_refine.pdbx_starting_model                      2O0P 
_refine.pdbx_method_to_determine_struct          'MOLECULAR REPLACEMENT' 
_refine.pdbx_isotropic_thermal_model             RESTRAINED 
_refine.pdbx_stereochemistry_target_values       'Engh & Huber' 
_refine.pdbx_stereochem_target_val_spec_case     ? 
_refine.pdbx_R_Free_selection_details            RANDOM 
_refine.pdbx_overall_ESU_R                       ? 
_refine.pdbx_overall_ESU_R_Free                  ? 
_refine.overall_SU_ML                            ? 
_refine.overall_SU_B                             ? 
_refine.ls_redundancy_reflns_obs                 ? 
_refine.B_iso_min                                ? 
_refine.B_iso_max                                ? 
_refine.overall_SU_R_Cruickshank_DPI             ? 
_refine.overall_SU_R_free                        ? 
_refine.ls_wR_factor_R_free                      ? 
_refine.ls_wR_factor_R_work                      ? 
_refine.overall_FOM_free_R_set                   ? 
_refine.overall_FOM_work_R_set                   ? 
_refine.pdbx_refine_id                           'X-RAY DIFFRACTION' 
_refine.pdbx_diffrn_id                           1 
_refine.pdbx_TLS_residual_ADP_flag               ? 
_refine.pdbx_overall_phase_error                 ? 
_refine.pdbx_overall_SU_R_free_Cruickshank_DPI   ? 
_refine.pdbx_overall_SU_R_Blow_DPI               ? 
_refine.pdbx_overall_SU_R_free_Blow_DPI          ? 
# 
_refine_analyze.entry_id                        2O0Q 
_refine_analyze.Luzzati_coordinate_error_obs    0.22 
_refine_analyze.Luzzati_sigma_a_obs             0.11 
_refine_analyze.Luzzati_d_res_low_obs           5.00 
_refine_analyze.Luzzati_coordinate_error_free   0.26 
_refine_analyze.Luzzati_sigma_a_free            0.11 
_refine_analyze.Luzzati_d_res_low_free          ? 
_refine_analyze.number_disordered_residues      ? 
_refine_analyze.occupancy_sum_hydrogen          ? 
_refine_analyze.occupancy_sum_non_hydrogen      ? 
_refine_analyze.pdbx_Luzzati_d_res_high_obs     ? 
_refine_analyze.pdbx_refine_id                  'X-RAY DIFFRACTION' 
# 
_refine_hist.pdbx_refine_id                   'X-RAY DIFFRACTION' 
_refine_hist.cycle_id                         LAST 
_refine_hist.pdbx_number_atoms_protein        876 
_refine_hist.pdbx_number_atoms_nucleic_acid   0 
_refine_hist.pdbx_number_atoms_ligand         0 
_refine_hist.number_atoms_solvent             152 
_refine_hist.number_atoms_total               1028 
_refine_hist.d_res_high                       1.80 
_refine_hist.d_res_low                        32.98 
# 
loop_
_refine_ls_restr.type 
_refine_ls_restr.dev_ideal 
_refine_ls_restr.dev_ideal_target 
_refine_ls_restr.weight 
_refine_ls_restr.number 
_refine_ls_restr.pdbx_refine_id 
_refine_ls_restr.pdbx_restraint_function 
c_bond_d           0.005 ? ? ? 'X-RAY DIFFRACTION' ? 
c_angle_deg        1.3   ? ? ? 'X-RAY DIFFRACTION' ? 
c_dihedral_angle_d 24.4  ? ? ? 'X-RAY DIFFRACTION' ? 
c_improper_angle_d 0.70  ? ? ? 'X-RAY DIFFRACTION' ? 
# 
_refine_ls_shell.pdbx_total_number_of_bins_used   6 
_refine_ls_shell.d_res_high                       1.80 
_refine_ls_shell.d_res_low                        1.91 
_refine_ls_shell.number_reflns_R_work             3151 
_refine_ls_shell.R_factor_R_work                  0.231 
_refine_ls_shell.percent_reflns_obs               54.3 
_refine_ls_shell.R_factor_R_free                  0.248 
_refine_ls_shell.R_factor_R_free_error            0.018 
_refine_ls_shell.percent_reflns_R_free            5.5 
_refine_ls_shell.number_reflns_R_free             184 
_refine_ls_shell.number_reflns_all                ? 
_refine_ls_shell.R_factor_all                     ? 
_refine_ls_shell.number_reflns_obs                ? 
_refine_ls_shell.redundancy_reflns_obs            ? 
_refine_ls_shell.pdbx_refine_id                   'X-RAY DIFFRACTION' 
# 
loop_
_pdbx_xplor_file.serial_no 
_pdbx_xplor_file.param_file 
_pdbx_xplor_file.topol_file 
_pdbx_xplor_file.pdbx_refine_id 
1 protein_rep.param protein.top 'X-RAY DIFFRACTION' 
2 water_rep.param   water.top   'X-RAY DIFFRACTION' 
3 ion.param         ion.top     'X-RAY DIFFRACTION' 
# 
_struct.entry_id                  2O0Q 
_struct.title                     
'X-ray Crystal Structure of Protein CC0527 from Caulobacter crescentus. Northeast Structural Genomics Consortium Target CcR55' 
_struct.pdbx_model_details        ? 
_struct.pdbx_CASP_flag            ? 
_struct.pdbx_model_type_details   ? 
# 
_struct_keywords.entry_id        2O0Q 
_struct_keywords.pdbx_keywords   'STRUCTURAL GENOMICS, UNKNOWN FUNCTION' 
_struct_keywords.text            
;PSI, PROTEIN STRUCTURE INITIATIVE, NORTHEAST STRUCTURAL GENOMICS CONSORTIUM, NESG, Hypothetical protein CC0527, STRUCTURAL GENOMICS, UNKNOWN FUNCTION
;
# 
loop_
_struct_asym.id 
_struct_asym.pdbx_blank_PDB_chainid_flag 
_struct_asym.pdbx_modified 
_struct_asym.entity_id 
_struct_asym.details 
A N N 1 ? 
B N N 2 ? 
# 
loop_
_struct_conf.conf_type_id 
_struct_conf.id 
_struct_conf.pdbx_PDB_helix_id 
_struct_conf.beg_label_comp_id 
_struct_conf.beg_label_asym_id 
_struct_conf.beg_label_seq_id 
_struct_conf.pdbx_beg_PDB_ins_code 
_struct_conf.end_label_comp_id 
_struct_conf.end_label_asym_id 
_struct_conf.end_label_seq_id 
_struct_conf.pdbx_end_PDB_ins_code 
_struct_conf.beg_auth_comp_id 
_struct_conf.beg_auth_asym_id 
_struct_conf.beg_auth_seq_id 
_struct_conf.end_auth_comp_id 
_struct_conf.end_auth_asym_id 
_struct_conf.end_auth_seq_id 
_struct_conf.pdbx_PDB_helix_class 
_struct_conf.details 
_struct_conf.pdbx_PDB_helix_length 
HELX_P HELX_P1 1 ARG A 10  ? GLY A 20  ? ARG A 10  GLY A 20  1 ? 11 
HELX_P HELX_P2 2 SER A 25  ? GLY A 32  ? SER A 25  GLY A 32  1 ? 8  
HELX_P HELX_P3 3 GLY A 39  ? PHE A 50  ? GLY A 39  PHE A 50  1 ? 12 
HELX_P HELX_P4 4 GLU A 64  ? GLY A 67  ? GLU A 64  GLY A 67  5 ? 4  
HELX_P HELX_P5 5 ARG A 76  ? GLY A 78  ? ARG A 76  GLY A 78  5 ? 3  
HELX_P HELX_P6 6 LEU A 109 ? LEU A 115 ? LEU A 109 LEU A 115 1 ? 7  
# 
_struct_conf_type.id          HELX_P 
_struct_conf_type.criteria    ? 
_struct_conf_type.reference   ? 
# 
loop_
_struct_sheet.id 
_struct_sheet.type 
_struct_sheet.number_strands 
_struct_sheet.details 
A ? 4 ? 
B ? 2 ? 
C ? 3 ? 
# 
loop_
_struct_sheet_order.sheet_id 
_struct_sheet_order.range_id_1 
_struct_sheet_order.range_id_2 
_struct_sheet_order.offset 
_struct_sheet_order.sense 
A 1 2 ? anti-parallel 
A 2 3 ? anti-parallel 
A 3 4 ? anti-parallel 
B 1 2 ? anti-parallel 
C 1 2 ? anti-parallel 
C 2 3 ? anti-parallel 
# 
loop_
_struct_sheet_range.sheet_id 
_struct_sheet_range.id 
_struct_sheet_range.beg_label_comp_id 
_struct_sheet_range.beg_label_asym_id 
_struct_sheet_range.beg_label_seq_id 
_struct_sheet_range.pdbx_beg_PDB_ins_code 
_struct_sheet_range.end_label_comp_id 
_struct_sheet_range.end_label_asym_id 
_struct_sheet_range.end_label_seq_id 
_struct_sheet_range.pdbx_end_PDB_ins_code 
_struct_sheet_range.beg_auth_comp_id 
_struct_sheet_range.beg_auth_asym_id 
_struct_sheet_range.beg_auth_seq_id 
_struct_sheet_range.end_auth_comp_id 
_struct_sheet_range.end_auth_asym_id 
_struct_sheet_range.end_auth_seq_id 
A 1 SER A 37 ? ALA A 38 ? SER A 37 ALA A 38 
A 2 LEU A 3  ? SER A 9  ? LEU A 3  SER A 9  
A 3 LEU A 56 ? GLU A 62 ? LEU A 56 GLU A 62 
A 4 VAL A 93 ? ASP A 98 ? VAL A 93 ASP A 98 
B 1 ARG A 21 ? PHE A 22 ? ARG A 21 PHE A 22 
B 2 LEU A 88 ? LEU A 89 ? LEU A 88 LEU A 89 
C 1 ILE A 34 ? HIS A 35 ? ILE A 34 HIS A 35 
C 2 ARG A 80 ? LEU A 84 ? ARG A 80 LEU A 84 
C 3 LEU A 70 ? ALA A 74 ? LEU A 70 ALA A 74 
# 
loop_
_pdbx_struct_sheet_hbond.sheet_id 
_pdbx_struct_sheet_hbond.range_id_1 
_pdbx_struct_sheet_hbond.range_id_2 
_pdbx_struct_sheet_hbond.range_1_label_atom_id 
_pdbx_struct_sheet_hbond.range_1_label_comp_id 
_pdbx_struct_sheet_hbond.range_1_label_asym_id 
_pdbx_struct_sheet_hbond.range_1_label_seq_id 
_pdbx_struct_sheet_hbond.range_1_PDB_ins_code 
_pdbx_struct_sheet_hbond.range_1_auth_atom_id 
_pdbx_struct_sheet_hbond.range_1_auth_comp_id 
_pdbx_struct_sheet_hbond.range_1_auth_asym_id 
_pdbx_struct_sheet_hbond.range_1_auth_seq_id 
_pdbx_struct_sheet_hbond.range_2_label_atom_id 
_pdbx_struct_sheet_hbond.range_2_label_comp_id 
_pdbx_struct_sheet_hbond.range_2_label_asym_id 
_pdbx_struct_sheet_hbond.range_2_label_seq_id 
_pdbx_struct_sheet_hbond.range_2_PDB_ins_code 
_pdbx_struct_sheet_hbond.range_2_auth_atom_id 
_pdbx_struct_sheet_hbond.range_2_auth_comp_id 
_pdbx_struct_sheet_hbond.range_2_auth_asym_id 
_pdbx_struct_sheet_hbond.range_2_auth_seq_id 
A 1 2 O SER A 37 ? O SER A 37 N TYR A 5  ? N TYR A 5  
A 2 3 N ILE A 4  ? N ILE A 4  O VAL A 61 ? O VAL A 61 
A 3 4 N LEU A 58 ? N LEU A 58 O ALA A 97 ? O ALA A 97 
B 1 2 N PHE A 22 ? N PHE A 22 O LEU A 88 ? O LEU A 88 
C 1 2 N ILE A 34 ? N ILE A 34 O LEU A 84 ? O LEU A 84 
C 2 3 O HIS A 83 ? O HIS A 83 N LYS A 71 ? N LYS A 71 
# 
_atom_sites.entry_id                    2O0Q 
_atom_sites.fract_transf_matrix[1][1]   0.00738405 
_atom_sites.fract_transf_matrix[1][2]   -0.00776147 
_atom_sites.fract_transf_matrix[1][3]   0.00481460 
_atom_sites.fract_transf_matrix[2][1]   0.00745091 
_atom_sites.fract_transf_matrix[2][2]   0.00525893 
_atom_sites.fract_transf_matrix[2][3]   -0.00294954 
_atom_sites.fract_transf_matrix[3][1]   -0.00046756 
_atom_sites.fract_transf_matrix[3][2]   0.01110745 
_atom_sites.fract_transf_matrix[3][3]   0.01862307 
_atom_sites.fract_transf_vector[1]      0.383960 
_atom_sites.fract_transf_vector[2]      0.375407 
_atom_sites.fract_transf_vector[3]      0.805869 
# 
loop_
_atom_type.symbol 
C 
N 
O 
# 
loop_
_atom_site.group_PDB 
_atom_site.id 
_atom_site.type_symbol 
_atom_site.label_atom_id 
_atom_site.label_alt_id 
_atom_site.label_comp_id 
_atom_site.label_asym_id 
_atom_site.label_entity_id 
_atom_site.label_seq_id 
_atom_site.pdbx_PDB_ins_code 
_atom_site.Cartn_x 
_atom_site.Cartn_y 
_atom_site.Cartn_z 
_atom_site.occupancy 
_atom_site.B_iso_or_equiv 
_atom_site.pdbx_formal_charge 
_atom_site.auth_seq_id 
_atom_site.auth_comp_id 
_atom_site.auth_asym_id 
_atom_site.auth_atom_id 
_atom_site.pdbx_PDB_model_num 
ATOM   1    N N   . THR A 1 2   ? -0.822  5.715   -13.600 1.00 26.24  ? 2   THR A N   1 
ATOM   2    C CA  . THR A 1 2   ? 0.233   5.248   -12.656 1.00 24.67  ? 2   THR A CA  1 
ATOM   3    C C   . THR A 1 2   ? -0.383  4.454   -11.510 1.00 23.71  ? 2   THR A C   1 
ATOM   4    O O   . THR A 1 2   ? -1.357  4.887   -10.897 1.00 23.84  ? 2   THR A O   1 
ATOM   5    C CB  . THR A 1 2   ? 1.008   6.439   -12.046 1.00 26.16  ? 2   THR A CB  1 
ATOM   6    O OG1 . THR A 1 2   ? 1.576   7.233   -13.097 1.00 29.63  ? 2   THR A OG1 1 
ATOM   7    C CG2 . THR A 1 2   ? 2.126   5.939   -11.127 1.00 25.59  ? 2   THR A CG2 1 
ATOM   8    N N   . LEU A 1 3   ? 0.183   3.287   -11.229 1.00 20.79  ? 3   LEU A N   1 
ATOM   9    C CA  . LEU A 1 3   ? -0.307  2.468   -10.129 1.00 19.38  ? 3   LEU A CA  1 
ATOM   10   C C   . LEU A 1 3   ? 0.500   2.755   -8.871  1.00 19.23  ? 3   LEU A C   1 
ATOM   11   O O   . LEU A 1 3   ? 1.716   2.927   -8.930  1.00 18.13  ? 3   LEU A O   1 
ATOM   12   C CB  . LEU A 1 3   ? -0.166  0.976   -10.440 1.00 17.76  ? 3   LEU A CB  1 
ATOM   13   C CG  . LEU A 1 3   ? -1.093  0.300   -11.443 1.00 17.17  ? 3   LEU A CG  1 
ATOM   14   C CD1 . LEU A 1 3   ? -0.773  -1.190  -11.475 1.00 17.66  ? 3   LEU A CD1 1 
ATOM   15   C CD2 . LEU A 1 3   ? -2.541  0.520   -11.045 1.00 16.69  ? 3   LEU A CD2 1 
ATOM   16   N N   . ILE A 1 4   ? -0.182  2.825   -7.734  1.00 16.03  ? 4   ILE A N   1 
ATOM   17   C CA  . ILE A 1 4   ? 0.509   3.012   -6.471  1.00 13.50  ? 4   ILE A CA  1 
ATOM   18   C C   . ILE A 1 4   ? 0.078   1.816   -5.636  1.00 15.38  ? 4   ILE A C   1 
ATOM   19   O O   . ILE A 1 4   ? -0.936  1.172   -5.939  1.00 14.30  ? 4   ILE A O   1 
ATOM   20   C CB  . ILE A 1 4   ? 0.162   4.354   -5.787  1.00 13.85  ? 4   ILE A CB  1 
ATOM   21   C CG1 . ILE A 1 4   ? -1.351  4.556   -5.709  1.00 13.54  ? 4   ILE A CG1 1 
ATOM   22   C CG2 . ILE A 1 4   ? 0.837   5.491   -6.553  1.00 11.38  ? 4   ILE A CG2 1 
ATOM   23   C CD1 . ILE A 1 4   ? -1.744  5.810   -4.946  1.00 13.85  ? 4   ILE A CD1 1 
ATOM   24   N N   . TYR A 1 5   ? 0.846   1.504   -4.604  1.00 13.76  ? 5   TYR A N   1 
ATOM   25   C CA  . TYR A 1 5   ? 0.559   0.325   -3.810  1.00 12.61  ? 5   TYR A CA  1 
ATOM   26   C C   . TYR A 1 5   ? 0.467   0.507   -2.313  1.00 13.05  ? 5   TYR A C   1 
ATOM   27   O O   . TYR A 1 5   ? 1.162   1.330   -1.718  1.00 11.51  ? 5   TYR A O   1 
ATOM   28   C CB  . TYR A 1 5   ? 1.617   -0.740  -4.085  1.00 13.43  ? 5   TYR A CB  1 
ATOM   29   C CG  . TYR A 1 5   ? 1.770   -1.097  -5.545  1.00 14.39  ? 5   TYR A CG  1 
ATOM   30   C CD1 . TYR A 1 5   ? 2.488   -0.279  -6.421  1.00 12.75  ? 5   TYR A CD1 1 
ATOM   31   C CD2 . TYR A 1 5   ? 1.170   -2.244  -6.057  1.00 13.26  ? 5   TYR A CD2 1 
ATOM   32   C CE1 . TYR A 1 5   ? 2.602   -0.598  -7.776  1.00 13.29  ? 5   TYR A CE1 1 
ATOM   33   C CE2 . TYR A 1 5   ? 1.274   -2.575  -7.401  1.00 14.15  ? 5   TYR A CE2 1 
ATOM   34   C CZ  . TYR A 1 5   ? 1.988   -1.751  -8.256  1.00 14.46  ? 5   TYR A CZ  1 
ATOM   35   O OH  . TYR A 1 5   ? 2.077   -2.091  -9.589  1.00 13.16  ? 5   TYR A OH  1 
ATOM   36   N N   . LYS A 1 6   ? -0.391  -0.311  -1.717  1.00 12.37  ? 6   LYS A N   1 
ATOM   37   C CA  . LYS A 1 6   ? -0.582  -0.316  -0.284  1.00 12.64  ? 6   LYS A CA  1 
ATOM   38   C C   . LYS A 1 6   ? -0.357  -1.751  0.155   1.00 13.25  ? 6   LYS A C   1 
ATOM   39   O O   . LYS A 1 6   ? -0.837  -2.696  -0.485  1.00 14.37  ? 6   LYS A O   1 
ATOM   40   C CB  . LYS A 1 6   ? -2.010  0.110   0.087   1.00 11.57  ? 6   LYS A CB  1 
ATOM   41   C CG  . LYS A 1 6   ? -2.264  0.150   1.600   1.00 12.68  ? 6   LYS A CG  1 
ATOM   42   C CD  . LYS A 1 6   ? -1.473  1.273   2.270   1.00 11.17  ? 6   LYS A CD  1 
ATOM   43   C CE  . LYS A 1 6   ? -1.346  1.065   3.778   1.00 13.24  ? 6   LYS A CE  1 
ATOM   44   N NZ  . LYS A 1 6   ? -0.557  2.168   4.431   1.00 9.76   ? 6   LYS A NZ  1 
ATOM   45   N N   . ILE A 1 7   ? 0.396   -1.914  1.234   1.00 13.87  ? 7   ILE A N   1 
ATOM   46   C CA  . ILE A 1 7   ? 0.651   -3.229  1.798   1.00 13.89  ? 7   ILE A CA  1 
ATOM   47   C C   . ILE A 1 7   ? -0.052  -3.226  3.152   1.00 14.51  ? 7   ILE A C   1 
ATOM   48   O O   . ILE A 1 7   ? 0.131   -2.298  3.940   1.00 13.93  ? 7   ILE A O   1 
ATOM   49   C CB  . ILE A 1 7   ? 2.165   -3.469  2.005   1.00 14.84  ? 7   ILE A CB  1 
ATOM   50   C CG1 . ILE A 1 7   ? 2.871   -3.457  0.646   1.00 15.28  ? 7   ILE A CG1 1 
ATOM   51   C CG2 . ILE A 1 7   ? 2.395   -4.799  2.729   1.00 15.94  ? 7   ILE A CG2 1 
ATOM   52   C CD1 . ILE A 1 7   ? 4.391   -3.533  0.722   1.00 18.28  ? 7   ILE A CD1 1 
ATOM   53   N N   . LEU A 1 8   ? -0.880  -4.237  3.407   1.00 14.38  ? 8   LEU A N   1 
ATOM   54   C CA  . LEU A 1 8   ? -1.588  -4.325  4.681   1.00 13.55  ? 8   LEU A CA  1 
ATOM   55   C C   . LEU A 1 8   ? -1.923  -5.772  5.009   1.00 13.79  ? 8   LEU A C   1 
ATOM   56   O O   . LEU A 1 8   ? -1.874  -6.650  4.142   1.00 14.25  ? 8   LEU A O   1 
ATOM   57   C CB  . LEU A 1 8   ? -2.876  -3.483  4.658   1.00 14.60  ? 8   LEU A CB  1 
ATOM   58   C CG  . LEU A 1 8   ? -4.165  -4.040  4.035   1.00 14.51  ? 8   LEU A CG  1 
ATOM   59   C CD1 . LEU A 1 8   ? -5.298  -3.063  4.290   1.00 13.10  ? 8   LEU A CD1 1 
ATOM   60   C CD2 . LEU A 1 8   ? -4.005  -4.259  2.554   1.00 15.53  ? 8   LEU A CD2 1 
ATOM   61   N N   . SER A 1 9   ? -2.259  -6.023  6.267   1.00 13.65  ? 9   SER A N   1 
ATOM   62   C CA  . SER A 1 9   ? -2.592  -7.373  6.703   1.00 13.04  ? 9   SER A CA  1 
ATOM   63   C C   . SER A 1 9   ? -3.935  -7.811  6.133   1.00 14.74  ? 9   SER A C   1 
ATOM   64   O O   . SER A 1 9   ? -4.775  -6.981  5.778   1.00 12.02  ? 9   SER A O   1 
ATOM   65   C CB  . SER A 1 9   ? -2.652  -7.435  8.232   1.00 13.26  ? 9   SER A CB  1 
ATOM   66   O OG  . SER A 1 9   ? -3.792  -6.750  8.732   1.00 13.54  ? 9   SER A OG  1 
ATOM   67   N N   . ARG A 1 10  ? -4.132  -9.121  6.041   1.00 14.67  ? 10  ARG A N   1 
ATOM   68   C CA  . ARG A 1 10  ? -5.388  -9.670  5.539   1.00 17.37  ? 10  ARG A CA  1 
ATOM   69   C C   . ARG A 1 10  ? -6.528  -9.202  6.449   1.00 17.69  ? 10  ARG A C   1 
ATOM   70   O O   . ARG A 1 10  ? -7.621  -8.872  5.981   1.00 19.64  ? 10  ARG A O   1 
ATOM   71   C CB  . ARG A 1 10  ? -5.306  -11.200 5.511   1.00 18.42  ? 10  ARG A CB  1 
ATOM   72   C CG  . ARG A 1 10  ? -6.646  -11.930 5.382   1.00 21.28  ? 10  ARG A CG  1 
ATOM   73   C CD  . ARG A 1 10  ? -7.473  -11.452 4.198   1.00 21.62  ? 10  ARG A CD  1 
ATOM   74   N NE  . ARG A 1 10  ? -6.821  -11.683 2.912   1.00 21.80  ? 10  ARG A NE  1 
ATOM   75   C CZ  . ARG A 1 10  ? -7.399  -11.450 1.737   1.00 21.93  ? 10  ARG A CZ  1 
ATOM   76   N NH1 . ARG A 1 10  ? -8.640  -10.982 1.696   1.00 22.42  ? 10  ARG A NH1 1 
ATOM   77   N NH2 . ARG A 1 10  ? -6.742  -11.674 0.605   1.00 22.53  ? 10  ARG A NH2 1 
ATOM   78   N N   . ALA A 1 11  ? -6.263  -9.159  7.749   1.00 18.49  ? 11  ALA A N   1 
ATOM   79   C CA  . ALA A 1 11  ? -7.272  -8.721  8.709   1.00 19.19  ? 11  ALA A CA  1 
ATOM   80   C C   . ALA A 1 11  ? -7.739  -7.309  8.379   1.00 19.57  ? 11  ALA A C   1 
ATOM   81   O O   . ALA A 1 11  ? -8.937  -7.030  8.340   1.00 20.04  ? 11  ALA A O   1 
ATOM   82   C CB  . ALA A 1 11  ? -6.704  -8.762  10.123  1.00 18.80  ? 11  ALA A CB  1 
ATOM   83   N N   . GLU A 1 12  ? -6.786  -6.417  8.138   1.00 19.51  ? 12  GLU A N   1 
ATOM   84   C CA  . GLU A 1 12  ? -7.123  -5.040  7.826   1.00 19.19  ? 12  GLU A CA  1 
ATOM   85   C C   . GLU A 1 12  ? -7.883  -4.906  6.515   1.00 18.52  ? 12  GLU A C   1 
ATOM   86   O O   . GLU A 1 12  ? -8.794  -4.080  6.404   1.00 18.45  ? 12  GLU A O   1 
ATOM   87   C CB  . GLU A 1 12  ? -5.854  -4.186  7.821   1.00 20.04  ? 12  GLU A CB  1 
ATOM   88   C CG  . GLU A 1 12  ? -5.311  -3.952  9.228   1.00 22.99  ? 12  GLU A CG  1 
ATOM   89   C CD  . GLU A 1 12  ? -3.928  -3.334  9.233   1.00 24.48  ? 12  GLU A CD  1 
ATOM   90   O OE1 . GLU A 1 12  ? -3.004  -3.959  8.673   1.00 24.88  ? 12  GLU A OE1 1 
ATOM   91   O OE2 . GLU A 1 12  ? -3.767  -2.230  9.800   1.00 24.37  ? 12  GLU A OE2 1 
ATOM   92   N N   . TRP A 1 13  ? -7.528  -5.723  5.527   1.00 17.35  ? 13  TRP A N   1 
ATOM   93   C CA  . TRP A 1 13  ? -8.207  -5.664  4.240   1.00 16.85  ? 13  TRP A CA  1 
ATOM   94   C C   . TRP A 1 13  ? -9.642  -6.187  4.373   1.00 17.69  ? 13  TRP A C   1 
ATOM   95   O O   . TRP A 1 13  ? -10.574 -5.593  3.829   1.00 18.60  ? 13  TRP A O   1 
ATOM   96   C CB  . TRP A 1 13  ? -7.433  -6.471  3.191   1.00 16.15  ? 13  TRP A CB  1 
ATOM   97   C CG  . TRP A 1 13  ? -8.028  -6.417  1.803   1.00 17.95  ? 13  TRP A CG  1 
ATOM   98   C CD1 . TRP A 1 13  ? -8.211  -7.471  0.956   1.00 18.70  ? 13  TRP A CD1 1 
ATOM   99   C CD2 . TRP A 1 13  ? -8.511  -5.256  1.107   1.00 16.59  ? 13  TRP A CD2 1 
ATOM   100  N NE1 . TRP A 1 13  ? -8.780  -7.045  -0.221  1.00 18.50  ? 13  TRP A NE1 1 
ATOM   101  C CE2 . TRP A 1 13  ? -8.975  -5.690  -0.157  1.00 17.86  ? 13  TRP A CE2 1 
ATOM   102  C CE3 . TRP A 1 13  ? -8.597  -3.894  1.427   1.00 17.21  ? 13  TRP A CE3 1 
ATOM   103  C CZ2 . TRP A 1 13  ? -9.519  -4.812  -1.104  1.00 18.54  ? 13  TRP A CZ2 1 
ATOM   104  C CZ3 . TRP A 1 13  ? -9.141  -3.015  0.481   1.00 18.94  ? 13  TRP A CZ3 1 
ATOM   105  C CH2 . TRP A 1 13  ? -9.595  -3.483  -0.767  1.00 18.06  ? 13  TRP A CH2 1 
ATOM   106  N N   . ASP A 1 14  ? -9.829  -7.291  5.098   1.00 17.26  ? 14  ASP A N   1 
ATOM   107  C CA  . ASP A 1 14  ? -11.179 -7.821  5.283   1.00 17.83  ? 14  ASP A CA  1 
ATOM   108  C C   . ASP A 1 14  ? -12.016 -6.791  6.040   1.00 18.48  ? 14  ASP A C   1 
ATOM   109  O O   . ASP A 1 14  ? -13.179 -6.547  5.703   1.00 17.75  ? 14  ASP A O   1 
ATOM   110  C CB  . ASP A 1 14  ? -11.166 -9.137  6.074   1.00 19.10  ? 14  ASP A CB  1 
ATOM   111  C CG  . ASP A 1 14  ? -10.679 -10.315 5.253   1.00 20.50  ? 14  ASP A CG  1 
ATOM   112  O OD1 . ASP A 1 14  ? -10.687 -10.235 4.008   1.00 19.93  ? 14  ASP A OD1 1 
ATOM   113  O OD2 . ASP A 1 14  ? -10.301 -11.338 5.862   1.00 22.78  ? 14  ASP A OD2 1 
ATOM   114  N N   . ALA A 1 15  ? -11.412 -6.188  7.063   1.00 18.14  ? 15  ALA A N   1 
ATOM   115  C CA  . ALA A 1 15  ? -12.090 -5.177  7.866   1.00 17.82  ? 15  ALA A CA  1 
ATOM   116  C C   . ALA A 1 15  ? -12.473 -3.997  6.982   1.00 19.34  ? 15  ALA A C   1 
ATOM   117  O O   . ALA A 1 15  ? -13.532 -3.388  7.155   1.00 18.29  ? 15  ALA A O   1 
ATOM   118  C CB  . ALA A 1 15  ? -11.181 -4.711  8.991   1.00 20.04  ? 15  ALA A CB  1 
ATOM   119  N N   . ALA A 1 16  ? -11.602 -3.674  6.033   1.00 18.25  ? 16  ALA A N   1 
ATOM   120  C CA  . ALA A 1 16  ? -11.859 -2.568  5.124   1.00 19.07  ? 16  ALA A CA  1 
ATOM   121  C C   . ALA A 1 16  ? -13.048 -2.899  4.225   1.00 18.65  ? 16  ALA A C   1 
ATOM   122  O O   . ALA A 1 16  ? -13.929 -2.067  4.011   1.00 18.91  ? 16  ALA A O   1 
ATOM   123  C CB  . ALA A 1 16  ? -10.620 -2.289  4.282   1.00 18.38  ? 16  ALA A CB  1 
ATOM   124  N N   . LYS A 1 17  ? -13.083 -4.123  3.713   1.00 19.06  ? 17  LYS A N   1 
ATOM   125  C CA  . LYS A 1 17  ? -14.172 -4.533  2.838   1.00 19.72  ? 17  LYS A CA  1 
ATOM   126  C C   . LYS A 1 17  ? -15.521 -4.530  3.559   1.00 21.01  ? 17  LYS A C   1 
ATOM   127  O O   . LYS A 1 17  ? -16.559 -4.269  2.947   1.00 20.29  ? 17  LYS A O   1 
ATOM   128  C CB  . LYS A 1 17  ? -13.883 -5.915  2.244   1.00 22.45  ? 17  LYS A CB  1 
ATOM   129  C CG  . LYS A 1 17  ? -12.695 -5.921  1.293   1.00 23.20  ? 17  LYS A CG  1 
ATOM   130  C CD  . LYS A 1 17  ? -12.707 -7.125  0.366   1.00 27.15  ? 17  LYS A CD  1 
ATOM   131  C CE  . LYS A 1 17  ? -12.560 -8.430  1.119   1.00 29.03  ? 17  LYS A CE  1 
ATOM   132  N NZ  . LYS A 1 17  ? -12.640 -9.595  0.186   1.00 28.96  ? 17  LYS A NZ  1 
ATOM   133  N N   . ALA A 1 18  ? -15.500 -4.806  4.860   1.00 19.69  ? 18  ALA A N   1 
ATOM   134  C CA  . ALA A 1 18  ? -16.723 -4.830  5.653   1.00 20.27  ? 18  ALA A CA  1 
ATOM   135  C C   . ALA A 1 18  ? -17.249 -3.419  5.904   1.00 19.34  ? 18  ALA A C   1 
ATOM   136  O O   . ALA A 1 18  ? -18.405 -3.234  6.289   1.00 19.55  ? 18  ALA A O   1 
ATOM   137  C CB  . ALA A 1 18  ? -16.468 -5.535  6.975   1.00 19.47  ? 18  ALA A CB  1 
ATOM   138  N N   . GLN A 1 19  ? -16.398 -2.422  5.678   1.00 19.80  ? 19  GLN A N   1 
ATOM   139  C CA  . GLN A 1 19  ? -16.781 -1.029  5.884   1.00 20.85  ? 19  GLN A CA  1 
ATOM   140  C C   . GLN A 1 19  ? -16.961 -0.270  4.568   1.00 18.53  ? 19  GLN A C   1 
ATOM   141  O O   . GLN A 1 19  ? -17.530 0.819   4.548   1.00 19.77  ? 19  GLN A O   1 
ATOM   142  C CB  . GLN A 1 19  ? -15.730 -0.319  6.747   1.00 23.07  ? 19  GLN A CB  1 
ATOM   143  C CG  . GLN A 1 19  ? -15.538 -0.943  8.124   1.00 28.25  ? 19  GLN A CG  1 
ATOM   144  C CD  . GLN A 1 19  ? -16.789 -0.862  8.988   1.00 32.99  ? 19  GLN A CD  1 
ATOM   145  O OE1 . GLN A 1 19  ? -16.913 -1.570  9.993   1.00 35.53  ? 19  GLN A OE1 1 
ATOM   146  N NE2 . GLN A 1 19  ? -17.718 0.012   8.608   1.00 34.26  ? 19  GLN A NE2 1 
ATOM   147  N N   . GLY A 1 20  ? -16.480 -0.846  3.472   1.00 19.16  ? 20  GLY A N   1 
ATOM   148  C CA  . GLY A 1 20  ? -16.596 -0.187  2.182   1.00 19.34  ? 20  GLY A CA  1 
ATOM   149  C C   . GLY A 1 20  ? -15.380 0.661   1.842   1.00 19.23  ? 20  GLY A C   1 
ATOM   150  O O   . GLY A 1 20  ? -15.243 1.151   0.718   1.00 19.76  ? 20  GLY A O   1 
ATOM   151  N N   . ARG A 1 21  ? -14.495 0.844   2.817   1.00 18.57  ? 21  ARG A N   1 
ATOM   152  C CA  . ARG A 1 21  ? -13.290 1.634   2.591   1.00 17.60  ? 21  ARG A CA  1 
ATOM   153  C C   . ARG A 1 21  ? -12.207 1.345   3.624   1.00 16.32  ? 21  ARG A C   1 
ATOM   154  O O   . ARG A 1 21  ? -12.494 0.898   4.737   1.00 15.13  ? 21  ARG A O   1 
ATOM   155  C CB  . ARG A 1 21  ? -13.625 3.136   2.583   1.00 18.18  ? 21  ARG A CB  1 
ATOM   156  C CG  . ARG A 1 21  ? -13.892 3.794   3.948   1.00 21.43  ? 21  ARG A CG  1 
ATOM   157  C CD  . ARG A 1 21  ? -15.182 3.320   4.608   1.00 22.34  ? 21  ARG A CD  1 
ATOM   158  N NE  . ARG A 1 21  ? -15.504 4.109   5.800   1.00 26.37  ? 21  ARG A NE  1 
ATOM   159  C CZ  . ARG A 1 21  ? -16.053 5.323   5.780   1.00 27.98  ? 21  ARG A CZ  1 
ATOM   160  N NH1 . ARG A 1 21  ? -16.359 5.907   4.628   1.00 28.05  ? 21  ARG A NH1 1 
ATOM   161  N NH2 . ARG A 1 21  ? -16.290 5.963   6.918   1.00 28.26  ? 21  ARG A NH2 1 
ATOM   162  N N   . PHE A 1 22  ? -10.958 1.588   3.236   1.00 14.83  ? 22  PHE A N   1 
ATOM   163  C CA  . PHE A 1 22  ? -9.818  1.377   4.118   1.00 15.61  ? 22  PHE A CA  1 
ATOM   164  C C   . PHE A 1 22  ? -9.458  2.736   4.702   1.00 15.44  ? 22  PHE A C   1 
ATOM   165  O O   . PHE A 1 22  ? -9.107  3.661   3.969   1.00 16.36  ? 22  PHE A O   1 
ATOM   166  C CB  . PHE A 1 22  ? -8.636  0.805   3.324   1.00 15.62  ? 22  PHE A CB  1 
ATOM   167  C CG  . PHE A 1 22  ? -7.374  0.650   4.129   1.00 16.69  ? 22  PHE A CG  1 
ATOM   168  C CD1 . PHE A 1 22  ? -7.368  -0.095  5.302   1.00 17.85  ? 22  PHE A CD1 1 
ATOM   169  C CD2 . PHE A 1 22  ? -6.182  1.243   3.705   1.00 17.75  ? 22  PHE A CD2 1 
ATOM   170  C CE1 . PHE A 1 22  ? -6.195  -0.247  6.040   1.00 16.66  ? 22  PHE A CE1 1 
ATOM   171  C CE2 . PHE A 1 22  ? -5.010  1.098   4.435   1.00 16.97  ? 22  PHE A CE2 1 
ATOM   172  C CZ  . PHE A 1 22  ? -5.015  0.353   5.603   1.00 17.19  ? 22  PHE A CZ  1 
ATOM   173  N N   . GLU A 1 23  ? -9.557  2.864   6.020   1.00 16.32  ? 23  GLU A N   1 
ATOM   174  C CA  . GLU A 1 23  ? -9.263  4.135   6.664   1.00 17.32  ? 23  GLU A CA  1 
ATOM   175  C C   . GLU A 1 23  ? -7.800  4.300   7.024   1.00 16.21  ? 23  GLU A C   1 
ATOM   176  O O   . GLU A 1 23  ? -7.373  5.383   7.421   1.00 16.39  ? 23  GLU A O   1 
ATOM   177  C CB  . GLU A 1 23  ? -10.139 4.303   7.903   1.00 21.59  ? 23  GLU A CB  1 
ATOM   178  C CG  . GLU A 1 23  ? -11.618 4.145   7.588   1.00 26.37  ? 23  GLU A CG  1 
ATOM   179  C CD  . GLU A 1 23  ? -12.510 4.519   8.745   1.00 31.89  ? 23  GLU A CD  1 
ATOM   180  O OE1 . GLU A 1 23  ? -12.292 3.991   9.858   1.00 34.10  ? 23  GLU A OE1 1 
ATOM   181  O OE2 . GLU A 1 23  ? -13.432 5.337   8.540   1.00 34.13  ? 23  GLU A OE2 1 
ATOM   182  N N   . GLY A 1 24  ? -7.028  3.229   6.886   1.00 16.19  ? 24  GLY A N   1 
ATOM   183  C CA  . GLY A 1 24  ? -5.608  3.321   7.179   1.00 14.49  ? 24  GLY A CA  1 
ATOM   184  C C   . GLY A 1 24  ? -5.093  2.413   8.277   1.00 14.73  ? 24  GLY A C   1 
ATOM   185  O O   . GLY A 1 24  ? -5.849  1.963   9.141   1.00 13.42  ? 24  GLY A O   1 
ATOM   186  N N   . SER A 1 25  ? -3.792  2.141   8.225   1.00 14.36  ? 25  SER A N   1 
ATOM   187  C CA  . SER A 1 25  ? -3.122  1.315   9.219   1.00 13.66  ? 25  SER A CA  1 
ATOM   188  C C   . SER A 1 25  ? -2.889  2.187   10.451  1.00 14.27  ? 25  SER A C   1 
ATOM   189  O O   . SER A 1 25  ? -3.195  3.384   10.439  1.00 12.59  ? 25  SER A O   1 
ATOM   190  C CB  . SER A 1 25  ? -1.768  0.847   8.689   1.00 12.74  ? 25  SER A CB  1 
ATOM   191  O OG  . SER A 1 25  ? -0.882  1.953   8.583   1.00 12.71  ? 25  SER A OG  1 
ATOM   192  N N   . ALA A 1 26  ? -2.337  1.586   11.503  1.00 11.43  ? 26  ALA A N   1 
ATOM   193  C CA  . ALA A 1 26  ? -2.049  2.313   12.735  1.00 13.62  ? 26  ALA A CA  1 
ATOM   194  C C   . ALA A 1 26  ? -1.198  3.548   12.437  1.00 13.77  ? 26  ALA A C   1 
ATOM   195  O O   . ALA A 1 26  ? -1.504  4.653   12.901  1.00 13.48  ? 26  ALA A O   1 
ATOM   196  C CB  . ALA A 1 26  ? -1.325  1.408   13.716  1.00 13.51  ? 26  ALA A CB  1 
ATOM   197  N N   . VAL A 1 27  ? -0.132  3.358   11.663  1.00 13.45  ? 27  VAL A N   1 
ATOM   198  C CA  . VAL A 1 27  ? 0.744   4.470   11.314  1.00 14.39  ? 27  VAL A CA  1 
ATOM   199  C C   . VAL A 1 27  ? 0.043   5.485   10.416  1.00 14.82  ? 27  VAL A C   1 
ATOM   200  O O   . VAL A 1 27  ? 0.276   6.684   10.548  1.00 15.75  ? 27  VAL A O   1 
ATOM   201  C CB  . VAL A 1 27  ? 2.023   3.984   10.611  1.00 16.45  ? 27  VAL A CB  1 
ATOM   202  C CG1 . VAL A 1 27  ? 2.834   3.137   11.565  1.00 18.38  ? 27  VAL A CG1 1 
ATOM   203  C CG2 . VAL A 1 27  ? 1.669   3.192   9.364   1.00 19.19  ? 27  VAL A CG2 1 
ATOM   204  N N   . ASP A 1 28  ? -0.809  5.016   9.506   1.00 14.21  ? 28  ASP A N   1 
ATOM   205  C CA  . ASP A 1 28  ? -1.525  5.939   8.625   1.00 13.53  ? 28  ASP A CA  1 
ATOM   206  C C   . ASP A 1 28  ? -2.379  6.876   9.474   1.00 13.64  ? 28  ASP A C   1 
ATOM   207  O O   . ASP A 1 28  ? -2.335  8.098   9.319   1.00 14.24  ? 28  ASP A O   1 
ATOM   208  C CB  . ASP A 1 28  ? -2.457  5.201   7.658   1.00 11.22  ? 28  ASP A CB  1 
ATOM   209  C CG  . ASP A 1 28  ? -1.714  4.368   6.631   1.00 12.32  ? 28  ASP A CG  1 
ATOM   210  O OD1 . ASP A 1 28  ? -0.568  4.721   6.273   1.00 6.75   ? 28  ASP A OD1 1 
ATOM   211  O OD2 . ASP A 1 28  ? -2.302  3.365   6.166   1.00 12.50  ? 28  ASP A OD2 1 
ATOM   212  N N   . LEU A 1 29  ? -3.160  6.286   10.372  1.00 13.90  ? 29  LEU A N   1 
ATOM   213  C CA  . LEU A 1 29  ? -4.036  7.061   11.246  1.00 13.01  ? 29  LEU A CA  1 
ATOM   214  C C   . LEU A 1 29  ? -3.243  8.005   12.141  1.00 13.64  ? 29  LEU A C   1 
ATOM   215  O O   . LEU A 1 29  ? -3.708  9.097   12.467  1.00 15.81  ? 29  LEU A O   1 
ATOM   216  C CB  . LEU A 1 29  ? -4.896  6.112   12.084  1.00 14.99  ? 29  LEU A CB  1 
ATOM   217  C CG  . LEU A 1 29  ? -5.896  5.303   11.249  1.00 13.51  ? 29  LEU A CG  1 
ATOM   218  C CD1 . LEU A 1 29  ? -6.496  4.173   12.082  1.00 16.58  ? 29  LEU A CD1 1 
ATOM   219  C CD2 . LEU A 1 29  ? -6.977  6.230   10.721  1.00 13.83  ? 29  LEU A CD2 1 
ATOM   220  N N   . ALA A 1 30  ? -2.042  7.586   12.531  1.00 13.71  ? 30  ALA A N   1 
ATOM   221  C CA  . ALA A 1 30  ? -1.184  8.412   13.372  1.00 14.20  ? 30  ALA A CA  1 
ATOM   222  C C   . ALA A 1 30  ? -0.656  9.610   12.600  1.00 14.76  ? 30  ALA A C   1 
ATOM   223  O O   . ALA A 1 30  ? -0.648  10.737  13.105  1.00 13.69  ? 30  ALA A O   1 
ATOM   224  C CB  . ALA A 1 30  ? -0.005  7.592   13.892  1.00 14.63  ? 30  ALA A CB  1 
ATOM   225  N N   . ASP A 1 31  ? -0.210  9.353   11.371  1.00 14.02  ? 31  ASP A N   1 
ATOM   226  C CA  . ASP A 1 31  ? 0.360   10.389  10.526  1.00 13.22  ? 31  ASP A CA  1 
ATOM   227  C C   . ASP A 1 31  ? -0.645  11.302  9.839   1.00 13.39  ? 31  ASP A C   1 
ATOM   228  O O   . ASP A 1 31  ? -0.291  12.410  9.434   1.00 12.24  ? 31  ASP A O   1 
ATOM   229  C CB  . ASP A 1 31  ? 1.290   9.761   9.482   1.00 10.41  ? 31  ASP A CB  1 
ATOM   230  C CG  . ASP A 1 31  ? 2.503   9.092   10.109  1.00 10.92  ? 31  ASP A CG  1 
ATOM   231  O OD1 . ASP A 1 31  ? 2.770   9.326   11.306  1.00 9.73   ? 31  ASP A OD1 1 
ATOM   232  O OD2 . ASP A 1 31  ? 3.200   8.333   9.405   1.00 11.71  ? 31  ASP A OD2 1 
ATOM   233  N N   . GLY A 1 32  ? -1.892  10.855  9.713   1.00 12.03  ? 32  GLY A N   1 
ATOM   234  C CA  . GLY A 1 32  ? -2.908  11.691  9.088   1.00 13.11  ? 32  GLY A CA  1 
ATOM   235  C C   . GLY A 1 32  ? -3.142  11.465  7.605   1.00 14.29  ? 32  GLY A C   1 
ATOM   236  O O   . GLY A 1 32  ? -3.812  12.265  6.941   1.00 13.37  ? 32  GLY A O   1 
ATOM   237  N N   . PHE A 1 33  ? -2.586  10.382  7.076   1.00 13.59  ? 33  PHE A N   1 
ATOM   238  C CA  . PHE A 1 33  ? -2.754  10.050  5.665   1.00 13.99  ? 33  PHE A CA  1 
ATOM   239  C C   . PHE A 1 33  ? -2.345  8.606   5.436   1.00 14.70  ? 33  PHE A C   1 
ATOM   240  O O   . PHE A 1 33  ? -1.645  8.012   6.255   1.00 15.72  ? 33  PHE A O   1 
ATOM   241  C CB  . PHE A 1 33  ? -1.907  10.965  4.773   1.00 12.14  ? 33  PHE A CB  1 
ATOM   242  C CG  . PHE A 1 33  ? -0.440  10.945  5.099   1.00 13.48  ? 33  PHE A CG  1 
ATOM   243  C CD1 . PHE A 1 33  ? 0.098   11.864  5.994   1.00 10.86  ? 33  PHE A CD1 1 
ATOM   244  C CD2 . PHE A 1 33  ? 0.402   9.999   4.519   1.00 11.81  ? 33  PHE A CD2 1 
ATOM   245  C CE1 . PHE A 1 33  ? 1.457   11.843  6.308   1.00 11.54  ? 33  PHE A CE1 1 
ATOM   246  C CE2 . PHE A 1 33  ? 1.760   9.968   4.828   1.00 12.01  ? 33  PHE A CE2 1 
ATOM   247  C CZ  . PHE A 1 33  ? 2.286   10.894  5.724   1.00 10.16  ? 33  PHE A CZ  1 
ATOM   248  N N   . ILE A 1 34  ? -2.782  8.043   4.318   1.00 13.63  ? 34  ILE A N   1 
ATOM   249  C CA  . ILE A 1 34  ? -2.439  6.669   4.010   1.00 13.82  ? 34  ILE A CA  1 
ATOM   250  C C   . ILE A 1 34  ? -1.138  6.617   3.227   1.00 14.16  ? 34  ILE A C   1 
ATOM   251  O O   . ILE A 1 34  ? -0.996  7.261   2.180   1.00 14.09  ? 34  ILE A O   1 
ATOM   252  C CB  . ILE A 1 34  ? -3.560  5.979   3.212   1.00 12.85  ? 34  ILE A CB  1 
ATOM   253  C CG1 . ILE A 1 34  ? -4.817  5.887   4.082   1.00 14.62  ? 34  ILE A CG1 1 
ATOM   254  C CG2 . ILE A 1 34  ? -3.115  4.585   2.783   1.00 12.74  ? 34  ILE A CG2 1 
ATOM   255  C CD1 . ILE A 1 34  ? -6.034  5.407   3.340   1.00 13.38  ? 34  ILE A CD1 1 
ATOM   256  N N   . HIS A 1 35  ? -0.186  5.858   3.762   1.00 13.49  ? 35  HIS A N   1 
ATOM   257  C CA  . HIS A 1 35  ? 1.119   5.691   3.139   1.00 12.96  ? 35  HIS A CA  1 
ATOM   258  C C   . HIS A 1 35  ? 1.034   4.681   2.009   1.00 12.42  ? 35  HIS A C   1 
ATOM   259  O O   . HIS A 1 35  ? 0.730   3.512   2.243   1.00 11.49  ? 35  HIS A O   1 
ATOM   260  C CB  . HIS A 1 35  ? 2.150   5.167   4.144   1.00 11.16  ? 35  HIS A CB  1 
ATOM   261  C CG  . HIS A 1 35  ? 2.682   6.203   5.084   1.00 12.61  ? 35  HIS A CG  1 
ATOM   262  N ND1 . HIS A 1 35  ? 1.983   6.640   6.188   1.00 13.78  ? 35  HIS A ND1 1 
ATOM   263  C CD2 . HIS A 1 35  ? 3.871   6.855   5.110   1.00 11.71  ? 35  HIS A CD2 1 
ATOM   264  C CE1 . HIS A 1 35  ? 2.720   7.512   6.856   1.00 10.59  ? 35  HIS A CE1 1 
ATOM   265  N NE2 . HIS A 1 35  ? 3.869   7.661   6.222   1.00 11.50  ? 35  HIS A NE2 1 
ATOM   266  N N   . LEU A 1 36  ? 1.305   5.134   0.791   1.00 11.36  ? 36  LEU A N   1 
ATOM   267  C CA  . LEU A 1 36  ? 1.310   4.257   -0.374  1.00 11.55  ? 36  LEU A CA  1 
ATOM   268  C C   . LEU A 1 36  ? 2.692   4.380   -1.000  1.00 11.90  ? 36  LEU A C   1 
ATOM   269  O O   . LEU A 1 36  ? 3.462   5.264   -0.620  1.00 11.49  ? 36  LEU A O   1 
ATOM   270  C CB  . LEU A 1 36  ? 0.214   4.658   -1.370  1.00 11.76  ? 36  LEU A CB  1 
ATOM   271  C CG  . LEU A 1 36  ? -1.182  4.279   -0.853  1.00 11.28  ? 36  LEU A CG  1 
ATOM   272  C CD1 . LEU A 1 36  ? -2.004  5.519   -0.638  1.00 10.97  ? 36  LEU A CD1 1 
ATOM   273  C CD2 . LEU A 1 36  ? -1.886  3.367   -1.835  1.00 11.49  ? 36  LEU A CD2 1 
ATOM   274  N N   . SER A 1 37  ? 3.015   3.487   -1.931  1.00 12.13  ? 37  SER A N   1 
ATOM   275  C CA  . SER A 1 37  ? 4.321   3.503   -2.588  1.00 12.74  ? 37  SER A CA  1 
ATOM   276  C C   . SER A 1 37  ? 4.194   3.362   -4.094  1.00 13.27  ? 37  SER A C   1 
ATOM   277  O O   . SER A 1 37  ? 3.345   2.618   -4.583  1.00 12.45  ? 37  SER A O   1 
ATOM   278  C CB  . SER A 1 37  ? 5.193   2.338   -2.098  1.00 12.38  ? 37  SER A CB  1 
ATOM   279  O OG  . SER A 1 37  ? 5.396   2.355   -0.698  1.00 15.21  ? 37  SER A OG  1 
ATOM   280  N N   . ALA A 1 38  ? 5.035   4.085   -4.829  1.00 11.87  ? 38  ALA A N   1 
ATOM   281  C CA  . ALA A 1 38  ? 5.037   3.953   -6.281  1.00 13.65  ? 38  ALA A CA  1 
ATOM   282  C C   . ALA A 1 38  ? 5.699   2.596   -6.516  1.00 14.68  ? 38  ALA A C   1 
ATOM   283  O O   . ALA A 1 38  ? 6.339   2.054   -5.616  1.00 16.39  ? 38  ALA A O   1 
ATOM   284  C CB  . ALA A 1 38  ? 5.859   5.055   -6.922  1.00 13.74  ? 38  ALA A CB  1 
ATOM   285  N N   . GLY A 1 39  ? 5.549   2.045   -7.713  1.00 12.15  ? 39  GLY A N   1 
ATOM   286  C CA  . GLY A 1 39  ? 6.137   0.750   -8.002  1.00 14.33  ? 39  GLY A CA  1 
ATOM   287  C C   . GLY A 1 39  ? 7.628   0.605   -7.725  1.00 15.84  ? 39  GLY A C   1 
ATOM   288  O O   . GLY A 1 39  ? 8.057   -0.411  -7.176  1.00 14.53  ? 39  GLY A O   1 
ATOM   289  N N   . GLU A 1 40  ? 8.425   1.607   -8.089  1.00 24.09  ? 40  GLU A N   1 
ATOM   290  C CA  . GLU A 1 40  ? 9.871   1.525   -7.888  1.00 24.15  ? 40  GLU A CA  1 
ATOM   291  C C   . GLU A 1 40  ? 10.298  1.599   -6.429  1.00 20.82  ? 40  GLU A C   1 
ATOM   292  O O   . GLU A 1 40  ? 11.447  1.300   -6.106  1.00 18.55  ? 40  GLU A O   1 
ATOM   293  C CB  . GLU A 1 40  ? 10.590  2.639   -8.656  1.00 30.49  ? 40  GLU A CB  1 
ATOM   294  C CG  . GLU A 1 40  ? 9.891   3.081   -9.918  1.00 35.90  ? 40  GLU A CG  1 
ATOM   295  C CD  . GLU A 1 40  ? 8.676   3.933   -9.623  1.00 37.96  ? 40  GLU A CD  1 
ATOM   296  O OE1 . GLU A 1 40  ? 8.849   5.019   -9.038  1.00 40.49  ? 40  GLU A OE1 1 
ATOM   297  O OE2 . GLU A 1 40  ? 7.554   3.519   -9.965  1.00 37.34  ? 40  GLU A OE2 1 
ATOM   298  N N   . GLN A 1 41  ? 9.375   1.990   -5.555  1.00 20.19  ? 41  GLN A N   1 
ATOM   299  C CA  . GLN A 1 41  ? 9.667   2.131   -4.129  1.00 17.21  ? 41  GLN A CA  1 
ATOM   300  C C   . GLN A 1 41  ? 8.995   1.045   -3.278  1.00 16.57  ? 41  GLN A C   1 
ATOM   301  O O   . GLN A 1 41  ? 9.366   0.833   -2.121  1.00 13.88  ? 41  GLN A O   1 
ATOM   302  C CB  . GLN A 1 41  ? 9.195   3.517   -3.662  1.00 20.33  ? 41  GLN A CB  1 
ATOM   303  C CG  . GLN A 1 41  ? 8.995   4.499   -4.820  1.00 25.76  ? 41  GLN A CG  1 
ATOM   304  C CD  . GLN A 1 41  ? 8.201   5.743   -4.448  1.00 28.19  ? 41  GLN A CD  1 
ATOM   305  O OE1 . GLN A 1 41  ? 7.153   5.674   -3.785  1.00 24.74  ? 41  GLN A OE1 1 
ATOM   306  N NE2 . GLN A 1 41  ? 8.688   6.892   -4.897  1.00 30.69  ? 41  GLN A NE2 1 
ATOM   307  N N   . ALA A 1 42  ? 8.022   0.354   -3.866  1.00 15.93  ? 42  ALA A N   1 
ATOM   308  C CA  . ALA A 1 42  ? 7.259   -0.684  -3.171  1.00 14.33  ? 42  ALA A CA  1 
ATOM   309  C C   . ALA A 1 42  ? 8.053   -1.799  -2.498  1.00 13.97  ? 42  ALA A C   1 
ATOM   310  O O   . ALA A 1 42  ? 7.786   -2.142  -1.346  1.00 10.39  ? 42  ALA A O   1 
ATOM   311  C CB  . ALA A 1 42  ? 6.239   -1.296  -4.124  1.00 14.65  ? 42  ALA A CB  1 
ATOM   312  N N   . GLN A 1 43  ? 9.011   -2.388  -3.207  1.00 12.47  ? 43  GLN A N   1 
ATOM   313  C CA  . GLN A 1 43  ? 9.787   -3.467  -2.614  1.00 14.31  ? 43  GLN A CA  1 
ATOM   314  C C   . GLN A 1 43  ? 10.566  -3.002  -1.383  1.00 15.67  ? 43  GLN A C   1 
ATOM   315  O O   . GLN A 1 43  ? 10.647  -3.722  -0.388  1.00 15.76  ? 43  GLN A O   1 
ATOM   316  C CB  . GLN A 1 43  ? 10.743  -4.068  -3.646  1.00 15.26  ? 43  GLN A CB  1 
ATOM   317  C CG  . GLN A 1 43  ? 11.485  -5.305  -3.155  1.00 17.07  ? 43  GLN A CG  1 
ATOM   318  C CD  . GLN A 1 43  ? 10.553  -6.435  -2.749  1.00 14.66  ? 43  GLN A CD  1 
ATOM   319  O OE1 . GLN A 1 43  ? 10.465  -6.793  -1.568  1.00 17.14  ? 43  GLN A OE1 1 
ATOM   320  N NE2 . GLN A 1 43  ? 9.853   -7.001  -3.720  1.00 12.71  ? 43  GLN A NE2 1 
ATOM   321  N N   . GLU A 1 44  ? 11.137  -1.801  -1.440  1.00 15.00  ? 44  GLU A N   1 
ATOM   322  C CA  . GLU A 1 44  ? 11.896  -1.291  -0.302  1.00 15.65  ? 44  GLU A CA  1 
ATOM   323  C C   . GLU A 1 44  ? 10.954  -1.073  0.880   1.00 14.22  ? 44  GLU A C   1 
ATOM   324  O O   . GLU A 1 44  ? 11.314  -1.340  2.030   1.00 14.12  ? 44  GLU A O   1 
ATOM   325  C CB  . GLU A 1 44  ? 12.613  0.024   -0.646  1.00 17.74  ? 44  GLU A CB  1 
ATOM   326  C CG  . GLU A 1 44  ? 13.673  0.407   0.401   1.00 20.96  ? 44  GLU A CG  1 
ATOM   327  C CD  . GLU A 1 44  ? 14.487  1.640   0.033   1.00 23.85  ? 44  GLU A CD  1 
ATOM   328  O OE1 . GLU A 1 44  ? 14.999  1.709   -1.102  1.00 21.84  ? 44  GLU A OE1 1 
ATOM   329  O OE2 . GLU A 1 44  ? 14.628  2.541   0.890   1.00 25.07  ? 44  GLU A OE2 1 
ATOM   330  N N   . THR A 1 45  ? 9.748   -0.590  0.596   1.00 13.64  ? 45  THR A N   1 
ATOM   331  C CA  . THR A 1 45  ? 8.762   -0.367  1.653   1.00 13.16  ? 45  THR A CA  1 
ATOM   332  C C   . THR A 1 45  ? 8.428   -1.705  2.315   1.00 13.78  ? 45  THR A C   1 
ATOM   333  O O   . THR A 1 45  ? 8.324   -1.800  3.542   1.00 12.91  ? 45  THR A O   1 
ATOM   334  C CB  . THR A 1 45  ? 7.466   0.255   1.077   1.00 14.02  ? 45  THR A CB  1 
ATOM   335  O OG1 . THR A 1 45  ? 7.752   1.566   0.577   1.00 16.55  ? 45  THR A OG1 1 
ATOM   336  C CG2 . THR A 1 45  ? 6.380   0.359   2.153   1.00 13.42  ? 45  THR A CG2 1 
ATOM   337  N N   . ALA A 1 46  ? 8.271   -2.740  1.498   1.00 11.90  ? 46  ALA A N   1 
ATOM   338  C CA  . ALA A 1 46  ? 7.951   -4.066  2.015   1.00 12.38  ? 46  ALA A CA  1 
ATOM   339  C C   . ALA A 1 46  ? 9.082   -4.573  2.908   1.00 12.59  ? 46  ALA A C   1 
ATOM   340  O O   . ALA A 1 46  ? 8.849   -5.079  4.004   1.00 12.00  ? 46  ALA A O   1 
ATOM   341  C CB  . ALA A 1 46  ? 7.707   -5.044  0.847   1.00 11.64  ? 46  ALA A CB  1 
ATOM   342  N N   . ALA A 1 47  ? 10.314  -4.417  2.440   1.00 11.02  ? 47  ALA A N   1 
ATOM   343  C CA  . ALA A 1 47  ? 11.480  -4.872  3.184   1.00 11.91  ? 47  ALA A CA  1 
ATOM   344  C C   . ALA A 1 47  ? 11.679  -4.092  4.474   1.00 13.19  ? 47  ALA A C   1 
ATOM   345  O O   . ALA A 1 47  ? 12.158  -4.624  5.467   1.00 12.43  ? 47  ALA A O   1 
ATOM   346  C CB  . ALA A 1 47  ? 12.723  -4.742  2.319   1.00 12.05  ? 47  ALA A CB  1 
ATOM   347  N N   . LYS A 1 48  ? 11.306  -2.824  4.454   1.00 14.40  ? 48  LYS A N   1 
ATOM   348  C CA  . LYS A 1 48  ? 11.493  -1.978  5.618   1.00 16.45  ? 48  LYS A CA  1 
ATOM   349  C C   . LYS A 1 48  ? 10.510  -2.186  6.774   1.00 16.87  ? 48  LYS A C   1 
ATOM   350  O O   . LYS A 1 48  ? 10.933  -2.303  7.928   1.00 13.35  ? 48  LYS A O   1 
ATOM   351  C CB  . LYS A 1 48  ? 11.473  -0.513  5.175   1.00 20.07  ? 48  LYS A CB  1 
ATOM   352  C CG  . LYS A 1 48  ? 11.920  0.474   6.234   1.00 25.37  ? 48  LYS A CG  1 
ATOM   353  C CD  . LYS A 1 48  ? 11.906  1.887   5.677   1.00 28.12  ? 48  LYS A CD  1 
ATOM   354  C CE  . LYS A 1 48  ? 12.402  2.890   6.697   1.00 25.54  ? 48  LYS A CE  1 
ATOM   355  N NZ  . LYS A 1 48  ? 12.193  4.295   6.222   1.00 24.15  ? 48  LYS A NZ  1 
ATOM   356  N N   . TRP A 1 49  ? 9.213   -2.259  6.478   1.00 26.49  ? 49  TRP A N   1 
ATOM   357  C CA  . TRP A 1 49  ? 8.219   -2.384  7.545   0.50 27.01  ? 49  TRP A CA  1 
ATOM   358  C C   . TRP A 1 49  ? 7.394   -3.661  7.670   1.00 23.32  ? 49  TRP A C   1 
ATOM   359  O O   . TRP A 1 49  ? 6.646   -3.808  8.642   1.00 22.21  ? 49  TRP A O   1 
ATOM   360  C CB  . TRP A 1 49  ? 7.227   -1.220  7.470   0.50 34.39  ? 49  TRP A CB  1 
ATOM   361  C CG  . TRP A 1 49  ? 7.818   0.078   7.052   0.50 39.80  ? 49  TRP A CG  1 
ATOM   362  C CD1 . TRP A 1 49  ? 8.006   0.519   5.776   0.50 42.19  ? 49  TRP A CD1 1 
ATOM   363  C CD2 . TRP A 1 49  ? 8.301   1.114   7.910   0.50 42.98  ? 49  TRP A CD2 1 
ATOM   364  N NE1 . TRP A 1 49  ? 8.576   1.768   5.784   0.50 44.14  ? 49  TRP A NE1 1 
ATOM   365  C CE2 . TRP A 1 49  ? 8.770   2.157   7.083   0.50 44.61  ? 49  TRP A CE2 1 
ATOM   366  C CE3 . TRP A 1 49  ? 8.388   1.262   9.300   0.50 44.11  ? 49  TRP A CE3 1 
ATOM   367  C CZ2 . TRP A 1 49  ? 9.314   3.337   7.598   0.50 45.49  ? 49  TRP A CZ2 1 
ATOM   368  C CZ3 . TRP A 1 49  ? 8.932   2.436   9.815   0.50 46.00  ? 49  TRP A CZ3 1 
ATOM   369  C CH2 . TRP A 1 49  ? 9.388   3.457   8.962   0.50 45.92  ? 49  TRP A CH2 1 
ATOM   370  N N   . PHE A 1 50  ? 7.514   -4.584  6.724   1.00 19.28  ? 50  PHE A N   1 
ATOM   371  C CA  . PHE A 1 50  ? 6.689   -5.786  6.788   1.00 17.16  ? 50  PHE A CA  1 
ATOM   372  C C   . PHE A 1 50  ? 7.400   -7.127  6.896   1.00 16.82  ? 50  PHE A C   1 
ATOM   373  O O   . PHE A 1 50  ? 6.798   -8.168  6.633   1.00 17.47  ? 50  PHE A O   1 
ATOM   374  C CB  . PHE A 1 50  ? 5.745   -5.799  5.587   1.00 16.33  ? 50  PHE A CB  1 
ATOM   375  C CG  . PHE A 1 50  ? 4.758   -4.666  5.592   1.00 15.42  ? 50  PHE A CG  1 
ATOM   376  C CD1 . PHE A 1 50  ? 3.603   -4.732  6.370   1.00 17.39  ? 50  PHE A CD1 1 
ATOM   377  C CD2 . PHE A 1 50  ? 4.993   -3.521  4.837   1.00 14.51  ? 50  PHE A CD2 1 
ATOM   378  C CE1 . PHE A 1 50  ? 2.694   -3.669  6.398   1.00 16.66  ? 50  PHE A CE1 1 
ATOM   379  C CE2 . PHE A 1 50  ? 4.094   -2.448  4.852   1.00 15.11  ? 50  PHE A CE2 1 
ATOM   380  C CZ  . PHE A 1 50  ? 2.941   -2.522  5.635   1.00 15.23  ? 50  PHE A CZ  1 
ATOM   381  N N   . ARG A 1 51  ? 8.665   -7.106  7.304   1.00 15.17  ? 51  ARG A N   1 
ATOM   382  C CA  . ARG A 1 51  ? 9.430   -8.337  7.439   1.00 14.41  ? 51  ARG A CA  1 
ATOM   383  C C   . ARG A 1 51  ? 8.821   -9.324  8.427   1.00 13.66  ? 51  ARG A C   1 
ATOM   384  O O   . ARG A 1 51  ? 8.433   -8.947  9.534   1.00 12.62  ? 51  ARG A O   1 
ATOM   385  C CB  . ARG A 1 51  ? 10.866  -8.035  7.883   1.00 13.68  ? 51  ARG A CB  1 
ATOM   386  C CG  . ARG A 1 51  ? 11.643  -7.175  6.927   1.00 14.95  ? 51  ARG A CG  1 
ATOM   387  C CD  . ARG A 1 51  ? 13.151  -7.394  7.089   1.00 15.31  ? 51  ARG A CD  1 
ATOM   388  N NE  . ARG A 1 51  ? 13.659  -7.041  8.415   1.00 13.06  ? 51  ARG A NE  1 
ATOM   389  C CZ  . ARG A 1 51  ? 13.751  -5.801  8.892   1.00 13.67  ? 51  ARG A CZ  1 
ATOM   390  N NH1 . ARG A 1 51  ? 13.360  -4.762  8.158   1.00 12.80  ? 51  ARG A NH1 1 
ATOM   391  N NH2 . ARG A 1 51  ? 14.271  -5.596  10.096  1.00 10.69  ? 51  ARG A NH2 1 
ATOM   392  N N   . GLY A 1 52  ? 8.751   -10.589 8.013   1.00 14.22  ? 52  GLY A N   1 
ATOM   393  C CA  . GLY A 1 52  ? 8.234   -11.643 8.872   1.00 14.64  ? 52  GLY A CA  1 
ATOM   394  C C   . GLY A 1 52  ? 6.731   -11.766 9.001   1.00 16.46  ? 52  GLY A C   1 
ATOM   395  O O   . GLY A 1 52  ? 6.234   -12.714 9.613   1.00 17.48  ? 52  GLY A O   1 
ATOM   396  N N   . GLN A 1 53  ? 5.997   -10.824 8.422   1.00 15.70  ? 53  GLN A N   1 
ATOM   397  C CA  . GLN A 1 53  ? 4.544   -10.849 8.512   1.00 15.94  ? 53  GLN A CA  1 
ATOM   398  C C   . GLN A 1 53  ? 3.881   -11.726 7.463   1.00 17.21  ? 53  GLN A C   1 
ATOM   399  O O   . GLN A 1 53  ? 4.015   -11.496 6.265   1.00 14.27  ? 53  GLN A O   1 
ATOM   400  C CB  . GLN A 1 53  ? 3.990   -9.426  8.418   1.00 17.45  ? 53  GLN A CB  1 
ATOM   401  C CG  . GLN A 1 53  ? 4.331   -8.558  9.623   1.00 17.79  ? 53  GLN A CG  1 
ATOM   402  C CD  . GLN A 1 53  ? 3.689   -7.193  9.553   1.00 18.37  ? 53  GLN A CD  1 
ATOM   403  O OE1 . GLN A 1 53  ? 2.483   -7.074  9.328   1.00 19.64  ? 53  GLN A OE1 1 
ATOM   404  N NE2 . GLN A 1 53  ? 4.488   -6.151  9.753   1.00 18.96  ? 53  GLN A NE2 1 
ATOM   405  N N   . ALA A 1 54  ? 3.153   -12.736 7.927   1.00 19.14  ? 54  ALA A N   1 
ATOM   406  C CA  . ALA A 1 54  ? 2.461   -13.637 7.020   1.00 20.57  ? 54  ALA A CA  1 
ATOM   407  C C   . ALA A 1 54  ? 1.060   -13.092 6.747   1.00 21.97  ? 54  ALA A C   1 
ATOM   408  O O   . ALA A 1 54  ? 0.569   -12.221 7.467   1.00 22.15  ? 54  ALA A O   1 
ATOM   409  C CB  . ALA A 1 54  ? 2.373   -15.032 7.634   1.00 21.44  ? 54  ALA A CB  1 
ATOM   410  N N   . ASN A 1 55  ? 0.435   -13.600 5.691   1.00 23.47  ? 55  ASN A N   1 
ATOM   411  C CA  . ASN A 1 55  ? -0.914  -13.197 5.321   1.00 24.06  ? 55  ASN A CA  1 
ATOM   412  C C   . ASN A 1 55  ? -1.036  -11.724 4.957   1.00 23.29  ? 55  ASN A C   1 
ATOM   413  O O   . ASN A 1 55  ? -2.011  -11.067 5.328   1.00 23.75  ? 55  ASN A O   1 
ATOM   414  C CB  . ASN A 1 55  ? -1.890  -13.518 6.458   1.00 26.67  ? 55  ASN A CB  1 
ATOM   415  C CG  . ASN A 1 55  ? -1.840  -14.976 6.869   1.00 29.85  ? 55  ASN A CG  1 
ATOM   416  O OD1 . ASN A 1 55  ? -2.002  -15.874 6.039   1.00 30.25  ? 55  ASN A OD1 1 
ATOM   417  N ND2 . ASN A 1 55  ? -1.615  -15.219 8.157   1.00 30.18  ? 55  ASN A ND2 1 
ATOM   418  N N   . LEU A 1 56  ? -0.047  -11.202 4.240   1.00 20.84  ? 56  LEU A N   1 
ATOM   419  C CA  . LEU A 1 56  ? -0.084  -9.811  3.812   1.00 17.79  ? 56  LEU A CA  1 
ATOM   420  C C   . LEU A 1 56  ? -0.775  -9.736  2.461   1.00 16.69  ? 56  LEU A C   1 
ATOM   421  O O   . LEU A 1 56  ? -0.747  -10.688 1.681   1.00 14.97  ? 56  LEU A O   1 
ATOM   422  C CB  . LEU A 1 56  ? 1.329   -9.235  3.673   1.00 16.88  ? 56  LEU A CB  1 
ATOM   423  C CG  . LEU A 1 56  ? 2.131   -8.968  4.948   1.00 15.89  ? 56  LEU A CG  1 
ATOM   424  C CD1 . LEU A 1 56  ? 3.526   -8.462  4.580   1.00 12.91  ? 56  LEU A CD1 1 
ATOM   425  C CD2 . LEU A 1 56  ? 1.400   -7.944  5.806   1.00 15.57  ? 56  LEU A CD2 1 
ATOM   426  N N   . VAL A 1 57  ? -1.401  -8.600  2.189   1.00 15.59  ? 57  VAL A N   1 
ATOM   427  C CA  . VAL A 1 57  ? -2.067  -8.397  0.917   1.00 16.24  ? 57  VAL A CA  1 
ATOM   428  C C   . VAL A 1 57  ? -1.532  -7.126  0.272   1.00 15.80  ? 57  VAL A C   1 
ATOM   429  O O   . VAL A 1 57  ? -1.235  -6.138  0.953   1.00 14.30  ? 57  VAL A O   1 
ATOM   430  C CB  . VAL A 1 57  ? -3.610  -8.317  1.089   1.00 17.37  ? 57  VAL A CB  1 
ATOM   431  C CG1 . VAL A 1 57  ? -3.957  -7.378  2.207   1.00 21.24  ? 57  VAL A CG1 1 
ATOM   432  C CG2 . VAL A 1 57  ? -4.268  -7.869  -0.222  1.00 18.78  ? 57  VAL A CG2 1 
ATOM   433  N N   . LEU A 1 58  ? -1.381  -7.173  -1.045  1.00 15.30  ? 58  LEU A N   1 
ATOM   434  C CA  . LEU A 1 58  ? -0.888  -6.038  -1.810  1.00 14.49  ? 58  LEU A CA  1 
ATOM   435  C C   . LEU A 1 58  ? -2.052  -5.448  -2.599  1.00 14.25  ? 58  LEU A C   1 
ATOM   436  O O   . LEU A 1 58  ? -2.717  -6.160  -3.354  1.00 13.27  ? 58  LEU A O   1 
ATOM   437  C CB  . LEU A 1 58  ? 0.213   -6.508  -2.773  1.00 14.49  ? 58  LEU A CB  1 
ATOM   438  C CG  . LEU A 1 58  ? 0.957   -5.526  -3.688  1.00 15.20  ? 58  LEU A CG  1 
ATOM   439  C CD1 . LEU A 1 58  ? 0.013   -4.956  -4.719  1.00 20.14  ? 58  LEU A CD1 1 
ATOM   440  C CD2 . LEU A 1 58  ? 1.597   -4.420  -2.860  1.00 13.54  ? 58  LEU A CD2 1 
ATOM   441  N N   . LEU A 1 59  ? -2.303  -4.153  -2.420  1.00 13.88  ? 59  LEU A N   1 
ATOM   442  C CA  . LEU A 1 59  ? -3.376  -3.492  -3.153  1.00 13.47  ? 59  LEU A CA  1 
ATOM   443  C C   . LEU A 1 59  ? -2.754  -2.589  -4.210  1.00 15.97  ? 59  LEU A C   1 
ATOM   444  O O   . LEU A 1 59  ? -1.907  -1.749  -3.896  1.00 16.51  ? 59  LEU A O   1 
ATOM   445  C CB  . LEU A 1 59  ? -4.247  -2.632  -2.227  1.00 12.24  ? 59  LEU A CB  1 
ATOM   446  C CG  . LEU A 1 59  ? -4.903  -3.238  -0.983  1.00 10.70  ? 59  LEU A CG  1 
ATOM   447  C CD1 . LEU A 1 59  ? -5.595  -2.125  -0.201  1.00 11.37  ? 59  LEU A CD1 1 
ATOM   448  C CD2 . LEU A 1 59  ? -5.893  -4.341  -1.364  1.00 11.21  ? 59  LEU A CD2 1 
ATOM   449  N N   . ALA A 1 60  ? -3.170  -2.782  -5.459  1.00 14.80  ? 60  ALA A N   1 
ATOM   450  C CA  . ALA A 1 60  ? -2.687  -1.975  -6.577  1.00 16.61  ? 60  ALA A CA  1 
ATOM   451  C C   . ALA A 1 60  ? -3.763  -0.931  -6.847  1.00 17.19  ? 60  ALA A C   1 
ATOM   452  O O   . ALA A 1 60  ? -4.935  -1.272  -7.043  1.00 16.65  ? 60  ALA A O   1 
ATOM   453  C CB  . ALA A 1 60  ? -2.473  -2.850  -7.803  1.00 16.18  ? 60  ALA A CB  1 
ATOM   454  N N   . VAL A 1 61  ? -3.364  0.336   -6.862  1.00 17.06  ? 61  VAL A N   1 
ATOM   455  C CA  . VAL A 1 61  ? -4.307  1.430   -7.053  1.00 17.91  ? 61  VAL A CA  1 
ATOM   456  C C   . VAL A 1 61  ? -3.935  2.420   -8.157  1.00 19.27  ? 61  VAL A C   1 
ATOM   457  O O   . VAL A 1 61  ? -2.786  2.859   -8.248  1.00 19.52  ? 61  VAL A O   1 
ATOM   458  C CB  . VAL A 1 61  ? -4.468  2.218   -5.730  1.00 16.83  ? 61  VAL A CB  1 
ATOM   459  C CG1 . VAL A 1 61  ? -5.366  3.414   -5.941  1.00 16.84  ? 61  VAL A CG1 1 
ATOM   460  C CG2 . VAL A 1 61  ? -5.027  1.304   -4.643  1.00 16.71  ? 61  VAL A CG2 1 
ATOM   461  N N   . GLU A 1 62  ? -4.912  2.771   -8.989  1.00 19.70  ? 62  GLU A N   1 
ATOM   462  C CA  . GLU A 1 62  ? -4.675  3.737   -10.055 1.00 22.10  ? 62  GLU A CA  1 
ATOM   463  C C   . GLU A 1 62  ? -4.641  5.102   -9.372  1.00 21.40  ? 62  GLU A C   1 
ATOM   464  O O   . GLU A 1 62  ? -5.623  5.516   -8.763  1.00 21.55  ? 62  GLU A O   1 
ATOM   465  C CB  . GLU A 1 62  ? -5.804  3.695   -11.084 1.00 24.35  ? 62  GLU A CB  1 
ATOM   466  C CG  . GLU A 1 62  ? -5.353  4.112   -12.465 1.00 30.95  ? 62  GLU A CG  1 
ATOM   467  C CD  . GLU A 1 62  ? -4.402  3.102   -13.078 1.00 32.89  ? 62  GLU A CD  1 
ATOM   468  O OE1 . GLU A 1 62  ? -3.548  3.501   -13.899 1.00 34.70  ? 62  GLU A OE1 1 
ATOM   469  O OE2 . GLU A 1 62  ? -4.518  1.903   -12.744 1.00 34.28  ? 62  GLU A OE2 1 
ATOM   470  N N   . ALA A 1 63  ? -3.515  5.799   -9.480  1.00 21.93  ? 63  ALA A N   1 
ATOM   471  C CA  . ALA A 1 63  ? -3.351  7.096   -8.829  1.00 23.14  ? 63  ALA A CA  1 
ATOM   472  C C   . ALA A 1 63  ? -4.147  8.266   -9.405  1.00 24.30  ? 63  ALA A C   1 
ATOM   473  O O   . ALA A 1 63  ? -4.764  9.022   -8.658  1.00 23.52  ? 63  ALA A O   1 
ATOM   474  C CB  . ALA A 1 63  ? -1.871  7.461   -8.783  1.00 22.53  ? 63  ALA A CB  1 
ATOM   475  N N   . GLU A 1 64  ? -4.127  8.419   -10.724 1.00 25.50  ? 64  GLU A N   1 
ATOM   476  C CA  . GLU A 1 64  ? -4.821  9.525   -11.380 1.00 27.63  ? 64  GLU A CA  1 
ATOM   477  C C   . GLU A 1 64  ? -6.275  9.741   -10.952 1.00 27.99  ? 64  GLU A C   1 
ATOM   478  O O   . GLU A 1 64  ? -6.659  10.853  -10.589 1.00 28.39  ? 64  GLU A O   1 
ATOM   479  C CB  . GLU A 1 64  ? -4.738  9.360   -12.895 1.00 28.71  ? 64  GLU A CB  1 
ATOM   480  N N   . PRO A 1 65  ? -7.106  8.689   -10.987 1.00 28.22  ? 65  PRO A N   1 
ATOM   481  C CA  . PRO A 1 65  ? -8.502  8.878   -10.583 1.00 28.57  ? 65  PRO A CA  1 
ATOM   482  C C   . PRO A 1 65  ? -8.740  9.190   -9.104  1.00 28.35  ? 65  PRO A C   1 
ATOM   483  O O   . PRO A 1 65  ? -9.871  9.462   -8.702  1.00 29.03  ? 65  PRO A O   1 
ATOM   484  C CB  . PRO A 1 65  ? -9.168  7.576   -11.025 1.00 28.46  ? 65  PRO A CB  1 
ATOM   485  C CG  . PRO A 1 65  ? -8.065  6.580   -10.921 1.00 30.49  ? 65  PRO A CG  1 
ATOM   486  C CD  . PRO A 1 65  ? -6.889  7.325   -11.500 1.00 28.40  ? 65  PRO A CD  1 
ATOM   487  N N   . LEU A 1 66  ? -7.684  9.165   -8.294  1.00 27.30  ? 66  LEU A N   1 
ATOM   488  C CA  . LEU A 1 66  ? -7.841  9.447   -6.871  1.00 25.95  ? 66  LEU A CA  1 
ATOM   489  C C   . LEU A 1 66  ? -8.209  10.895  -6.591  1.00 26.07  ? 66  LEU A C   1 
ATOM   490  O O   . LEU A 1 66  ? -8.903  11.184  -5.616  1.00 27.21  ? 66  LEU A O   1 
ATOM   491  C CB  . LEU A 1 66  ? -6.572  9.073   -6.104  1.00 24.15  ? 66  LEU A CB  1 
ATOM   492  C CG  . LEU A 1 66  ? -6.399  7.565   -5.920  1.00 23.44  ? 66  LEU A CG  1 
ATOM   493  C CD1 . LEU A 1 66  ? -5.146  7.276   -5.103  1.00 22.20  ? 66  LEU A CD1 1 
ATOM   494  C CD2 . LEU A 1 66  ? -7.631  7.008   -5.221  1.00 22.71  ? 66  LEU A CD2 1 
ATOM   495  N N   . GLY A 1 67  ? -7.747  11.806  -7.437  1.00 26.50  ? 67  GLY A N   1 
ATOM   496  C CA  . GLY A 1 67  ? -8.076  13.203  -7.234  1.00 27.77  ? 67  GLY A CA  1 
ATOM   497  C C   . GLY A 1 67  ? -7.058  14.006  -6.449  1.00 29.22  ? 67  GLY A C   1 
ATOM   498  O O   . GLY A 1 67  ? -5.921  13.575  -6.244  1.00 30.41  ? 67  GLY A O   1 
ATOM   499  N N   . GLU A 1 68  ? -7.483  15.180  -5.995  1.00 29.23  ? 68  GLU A N   1 
ATOM   500  C CA  . GLU A 1 68  ? -6.620  16.091  -5.252  1.00 29.79  ? 68  GLU A CA  1 
ATOM   501  C C   . GLU A 1 68  ? -6.175  15.613  -3.877  1.00 27.51  ? 68  GLU A C   1 
ATOM   502  O O   . GLU A 1 68  ? -5.171  16.098  -3.355  1.00 26.58  ? 68  GLU A O   1 
ATOM   503  C CB  . GLU A 1 68  ? -7.302  17.456  -5.109  1.00 33.19  ? 68  GLU A CB  1 
ATOM   504  C CG  . GLU A 1 68  ? -8.627  17.421  -4.361  1.00 38.16  ? 68  GLU A CG  1 
ATOM   505  C CD  . GLU A 1 68  ? -9.208  18.808  -4.143  1.00 41.99  ? 68  GLU A CD  1 
ATOM   506  O OE1 . GLU A 1 68  ? -9.362  19.552  -5.137  1.00 43.50  ? 68  GLU A OE1 1 
ATOM   507  O OE2 . GLU A 1 68  ? -9.511  19.155  -2.980  1.00 42.76  ? 68  GLU A OE2 1 
ATOM   508  N N   . ASP A 1 69  ? -6.909  14.680  -3.279  1.00 25.44  ? 69  ASP A N   1 
ATOM   509  C CA  . ASP A 1 69  ? -6.529  14.198  -1.957  1.00 23.91  ? 69  ASP A CA  1 
ATOM   510  C C   . ASP A 1 69  ? -5.267  13.343  -1.980  1.00 21.50  ? 69  ASP A C   1 
ATOM   511  O O   . ASP A 1 69  ? -4.739  12.977  -0.929  1.00 19.80  ? 69  ASP A O   1 
ATOM   512  C CB  . ASP A 1 69  ? -7.680  13.430  -1.301  1.00 26.86  ? 69  ASP A CB  1 
ATOM   513  C CG  . ASP A 1 69  ? -8.791  14.351  -0.818  1.00 30.28  ? 69  ASP A CG  1 
ATOM   514  O OD1 . ASP A 1 69  ? -8.474  15.383  -0.191  1.00 32.87  ? 69  ASP A OD1 1 
ATOM   515  O OD2 . ASP A 1 69  ? -9.978  14.041  -1.057  1.00 31.69  ? 69  ASP A OD2 1 
ATOM   516  N N   . LEU A 1 70  ? -4.789  13.021  -3.179  1.00 19.15  ? 70  LEU A N   1 
ATOM   517  C CA  . LEU A 1 70  ? -3.560  12.246  -3.314  1.00 18.13  ? 70  LEU A CA  1 
ATOM   518  C C   . LEU A 1 70  ? -2.445  13.264  -3.480  1.00 18.69  ? 70  LEU A C   1 
ATOM   519  O O   . LEU A 1 70  ? -2.425  14.023  -4.452  1.00 18.92  ? 70  LEU A O   1 
ATOM   520  C CB  . LEU A 1 70  ? -3.599  11.344  -4.551  1.00 19.42  ? 70  LEU A CB  1 
ATOM   521  C CG  . LEU A 1 70  ? -2.584  10.193  -4.642  1.00 20.10  ? 70  LEU A CG  1 
ATOM   522  C CD1 . LEU A 1 70  ? -2.249  9.961   -6.111  1.00 20.16  ? 70  LEU A CD1 1 
ATOM   523  C CD2 . LEU A 1 70  ? -1.318  10.491  -3.866  1.00 21.26  ? 70  LEU A CD2 1 
ATOM   524  N N   . LYS A 1 71  ? -1.520  13.287  -2.530  1.00 16.40  ? 71  LYS A N   1 
ATOM   525  C CA  . LYS A 1 71  ? -0.411  14.223  -2.596  1.00 16.81  ? 71  LYS A CA  1 
ATOM   526  C C   . LYS A 1 71  ? 0.889   13.445  -2.737  1.00 15.42  ? 71  LYS A C   1 
ATOM   527  O O   . LYS A 1 71  ? 1.094   12.436  -2.056  1.00 15.49  ? 71  LYS A O   1 
ATOM   528  C CB  . LYS A 1 71  ? -0.348  15.075  -1.324  1.00 20.10  ? 71  LYS A CB  1 
ATOM   529  C CG  . LYS A 1 71  ? -1.616  15.848  -1.001  1.00 23.68  ? 71  LYS A CG  1 
ATOM   530  C CD  . LYS A 1 71  ? -1.448  16.634  0.293   1.00 29.73  ? 71  LYS A CD  1 
ATOM   531  C CE  . LYS A 1 71  ? -2.727  17.364  0.685   1.00 32.25  ? 71  LYS A CE  1 
ATOM   532  N NZ  . LYS A 1 71  ? -2.599  18.036  2.014   1.00 34.40  ? 71  LYS A NZ  1 
ATOM   533  N N   . TRP A 1 72  ? 1.749   13.904  -3.637  1.00 13.60  ? 72  TRP A N   1 
ATOM   534  C CA  . TRP A 1 72  ? 3.049   13.270  -3.841  1.00 12.47  ? 72  TRP A CA  1 
ATOM   535  C C   . TRP A 1 72  ? 4.032   14.125  -3.072  1.00 13.56  ? 72  TRP A C   1 
ATOM   536  O O   . TRP A 1 72  ? 4.297   15.265  -3.448  1.00 14.03  ? 72  TRP A O   1 
ATOM   537  C CB  . TRP A 1 72  ? 3.415   13.240  -5.322  1.00 12.77  ? 72  TRP A CB  1 
ATOM   538  C CG  . TRP A 1 72  ? 2.570   12.282  -6.096  1.00 14.52  ? 72  TRP A CG  1 
ATOM   539  C CD1 . TRP A 1 72  ? 1.324   12.511  -6.612  1.00 14.89  ? 72  TRP A CD1 1 
ATOM   540  C CD2 . TRP A 1 72  ? 2.894   10.927  -6.413  1.00 15.25  ? 72  TRP A CD2 1 
ATOM   541  N NE1 . TRP A 1 72  ? 0.853   11.378  -7.232  1.00 16.09  ? 72  TRP A NE1 1 
ATOM   542  C CE2 . TRP A 1 72  ? 1.798   10.391  -7.124  1.00 16.82  ? 72  TRP A CE2 1 
ATOM   543  C CE3 . TRP A 1 72  ? 4.003   10.111  -6.164  1.00 17.94  ? 72  TRP A CE3 1 
ATOM   544  C CZ2 . TRP A 1 72  ? 1.781   9.072   -7.590  1.00 17.78  ? 72  TRP A CZ2 1 
ATOM   545  C CZ3 . TRP A 1 72  ? 3.986   8.802   -6.625  1.00 17.03  ? 72  TRP A CZ3 1 
ATOM   546  C CH2 . TRP A 1 72  ? 2.882   8.296   -7.331  1.00 17.38  ? 72  TRP A CH2 1 
ATOM   547  N N   . GLU A 1 73  ? 4.564   13.576  -1.986  1.00 13.44  ? 73  GLU A N   1 
ATOM   548  C CA  . GLU A 1 73  ? 5.483   14.327  -1.141  1.00 13.89  ? 73  GLU A CA  1 
ATOM   549  C C   . GLU A 1 73  ? 6.894   13.758  -1.087  1.00 14.05  ? 73  GLU A C   1 
ATOM   550  O O   . GLU A 1 73  ? 7.083   12.555  -0.894  1.00 14.78  ? 73  GLU A O   1 
ATOM   551  C CB  . GLU A 1 73  ? 4.897   14.412  0.268   1.00 14.14  ? 73  GLU A CB  1 
ATOM   552  C CG  . GLU A 1 73  ? 3.501   15.011  0.291   1.00 16.40  ? 73  GLU A CG  1 
ATOM   553  C CD  . GLU A 1 73  ? 2.951   15.179  1.695   1.00 18.21  ? 73  GLU A CD  1 
ATOM   554  O OE1 . GLU A 1 73  ? 2.366   14.218  2.231   1.00 18.40  ? 73  GLU A OE1 1 
ATOM   555  O OE2 . GLU A 1 73  ? 3.117   16.277  2.266   1.00 18.11  ? 73  GLU A OE2 1 
ATOM   556  N N   . ALA A 1 74  ? 7.875   14.640  -1.259  1.00 14.86  ? 74  ALA A N   1 
ATOM   557  C CA  . ALA A 1 74  ? 9.291   14.268  -1.217  1.00 14.32  ? 74  ALA A CA  1 
ATOM   558  C C   . ALA A 1 74  ? 9.614   13.679  0.152   1.00 15.20  ? 74  ALA A C   1 
ATOM   559  O O   . ALA A 1 74  ? 9.536   14.367  1.177   1.00 15.01  ? 74  ALA A O   1 
ATOM   560  C CB  . ALA A 1 74  ? 10.156  15.493  -1.474  1.00 13.78  ? 74  ALA A CB  1 
ATOM   561  N N   . SER A 1 75  ? 9.987   12.405  0.171   1.00 14.42  ? 75  SER A N   1 
ATOM   562  C CA  . SER A 1 75  ? 10.279  11.732  1.428   1.00 14.74  ? 75  SER A CA  1 
ATOM   563  C C   . SER A 1 75  ? 11.571  10.914  1.389   1.00 14.78  ? 75  SER A C   1 
ATOM   564  O O   . SER A 1 75  ? 12.655  11.453  1.171   1.00 13.80  ? 75  SER A O   1 
ATOM   565  C CB  . SER A 1 75  ? 9.078   10.842  1.799   1.00 14.57  ? 75  SER A CB  1 
ATOM   566  O OG  . SER A 1 75  ? 9.250   10.204  3.050   1.00 14.51  ? 75  SER A OG  1 
ATOM   567  N N   . ARG A 1 76  ? 11.440  9.607   1.596   1.00 12.94  ? 76  ARG A N   1 
ATOM   568  C CA  . ARG A 1 76  ? 12.571  8.681   1.622   1.00 14.24  ? 76  ARG A CA  1 
ATOM   569  C C   . ARG A 1 76  ? 13.521  8.805   0.436   1.00 13.88  ? 76  ARG A C   1 
ATOM   570  O O   . ARG A 1 76  ? 13.120  8.645   -0.717  1.00 14.27  ? 76  ARG A O   1 
ATOM   571  C CB  . ARG A 1 76  ? 12.042  7.244   1.710   1.00 15.50  ? 76  ARG A CB  1 
ATOM   572  C CG  . ARG A 1 76  ? 13.037  6.234   2.251   1.00 17.42  ? 76  ARG A CG  1 
ATOM   573  C CD  . ARG A 1 76  ? 12.322  4.923   2.580   1.00 18.37  ? 76  ARG A CD  1 
ATOM   574  N NE  . ARG A 1 76  ? 11.934  4.179   1.384   1.00 19.51  ? 76  ARG A NE  1 
ATOM   575  C CZ  . ARG A 1 76  ? 10.845  3.417   1.289   1.00 16.50  ? 76  ARG A CZ  1 
ATOM   576  N NH1 . ARG A 1 76  ? 10.014  3.297   2.316   1.00 15.21  ? 76  ARG A NH1 1 
ATOM   577  N NH2 . ARG A 1 76  ? 10.596  2.752   0.169   1.00 13.45  ? 76  ARG A NH2 1 
ATOM   578  N N   . GLY A 1 77  ? 14.786  9.087   0.731   1.00 13.30  ? 77  GLY A N   1 
ATOM   579  C CA  . GLY A 1 77  ? 15.782  9.214   -0.320  1.00 13.57  ? 77  GLY A CA  1 
ATOM   580  C C   . GLY A 1 77  ? 15.490  10.300  -1.335  1.00 14.99  ? 77  GLY A C   1 
ATOM   581  O O   . GLY A 1 77  ? 16.010  10.265  -2.450  1.00 15.57  ? 77  GLY A O   1 
ATOM   582  N N   . GLY A 1 78  ? 14.648  11.257  -0.962  1.00 14.73  ? 78  GLY A N   1 
ATOM   583  C CA  . GLY A 1 78  ? 14.322  12.344  -1.867  1.00 16.82  ? 78  GLY A CA  1 
ATOM   584  C C   . GLY A 1 78  ? 13.241  12.015  -2.878  1.00 17.53  ? 78  GLY A C   1 
ATOM   585  O O   . GLY A 1 78  ? 12.828  12.880  -3.653  1.00 18.84  ? 78  GLY A O   1 
ATOM   586  N N   . ALA A 1 79  ? 12.778  10.769  -2.880  1.00 16.34  ? 79  ALA A N   1 
ATOM   587  C CA  . ALA A 1 79  ? 11.737  10.357  -3.814  1.00 15.36  ? 79  ALA A CA  1 
ATOM   588  C C   . ALA A 1 79  ? 10.364  10.818  -3.322  1.00 16.41  ? 79  ALA A C   1 
ATOM   589  O O   . ALA A 1 79  ? 10.141  10.918  -2.117  1.00 17.18  ? 79  ALA A O   1 
ATOM   590  C CB  . ALA A 1 79  ? 11.763  8.840   -3.979  1.00 17.73  ? 79  ALA A CB  1 
ATOM   591  N N   . ARG A 1 80  ? 9.448   11.101  -4.251  1.00 16.27  ? 80  ARG A N   1 
ATOM   592  C CA  . ARG A 1 80  ? 8.099   11.539  -3.883  1.00 16.98  ? 80  ARG A CA  1 
ATOM   593  C C   . ARG A 1 80  ? 7.185   10.349  -3.646  1.00 16.61  ? 80  ARG A C   1 
ATOM   594  O O   . ARG A 1 80  ? 6.982   9.520   -4.537  1.00 16.23  ? 80  ARG A O   1 
ATOM   595  C CB  . ARG A 1 80  ? 7.489   12.429  -4.971  1.00 17.51  ? 80  ARG A CB  1 
ATOM   596  C CG  . ARG A 1 80  ? 8.110   13.817  -5.079  1.00 20.82  ? 80  ARG A CG  1 
ATOM   597  C CD  . ARG A 1 80  ? 7.342   14.676  -6.077  1.00 27.32  ? 80  ARG A CD  1 
ATOM   598  N NE  . ARG A 1 80  ? 7.874   16.034  -6.201  1.00 32.77  ? 80  ARG A NE  1 
ATOM   599  C CZ  . ARG A 1 80  ? 7.846   16.950  -5.236  1.00 35.65  ? 80  ARG A CZ  1 
ATOM   600  N NH1 . ARG A 1 80  ? 7.312   16.668  -4.053  1.00 37.87  ? 80  ARG A NH1 1 
ATOM   601  N NH2 . ARG A 1 80  ? 8.347   18.159  -5.458  1.00 38.02  ? 80  ARG A NH2 1 
ATOM   602  N N   . PHE A 1 81  ? 6.641   10.259  -2.438  1.00 14.26  ? 81  PHE A N   1 
ATOM   603  C CA  . PHE A 1 81  ? 5.746   9.163   -2.100  1.00 13.79  ? 81  PHE A CA  1 
ATOM   604  C C   . PHE A 1 81  ? 4.288   9.593   -2.171  1.00 13.64  ? 81  PHE A C   1 
ATOM   605  O O   . PHE A 1 81  ? 3.929   10.703  -1.772  1.00 13.25  ? 81  PHE A O   1 
ATOM   606  C CB  . PHE A 1 81  ? 6.052   8.621   -0.696  1.00 13.58  ? 81  PHE A CB  1 
ATOM   607  C CG  . PHE A 1 81  ? 7.259   7.719   -0.642  1.00 12.99  ? 81  PHE A CG  1 
ATOM   608  C CD1 . PHE A 1 81  ? 8.536   8.229   -0.822  1.00 13.90  ? 81  PHE A CD1 1 
ATOM   609  C CD2 . PHE A 1 81  ? 7.108   6.349   -0.439  1.00 14.69  ? 81  PHE A CD2 1 
ATOM   610  C CE1 . PHE A 1 81  ? 9.651   7.389   -0.804  1.00 14.96  ? 81  PHE A CE1 1 
ATOM   611  C CE2 . PHE A 1 81  ? 8.212   5.501   -0.419  1.00 13.52  ? 81  PHE A CE2 1 
ATOM   612  C CZ  . PHE A 1 81  ? 9.486   6.021   -0.603  1.00 14.77  ? 81  PHE A CZ  1 
ATOM   613  N N   . PRO A 1 82  ? 3.424   8.715   -2.698  1.00 12.18  ? 82  PRO A N   1 
ATOM   614  C CA  . PRO A 1 82  ? 2.006   9.060   -2.793  1.00 11.67  ? 82  PRO A CA  1 
ATOM   615  C C   . PRO A 1 82  ? 1.351   8.929   -1.423  1.00 11.86  ? 82  PRO A C   1 
ATOM   616  O O   . PRO A 1 82  ? 1.381   7.856   -0.818  1.00 12.97  ? 82  PRO A O   1 
ATOM   617  C CB  . PRO A 1 82  ? 1.472   8.047   -3.804  1.00 11.97  ? 82  PRO A CB  1 
ATOM   618  C CG  . PRO A 1 82  ? 2.321   6.842   -3.554  1.00 11.23  ? 82  PRO A CG  1 
ATOM   619  C CD  . PRO A 1 82  ? 3.712   7.422   -3.343  1.00 12.67  ? 82  PRO A CD  1 
ATOM   620  N N   . HIS A 1 83  ? 0.775   10.030  -0.945  1.00 12.51  ? 83  HIS A N   1 
ATOM   621  C CA  . HIS A 1 83  ? 0.096   10.083  0.348   1.00 12.28  ? 83  HIS A CA  1 
ATOM   622  C C   . HIS A 1 83  ? -1.379  10.443  0.111   1.00 13.79  ? 83  HIS A C   1 
ATOM   623  O O   . HIS A 1 83  ? -1.679  11.506  -0.436  1.00 14.84  ? 83  HIS A O   1 
ATOM   624  C CB  . HIS A 1 83  ? 0.742   11.147  1.247   1.00 13.03  ? 83  HIS A CB  1 
ATOM   625  C CG  . HIS A 1 83  ? 2.160   10.849  1.640   1.00 10.92  ? 83  HIS A CG  1 
ATOM   626  N ND1 . HIS A 1 83  ? 2.713   9.589   1.563   1.00 13.46  ? 83  HIS A ND1 1 
ATOM   627  C CD2 . HIS A 1 83  ? 3.109   11.641  2.194   1.00 9.24   ? 83  HIS A CD2 1 
ATOM   628  C CE1 . HIS A 1 83  ? 3.940   9.615   2.058   1.00 7.51   ? 83  HIS A CE1 1 
ATOM   629  N NE2 . HIS A 1 83  ? 4.203   10.849  2.449   1.00 14.39  ? 83  HIS A NE2 1 
ATOM   630  N N   . LEU A 1 84  ? -2.293  9.568   0.531   1.00 13.67  ? 84  LEU A N   1 
ATOM   631  C CA  . LEU A 1 84  ? -3.724  9.808   0.335   1.00 14.07  ? 84  LEU A CA  1 
ATOM   632  C C   . LEU A 1 84  ? -4.363  10.354  1.607   1.00 14.06  ? 84  LEU A C   1 
ATOM   633  O O   . LEU A 1 84  ? -4.483  9.651   2.609   1.00 14.84  ? 84  LEU A O   1 
ATOM   634  C CB  . LEU A 1 84  ? -4.434  8.515   -0.093  1.00 13.14  ? 84  LEU A CB  1 
ATOM   635  C CG  . LEU A 1 84  ? -5.925  8.655   -0.434  1.00 14.45  ? 84  LEU A CG  1 
ATOM   636  C CD1 . LEU A 1 84  ? -6.095  9.618   -1.604  1.00 12.10  ? 84  LEU A CD1 1 
ATOM   637  C CD2 . LEU A 1 84  ? -6.514  7.288   -0.773  1.00 15.24  ? 84  LEU A CD2 1 
ATOM   638  N N   . TYR A 1 85  ? -4.774  11.616  1.547   1.00 14.47  ? 85  TYR A N   1 
ATOM   639  C CA  . TYR A 1 85  ? -5.375  12.282  2.691   1.00 15.21  ? 85  TYR A CA  1 
ATOM   640  C C   . TYR A 1 85  ? -6.876  12.067  2.810   1.00 17.09  ? 85  TYR A C   1 
ATOM   641  O O   . TYR A 1 85  ? -7.650  13.020  2.942   1.00 17.94  ? 85  TYR A O   1 
ATOM   642  C CB  . TYR A 1 85  ? -5.049  13.777  2.646   1.00 14.12  ? 85  TYR A CB  1 
ATOM   643  C CG  . TYR A 1 85  ? -3.601  14.072  2.975   1.00 13.53  ? 85  TYR A CG  1 
ATOM   644  C CD1 . TYR A 1 85  ? -2.572  13.725  2.097   1.00 13.20  ? 85  TYR A CD1 1 
ATOM   645  C CD2 . TYR A 1 85  ? -3.256  14.653  4.193   1.00 11.95  ? 85  TYR A CD2 1 
ATOM   646  C CE1 . TYR A 1 85  ? -1.229  13.952  2.436   1.00 10.69  ? 85  TYR A CE1 1 
ATOM   647  C CE2 . TYR A 1 85  ? -1.930  14.880  4.536   1.00 11.84  ? 85  TYR A CE2 1 
ATOM   648  C CZ  . TYR A 1 85  ? -0.925  14.531  3.663   1.00 10.92  ? 85  TYR A CZ  1 
ATOM   649  O OH  . TYR A 1 85  ? 0.378   14.775  4.029   1.00 10.85  ? 85  TYR A OH  1 
ATOM   650  N N   . ARG A 1 86  ? -7.269  10.799  2.773   1.00 17.78  ? 86  ARG A N   1 
ATOM   651  C CA  . ARG A 1 86  ? -8.663  10.385  2.897   1.00 18.81  ? 86  ARG A CA  1 
ATOM   652  C C   . ARG A 1 86  ? -8.677  8.867   2.820   1.00 18.45  ? 86  ARG A C   1 
ATOM   653  O O   . ARG A 1 86  ? -7.736  8.259   2.315   1.00 16.90  ? 86  ARG A O   1 
ATOM   654  C CB  . ARG A 1 86  ? -9.517  10.957  1.761   1.00 19.00  ? 86  ARG A CB  1 
ATOM   655  C CG  . ARG A 1 86  ? -9.205  10.416  0.364   1.00 18.19  ? 86  ARG A CG  1 
ATOM   656  C CD  . ARG A 1 86  ? -10.272 10.895  -0.626  1.00 19.17  ? 86  ARG A CD  1 
ATOM   657  N NE  . ARG A 1 86  ? -10.019 10.518  -2.016  1.00 17.79  ? 86  ARG A NE  1 
ATOM   658  C CZ  . ARG A 1 86  ? -10.120 9.284   -2.508  1.00 18.00  ? 86  ARG A CZ  1 
ATOM   659  N NH1 . ARG A 1 86  ? -10.472 8.268   -1.728  1.00 19.24  ? 86  ARG A NH1 1 
ATOM   660  N NH2 . ARG A 1 86  ? -9.877  9.071   -3.795  1.00 18.05  ? 86  ARG A NH2 1 
ATOM   661  N N   . PRO A 1 87  ? -9.737  8.229   3.331   1.00 17.89  ? 87  PRO A N   1 
ATOM   662  C CA  . PRO A 1 87  ? -9.761  6.765   3.257   1.00 18.46  ? 87  PRO A CA  1 
ATOM   663  C C   . PRO A 1 87  ? -9.773  6.272   1.810   1.00 18.65  ? 87  PRO A C   1 
ATOM   664  O O   . PRO A 1 87  ? -10.259 6.962   0.910   1.00 18.54  ? 87  PRO A O   1 
ATOM   665  C CB  . PRO A 1 87  ? -11.031 6.395   4.030   1.00 19.16  ? 87  PRO A CB  1 
ATOM   666  C CG  . PRO A 1 87  ? -11.878 7.640   3.941   1.00 21.18  ? 87  PRO A CG  1 
ATOM   667  C CD  . PRO A 1 87  ? -10.880 8.743   4.100   1.00 19.34  ? 87  PRO A CD  1 
ATOM   668  N N   . LEU A 1 88  ? -9.212  5.087   1.588   1.00 17.20  ? 88  LEU A N   1 
ATOM   669  C CA  . LEU A 1 88  ? -9.175  4.505   0.252   1.00 16.60  ? 88  LEU A CA  1 
ATOM   670  C C   . LEU A 1 88  ? -10.416 3.651   0.050   1.00 16.91  ? 88  LEU A C   1 
ATOM   671  O O   . LEU A 1 88  ? -10.666 2.711   0.802   1.00 16.27  ? 88  LEU A O   1 
ATOM   672  C CB  . LEU A 1 88  ? -7.927  3.643   0.077   1.00 15.03  ? 88  LEU A CB  1 
ATOM   673  C CG  . LEU A 1 88  ? -7.768  2.847   -1.216  1.00 16.80  ? 88  LEU A CG  1 
ATOM   674  C CD1 . LEU A 1 88  ? -7.536  3.800   -2.377  1.00 15.73  ? 88  LEU A CD1 1 
ATOM   675  C CD2 . LEU A 1 88  ? -6.601  1.886   -1.070  1.00 15.41  ? 88  LEU A CD2 1 
ATOM   676  N N   . LEU A 1 89  ? -11.201 3.988   -0.964  1.00 16.93  ? 89  LEU A N   1 
ATOM   677  C CA  . LEU A 1 89  ? -12.412 3.240   -1.261  1.00 17.13  ? 89  LEU A CA  1 
ATOM   678  C C   . LEU A 1 89  ? -12.058 1.836   -1.722  1.00 17.86  ? 89  LEU A C   1 
ATOM   679  O O   . LEU A 1 89  ? -11.068 1.636   -2.427  1.00 16.55  ? 89  LEU A O   1 
ATOM   680  C CB  . LEU A 1 89  ? -13.208 3.954   -2.354  1.00 18.27  ? 89  LEU A CB  1 
ATOM   681  C CG  . LEU A 1 89  ? -14.434 4.788   -1.976  1.00 18.26  ? 89  LEU A CG  1 
ATOM   682  C CD1 . LEU A 1 89  ? -14.243 5.502   -0.652  1.00 19.89  ? 89  LEU A CD1 1 
ATOM   683  C CD2 . LEU A 1 89  ? -14.713 5.767   -3.104  1.00 18.16  ? 89  LEU A CD2 1 
ATOM   684  N N   . VAL A 1 90  ? -12.861 0.857   -1.317  1.00 17.64  ? 90  VAL A N   1 
ATOM   685  C CA  . VAL A 1 90  ? -12.612 -0.518  -1.732  1.00 18.15  ? 90  VAL A CA  1 
ATOM   686  C C   . VAL A 1 90  ? -12.721 -0.578  -3.251  1.00 18.09  ? 90  VAL A C   1 
ATOM   687  O O   . VAL A 1 90  ? -11.994 -1.326  -3.906  1.00 16.10  ? 90  VAL A O   1 
ATOM   688  C CB  . VAL A 1 90  ? -13.631 -1.494  -1.090  1.00 18.06  ? 90  VAL A CB  1 
ATOM   689  C CG1 . VAL A 1 90  ? -13.523 -2.869  -1.728  1.00 21.17  ? 90  VAL A CG1 1 
ATOM   690  C CG2 . VAL A 1 90  ? -13.366 -1.598  0.401   1.00 18.65  ? 90  VAL A CG2 1 
ATOM   691  N N   . SER A 1 91  ? -13.618 0.237   -3.804  1.00 18.65  ? 91  SER A N   1 
ATOM   692  C CA  . SER A 1 91  ? -13.839 0.291   -5.249  1.00 19.19  ? 91  SER A CA  1 
ATOM   693  C C   . SER A 1 91  ? -12.681 0.933   -6.011  1.00 19.42  ? 91  SER A C   1 
ATOM   694  O O   . SER A 1 91  ? -12.604 0.831   -7.237  1.00 19.81  ? 91  SER A O   1 
ATOM   695  C CB  . SER A 1 91  ? -15.126 1.062   -5.561  1.00 19.53  ? 91  SER A CB  1 
ATOM   696  O OG  . SER A 1 91  ? -15.036 2.413   -5.138  1.00 19.04  ? 91  SER A OG  1 
ATOM   697  N N   . GLU A 1 92  ? -11.786 1.598   -5.293  1.00 18.52  ? 92  GLU A N   1 
ATOM   698  C CA  . GLU A 1 92  ? -10.656 2.252   -5.943  1.00 18.66  ? 92  GLU A CA  1 
ATOM   699  C C   . GLU A 1 92  ? -9.454  1.328   -6.118  1.00 19.09  ? 92  GLU A C   1 
ATOM   700  O O   . GLU A 1 92  ? -8.432  1.717   -6.690  1.00 18.39  ? 92  GLU A O   1 
ATOM   701  C CB  . GLU A 1 92  ? -10.268 3.511   -5.162  1.00 17.45  ? 92  GLU A CB  1 
ATOM   702  C CG  . GLU A 1 92  ? -11.332 4.596   -5.227  1.00 18.79  ? 92  GLU A CG  1 
ATOM   703  C CD  . GLU A 1 92  ? -10.985 5.835   -4.430  1.00 17.57  ? 92  GLU A CD  1 
ATOM   704  O OE1 . GLU A 1 92  ? -10.591 5.698   -3.253  1.00 18.11  ? 92  GLU A OE1 1 
ATOM   705  O OE2 . GLU A 1 92  ? -11.120 6.953   -4.980  1.00 18.60  ? 92  GLU A OE2 1 
ATOM   706  N N   . VAL A 1 93  ? -9.581  0.099   -5.629  1.00 18.05  ? 93  VAL A N   1 
ATOM   707  C CA  . VAL A 1 93  ? -8.512  -0.879  -5.762  1.00 17.41  ? 93  VAL A CA  1 
ATOM   708  C C   . VAL A 1 93  ? -8.692  -1.600  -7.093  1.00 19.98  ? 93  VAL A C   1 
ATOM   709  O O   . VAL A 1 93  ? -9.737  -2.205  -7.336  1.00 18.66  ? 93  VAL A O   1 
ATOM   710  C CB  . VAL A 1 93  ? -8.552  -1.925  -4.627  1.00 17.51  ? 93  VAL A CB  1 
ATOM   711  C CG1 . VAL A 1 93  ? -7.552  -3.028  -4.913  1.00 17.08  ? 93  VAL A CG1 1 
ATOM   712  C CG2 . VAL A 1 93  ? -8.240  -1.264  -3.295  1.00 15.89  ? 93  VAL A CG2 1 
ATOM   713  N N   . THR A 1 94  ? -7.676  -1.537  -7.951  1.00 20.24  ? 94  THR A N   1 
ATOM   714  C CA  . THR A 1 94  ? -7.748  -2.184  -9.257  1.00 22.33  ? 94  THR A CA  1 
ATOM   715  C C   . THR A 1 94  ? -7.549  -3.694  -9.136  1.00 22.79  ? 94  THR A C   1 
ATOM   716  O O   . THR A 1 94  ? -8.230  -4.470  -9.807  1.00 21.75  ? 94  THR A O   1 
ATOM   717  C CB  . THR A 1 94  ? -6.707  -1.588  -10.224 1.00 23.92  ? 94  THR A CB  1 
ATOM   718  O OG1 . THR A 1 94  ? -5.384  -1.894  -9.766  1.00 29.66  ? 94  THR A OG1 1 
ATOM   719  C CG2 . THR A 1 94  ? -6.867  -0.077  -10.295 1.00 24.53  ? 94  THR A CG2 1 
ATOM   720  N N   . ARG A 1 95  ? -6.616  -4.111  -8.285  1.00 21.62  ? 95  ARG A N   1 
ATOM   721  C CA  . ARG A 1 95  ? -6.383  -5.535  -8.070  1.00 22.40  ? 95  ARG A CA  1 
ATOM   722  C C   . ARG A 1 95  ? -5.619  -5.801  -6.780  1.00 21.67  ? 95  ARG A C   1 
ATOM   723  O O   . ARG A 1 95  ? -4.858  -4.956  -6.305  1.00 20.08  ? 95  ARG A O   1 
ATOM   724  C CB  . ARG A 1 95  ? -5.642  -6.168  -9.255  1.00 25.28  ? 95  ARG A CB  1 
ATOM   725  C CG  . ARG A 1 95  ? -4.218  -5.699  -9.474  1.00 28.74  ? 95  ARG A CG  1 
ATOM   726  C CD  . ARG A 1 95  ? -3.472  -6.670  -10.394 1.00 31.76  ? 95  ARG A CD  1 
ATOM   727  N NE  . ARG A 1 95  ? -2.213  -6.113  -10.884 1.00 34.99  ? 95  ARG A NE  1 
ATOM   728  C CZ  . ARG A 1 95  ? -2.122  -5.241  -11.887 1.00 35.64  ? 95  ARG A CZ  1 
ATOM   729  N NH1 . ARG A 1 95  ? -3.219  -4.829  -12.512 1.00 37.20  ? 95  ARG A NH1 1 
ATOM   730  N NH2 . ARG A 1 95  ? -0.937  -4.774  -12.259 1.00 35.23  ? 95  ARG A NH2 1 
ATOM   731  N N   . GLU A 1 96  ? -5.842  -6.983  -6.218  1.00 19.80  ? 96  GLU A N   1 
ATOM   732  C CA  . GLU A 1 96  ? -5.187  -7.386  -4.984  1.00 20.05  ? 96  GLU A CA  1 
ATOM   733  C C   . GLU A 1 96  ? -4.472  -8.710  -5.181  1.00 21.45  ? 96  GLU A C   1 
ATOM   734  O O   . GLU A 1 96  ? -4.731  -9.432  -6.146  1.00 22.98  ? 96  GLU A O   1 
ATOM   735  C CB  . GLU A 1 96  ? -6.209  -7.524  -3.854  1.00 19.58  ? 96  GLU A CB  1 
ATOM   736  C CG  . GLU A 1 96  ? -7.360  -8.465  -4.164  1.00 20.42  ? 96  GLU A CG  1 
ATOM   737  C CD  . GLU A 1 96  ? -8.249  -8.699  -2.958  1.00 21.21  ? 96  GLU A CD  1 
ATOM   738  O OE1 . GLU A 1 96  ? -7.852  -9.475  -2.064  1.00 20.09  ? 96  GLU A OE1 1 
ATOM   739  O OE2 . GLU A 1 96  ? -9.342  -8.095  -2.895  1.00 20.99  ? 96  GLU A OE2 1 
ATOM   740  N N   . ALA A 1 97  ? -3.582  -9.026  -4.249  1.00 18.91  ? 97  ALA A N   1 
ATOM   741  C CA  . ALA A 1 97  ? -2.816  -10.261 -4.310  1.00 19.55  ? 97  ALA A CA  1 
ATOM   742  C C   . ALA A 1 97  ? -2.267  -10.600 -2.939  1.00 18.25  ? 97  ALA A C   1 
ATOM   743  O O   . ALA A 1 97  ? -1.886  -9.709  -2.173  1.00 18.77  ? 97  ALA A O   1 
ATOM   744  C CB  . ALA A 1 97  ? -1.671  -10.107 -5.297  1.00 17.30  ? 97  ALA A CB  1 
ATOM   745  N N   . ASP A 1 98  ? -2.239  -11.889 -2.618  1.00 18.51  ? 98  ASP A N   1 
ATOM   746  C CA  . ASP A 1 98  ? -1.699  -12.313 -1.337  1.00 18.81  ? 98  ASP A CA  1 
ATOM   747  C C   . ASP A 1 98  ? -0.204  -12.488 -1.533  1.00 17.59  ? 98  ASP A C   1 
ATOM   748  O O   . ASP A 1 98  ? 0.235   -13.114 -2.496  1.00 19.09  ? 98  ASP A O   1 
ATOM   749  C CB  . ASP A 1 98  ? -2.337  -13.624 -0.882  1.00 19.72  ? 98  ASP A CB  1 
ATOM   750  C CG  . ASP A 1 98  ? -3.834  -13.503 -0.688  1.00 22.12  ? 98  ASP A CG  1 
ATOM   751  O OD1 . ASP A 1 98  ? -4.290  -12.477 -0.138  1.00 21.76  ? 98  ASP A OD1 1 
ATOM   752  O OD2 . ASP A 1 98  ? -4.554  -14.444 -1.082  1.00 25.77  ? 98  ASP A OD2 1 
ATOM   753  N N   . LEU A 1 99  ? 0.575   -11.926 -0.620  1.00 16.58  ? 99  LEU A N   1 
ATOM   754  C CA  . LEU A 1 99  ? 2.028   -11.979 -0.707  1.00 14.90  ? 99  LEU A CA  1 
ATOM   755  C C   . LEU A 1 99  ? 2.678   -13.155 0.007   1.00 15.46  ? 99  LEU A C   1 
ATOM   756  O O   . LEU A 1 99  ? 2.143   -13.678 0.985   1.00 17.10  ? 99  LEU A O   1 
ATOM   757  C CB  . LEU A 1 99  ? 2.616   -10.680 -0.157  1.00 14.94  ? 99  LEU A CB  1 
ATOM   758  C CG  . LEU A 1 99  ? 2.231   -9.391  -0.884  1.00 13.35  ? 99  LEU A CG  1 
ATOM   759  C CD1 . LEU A 1 99  ? 2.745   -8.194  -0.105  1.00 12.22  ? 99  LEU A CD1 1 
ATOM   760  C CD2 . LEU A 1 99  ? 2.807   -9.409  -2.293  1.00 11.61  ? 99  LEU A CD2 1 
ATOM   761  N N   . ASP A 1 100 ? 3.839   -13.557 -0.507  1.00 15.69  ? 100 ASP A N   1 
ATOM   762  C CA  . ASP A 1 100 ? 4.629   -14.647 0.054   1.00 16.70  ? 100 ASP A CA  1 
ATOM   763  C C   . ASP A 1 100 ? 5.942   -14.030 0.534   1.00 16.32  ? 100 ASP A C   1 
ATOM   764  O O   . ASP A 1 100 ? 6.388   -13.019 -0.002  1.00 16.94  ? 100 ASP A O   1 
ATOM   765  C CB  . ASP A 1 100 ? 4.949   -15.710 -1.008  1.00 18.95  ? 100 ASP A CB  1 
ATOM   766  C CG  . ASP A 1 100 ? 3.707   -16.390 -1.561  1.00 22.34  ? 100 ASP A CG  1 
ATOM   767  O OD1 . ASP A 1 100 ? 2.864   -16.833 -0.755  1.00 22.89  ? 100 ASP A OD1 1 
ATOM   768  O OD2 . ASP A 1 100 ? 3.586   -16.487 -2.801  1.00 25.75  ? 100 ASP A OD2 1 
ATOM   769  N N   . LEU A 1 101 ? 6.559   -14.645 1.536   1.00 15.05  ? 101 LEU A N   1 
ATOM   770  C CA  . LEU A 1 101 ? 7.824   -14.155 2.087   1.00 16.65  ? 101 LEU A CA  1 
ATOM   771  C C   . LEU A 1 101 ? 9.003   -14.936 1.517   1.00 16.22  ? 101 LEU A C   1 
ATOM   772  O O   . LEU A 1 101 ? 8.863   -16.115 1.186   1.00 16.31  ? 101 LEU A O   1 
ATOM   773  C CB  . LEU A 1 101 ? 7.826   -14.315 3.607   1.00 17.21  ? 101 LEU A CB  1 
ATOM   774  C CG  . LEU A 1 101 ? 7.320   -13.223 4.557   1.00 19.67  ? 101 LEU A CG  1 
ATOM   775  C CD1 . LEU A 1 101 ? 6.210   -12.405 3.944   1.00 18.61  ? 101 LEU A CD1 1 
ATOM   776  C CD2 . LEU A 1 101 ? 6.875   -13.890 5.846   1.00 19.77  ? 101 LEU A CD2 1 
ATOM   777  N N   . ASP A 1 102 ? 10.157  -14.286 1.382   1.00 15.79  ? 102 ASP A N   1 
ATOM   778  C CA  . ASP A 1 102 ? 11.340  -14.993 0.899   1.00 14.72  ? 102 ASP A CA  1 
ATOM   779  C C   . ASP A 1 102 ? 12.073  -15.524 2.127   1.00 17.03  ? 102 ASP A C   1 
ATOM   780  O O   . ASP A 1 102 ? 11.546  -15.445 3.243   1.00 15.45  ? 102 ASP A O   1 
ATOM   781  C CB  . ASP A 1 102 ? 12.240  -14.082 0.044   1.00 14.51  ? 102 ASP A CB  1 
ATOM   782  C CG  . ASP A 1 102 ? 12.834  -12.917 0.818   1.00 15.72  ? 102 ASP A CG  1 
ATOM   783  O OD1 . ASP A 1 102 ? 13.333  -11.983 0.148   1.00 16.36  ? 102 ASP A OD1 1 
ATOM   784  O OD2 . ASP A 1 102 ? 12.822  -12.926 2.070   1.00 15.86  ? 102 ASP A OD2 1 
ATOM   785  N N   . ALA A 1 103 ? 13.272  -16.067 1.930   1.00 18.01  ? 103 ALA A N   1 
ATOM   786  C CA  . ALA A 1 103 ? 14.051  -16.645 3.024   1.00 19.50  ? 103 ALA A CA  1 
ATOM   787  C C   . ALA A 1 103 ? 14.363  -15.676 4.161   1.00 20.37  ? 103 ALA A C   1 
ATOM   788  O O   . ALA A 1 103 ? 14.499  -16.090 5.313   1.00 21.66  ? 103 ALA A O   1 
ATOM   789  C CB  . ALA A 1 103 ? 15.347  -17.236 2.478   1.00 20.98  ? 103 ALA A CB  1 
ATOM   790  N N   . ASP A 1 104 ? 14.477  -14.393 3.837   1.00 19.19  ? 104 ASP A N   1 
ATOM   791  C CA  . ASP A 1 104 ? 14.780  -13.376 4.839   1.00 19.76  ? 104 ASP A CA  1 
ATOM   792  C C   . ASP A 1 104 ? 13.520  -12.845 5.513   1.00 18.77  ? 104 ASP A C   1 
ATOM   793  O O   . ASP A 1 104 ? 13.593  -11.976 6.383   1.00 18.63  ? 104 ASP A O   1 
ATOM   794  C CB  . ASP A 1 104 ? 15.527  -12.207 4.201   1.00 20.30  ? 104 ASP A CB  1 
ATOM   795  C CG  . ASP A 1 104 ? 16.771  -12.647 3.467   1.00 22.63  ? 104 ASP A CG  1 
ATOM   796  O OD1 . ASP A 1 104 ? 17.489  -13.523 3.997   1.00 23.62  ? 104 ASP A OD1 1 
ATOM   797  O OD2 . ASP A 1 104 ? 17.033  -12.110 2.368   1.00 23.90  ? 104 ASP A OD2 1 
ATOM   798  N N   . GLY A 1 105 ? 12.369  -13.368 5.104   1.00 18.12  ? 105 GLY A N   1 
ATOM   799  C CA  . GLY A 1 105 ? 11.113  -12.921 5.677   1.00 16.03  ? 105 GLY A CA  1 
ATOM   800  C C   . GLY A 1 105 ? 10.591  -11.672 4.991   1.00 15.51  ? 105 GLY A C   1 
ATOM   801  O O   . GLY A 1 105 ? 9.634   -11.050 5.456   1.00 17.84  ? 105 GLY A O   1 
ATOM   802  N N   . VAL A 1 106 ? 11.224  -11.298 3.883   1.00 13.38  ? 106 VAL A N   1 
ATOM   803  C CA  . VAL A 1 106 ? 10.817  -10.112 3.132   1.00 12.98  ? 106 VAL A CA  1 
ATOM   804  C C   . VAL A 1 106 ? 9.726   -10.467 2.120   1.00 13.09  ? 106 VAL A C   1 
ATOM   805  O O   . VAL A 1 106 ? 9.864   -11.425 1.353   1.00 14.15  ? 106 VAL A O   1 
ATOM   806  C CB  . VAL A 1 106 ? 12.007  -9.498  2.355   1.00 14.00  ? 106 VAL A CB  1 
ATOM   807  C CG1 . VAL A 1 106 ? 11.538  -8.287  1.539   1.00 12.89  ? 106 VAL A CG1 1 
ATOM   808  C CG2 . VAL A 1 106 ? 13.108  -9.099  3.321   1.00 16.57  ? 106 VAL A CG2 1 
ATOM   809  N N   . PRO A 1 107 ? 8.622   -9.707  2.117   1.00 12.54  ? 107 PRO A N   1 
ATOM   810  C CA  . PRO A 1 107 ? 7.519   -9.958  1.181   1.00 11.98  ? 107 PRO A CA  1 
ATOM   811  C C   . PRO A 1 107 ? 8.005   -9.778  -0.264  1.00 12.40  ? 107 PRO A C   1 
ATOM   812  O O   . PRO A 1 107 ? 8.674   -8.793  -0.582  1.00 13.77  ? 107 PRO A O   1 
ATOM   813  C CB  . PRO A 1 107 ? 6.487   -8.899  1.572   1.00 10.86  ? 107 PRO A CB  1 
ATOM   814  C CG  . PRO A 1 107 ? 6.768   -8.675  3.047   1.00 11.10  ? 107 PRO A CG  1 
ATOM   815  C CD  . PRO A 1 107 ? 8.275   -8.629  3.063   1.00 10.38  ? 107 PRO A CD  1 
ATOM   816  N N   . GLN A 1 108 ? 7.675   -10.724 -1.137  1.00 12.14  ? 108 GLN A N   1 
ATOM   817  C CA  . GLN A 1 108 ? 8.103   -10.631 -2.532  1.00 13.13  ? 108 GLN A CA  1 
ATOM   818  C C   . GLN A 1 108 ? 7.087   -9.865  -3.377  1.00 12.89  ? 108 GLN A C   1 
ATOM   819  O O   . GLN A 1 108 ? 5.953   -10.309 -3.538  1.00 12.54  ? 108 GLN A O   1 
ATOM   820  C CB  . GLN A 1 108 ? 8.302   -12.030 -3.127  1.00 15.61  ? 108 GLN A CB  1 
ATOM   821  C CG  . GLN A 1 108 ? 9.369   -12.869 -2.444  1.00 17.95  ? 108 GLN A CG  1 
ATOM   822  C CD  . GLN A 1 108 ? 9.643   -14.170 -3.182  1.00 19.89  ? 108 GLN A CD  1 
ATOM   823  O OE1 . GLN A 1 108 ? 8.758   -15.012 -3.333  1.00 21.63  ? 108 GLN A OE1 1 
ATOM   824  N NE2 . GLN A 1 108 ? 10.878  -14.336 -3.649  1.00 20.30  ? 108 GLN A NE2 1 
ATOM   825  N N   . LEU A 1 109 ? 7.493   -8.722  -3.923  1.00 13.15  ? 109 LEU A N   1 
ATOM   826  C CA  . LEU A 1 109 ? 6.591   -7.921  -4.755  1.00 14.34  ? 109 LEU A CA  1 
ATOM   827  C C   . LEU A 1 109 ? 6.961   -7.980  -6.233  1.00 13.79  ? 109 LEU A C   1 
ATOM   828  O O   . LEU A 1 109 ? 6.172   -7.588  -7.091  1.00 15.30  ? 109 LEU A O   1 
ATOM   829  C CB  . LEU A 1 109 ? 6.606   -6.452  -4.322  1.00 12.90  ? 109 LEU A CB  1 
ATOM   830  C CG  . LEU A 1 109 ? 6.241   -6.070  -2.889  1.00 15.41  ? 109 LEU A CG  1 
ATOM   831  C CD1 . LEU A 1 109 ? 5.806   -4.609  -2.883  1.00 14.80  ? 109 LEU A CD1 1 
ATOM   832  C CD2 . LEU A 1 109 ? 5.131   -6.940  -2.369  1.00 15.22  ? 109 LEU A CD2 1 
ATOM   833  N N   . GLY A 1 110 ? 8.166   -8.467  -6.512  1.00 14.18  ? 110 GLY A N   1 
ATOM   834  C CA  . GLY A 1 110 ? 8.669   -8.552  -7.871  1.00 14.67  ? 110 GLY A CA  1 
ATOM   835  C C   . GLY A 1 110 ? 7.699   -8.889  -8.989  1.00 16.12  ? 110 GLY A C   1 
ATOM   836  O O   . GLY A 1 110 ? 7.414   -8.048  -9.844  1.00 14.99  ? 110 GLY A O   1 
ATOM   837  N N   . ASP A 1 111 ? 7.196   -10.118 -9.002  1.00 15.75  ? 111 ASP A N   1 
ATOM   838  C CA  . ASP A 1 111 ? 6.281   -10.534 -10.060 1.00 17.87  ? 111 ASP A CA  1 
ATOM   839  C C   . ASP A 1 111 ? 4.986   -9.733  -10.124 1.00 18.06  ? 111 ASP A C   1 
ATOM   840  O O   . ASP A 1 111 ? 4.414   -9.552  -11.200 1.00 19.49  ? 111 ASP A O   1 
ATOM   841  C CB  . ASP A 1 111 ? 5.970   -12.027 -9.934  1.00 18.10  ? 111 ASP A CB  1 
ATOM   842  C CG  . ASP A 1 111 ? 7.199   -12.891 -10.139 1.00 20.18  ? 111 ASP A CG  1 
ATOM   843  O OD1 . ASP A 1 111 ? 8.119   -12.450 -10.855 1.00 19.15  ? 111 ASP A OD1 1 
ATOM   844  O OD2 . ASP A 1 111 ? 7.241   -14.016 -9.599  1.00 23.95  ? 111 ASP A OD2 1 
ATOM   845  N N   . HIS A 1 112 ? 4.519   -9.244  -8.981  1.00 17.34  ? 112 HIS A N   1 
ATOM   846  C CA  . HIS A 1 112 ? 3.299   -8.458  -8.971  1.00 19.17  ? 112 HIS A CA  1 
ATOM   847  C C   . HIS A 1 112 ? 3.529   -7.071  -9.552  1.00 19.60  ? 112 HIS A C   1 
ATOM   848  O O   . HIS A 1 112 ? 2.676   -6.542  -10.259 1.00 20.84  ? 112 HIS A O   1 
ATOM   849  C CB  . HIS A 1 112 ? 2.738   -8.369  -7.553  1.00 20.29  ? 112 HIS A CB  1 
ATOM   850  C CG  . HIS A 1 112 ? 2.265   -9.686  -7.027  1.00 24.01  ? 112 HIS A CG  1 
ATOM   851  N ND1 . HIS A 1 112 ? 2.936   -10.380 -6.043  1.00 25.77  ? 112 HIS A ND1 1 
ATOM   852  C CD2 . HIS A 1 112 ? 1.232   -10.475 -7.407  1.00 24.29  ? 112 HIS A CD2 1 
ATOM   853  C CE1 . HIS A 1 112 ? 2.340   -11.543 -5.843  1.00 26.48  ? 112 HIS A CE1 1 
ATOM   854  N NE2 . HIS A 1 112 ? 1.304   -11.625 -6.658  1.00 26.94  ? 112 HIS A NE2 1 
ATOM   855  N N   . LEU A 1 113 ? 4.686   -6.483  -9.265  1.00 19.15  ? 113 LEU A N   1 
ATOM   856  C CA  . LEU A 1 113 ? 4.996   -5.161  -9.790  1.00 18.84  ? 113 LEU A CA  1 
ATOM   857  C C   . LEU A 1 113 ? 5.245   -5.235  -11.292 1.00 21.41  ? 113 LEU A C   1 
ATOM   858  O O   . LEU A 1 113 ? 4.966   -4.287  -12.027 1.00 20.48  ? 113 LEU A O   1 
ATOM   859  C CB  . LEU A 1 113 ? 6.234   -4.589  -9.091  1.00 18.56  ? 113 LEU A CB  1 
ATOM   860  C CG  . LEU A 1 113 ? 6.064   -4.277  -7.603  1.00 18.24  ? 113 LEU A CG  1 
ATOM   861  C CD1 . LEU A 1 113 ? 7.391   -3.803  -7.013  1.00 19.68  ? 113 LEU A CD1 1 
ATOM   862  C CD2 . LEU A 1 113 ? 4.980   -3.209  -7.427  1.00 20.02  ? 113 LEU A CD2 1 
ATOM   863  N N   . ALA A 1 114 ? 5.767   -6.373  -11.735 1.00 23.15  ? 114 ALA A N   1 
ATOM   864  C CA  . ALA A 1 114 ? 6.078   -6.592  -13.145 1.00 25.34  ? 114 ALA A CA  1 
ATOM   865  C C   . ALA A 1 114 ? 4.835   -6.564  -14.024 1.00 27.46  ? 114 ALA A C   1 
ATOM   866  O O   . ALA A 1 114 ? 4.921   -6.325  -15.229 1.00 28.92  ? 114 ALA A O   1 
ATOM   867  C CB  . ALA A 1 114 ? 6.803   -7.926  -13.310 1.00 24.70  ? 114 ALA A CB  1 
ATOM   868  N N   . LEU A 1 115 ? 3.679   -6.808  -13.420 1.00 28.89  ? 115 LEU A N   1 
ATOM   869  C CA  . LEU A 1 115 ? 2.425   -6.812  -14.158 1.00 30.85  ? 115 LEU A CA  1 
ATOM   870  C C   . LEU A 1 115 ? 2.111   -5.445  -14.753 1.00 31.97  ? 115 LEU A C   1 
ATOM   871  O O   . LEU A 1 115 ? 1.606   -5.414  -15.894 1.00 33.84  ? 115 LEU A O   1 
ATOM   872  C CB  . LEU A 1 115 ? 1.284   -7.270  -13.248 1.00 29.06  ? 115 LEU A CB  1 
ATOM   873  C CG  . LEU A 1 115 ? 1.463   -8.682  -12.681 1.00 28.60  ? 115 LEU A CG  1 
ATOM   874  C CD1 . LEU A 1 115 ? 0.244   -9.052  -11.854 1.00 29.22  ? 115 LEU A CD1 1 
ATOM   875  C CD2 . LEU A 1 115 ? 1.666   -9.680  -13.819 1.00 28.32  ? 115 LEU A CD2 1 
ATOM   876  O OXT . LEU A 1 115 ? 2.372   -4.423  -14.081 1.00 31.58  ? 115 LEU A OXT 1 
HETATM 877  O O   . HOH B 2 .   ? 16.841  6.703   0.072   1.00 11.67  ? 116 HOH A O   1 
HETATM 878  O O   . HOH B 2 .   ? -8.877  -1.883  7.933   1.00 11.80  ? 117 HOH A O   1 
HETATM 879  O O   . HOH B 2 .   ? 10.092  -1.689  -5.764  1.00 13.08  ? 118 HOH A O   1 
HETATM 880  O O   . HOH B 2 .   ? 11.964  -0.600  -4.058  1.00 5.50   ? 119 HOH A O   1 
HETATM 881  O O   . HOH B 2 .   ? 9.848   5.359   4.798   1.00 16.70  ? 120 HOH A O   1 
HETATM 882  O O   . HOH B 2 .   ? -15.918 1.205   -2.055  1.00 11.52  ? 121 HOH A O   1 
HETATM 883  O O   . HOH B 2 .   ? -0.430  -1.375  6.371   1.00 8.88   ? 122 HOH A O   1 
HETATM 884  O O   . HOH B 2 .   ? 1.942   0.671   2.441   1.00 20.50  ? 123 HOH A O   1 
HETATM 885  O O   . HOH B 2 .   ? 4.463   -12.588 -3.143  1.00 11.16  ? 124 HOH A O   1 
HETATM 886  O O   . HOH B 2 .   ? 13.041  14.150  1.161   1.00 13.73  ? 125 HOH A O   1 
HETATM 887  O O   . HOH B 2 .   ? 10.306  -9.995  -5.144  1.00 18.09  ? 126 HOH A O   1 
HETATM 888  O O   . HOH B 2 .   ? 10.008  -4.934  9.102   1.00 13.20  ? 127 HOH A O   1 
HETATM 889  O O   . HOH B 2 .   ? 13.630  1.581   -3.669  1.00 13.82  ? 128 HOH A O   1 
HETATM 890  O O   . HOH B 2 .   ? 12.379  14.958  -5.291  1.00 14.29  ? 129 HOH A O   1 
HETATM 891  O O   . HOH B 2 .   ? 15.473  -10.396 7.495   1.00 12.96  ? 130 HOH A O   1 
HETATM 892  O O   . HOH B 2 .   ? 7.095   -6.669  10.459  1.00 15.16  ? 131 HOH A O   1 
HETATM 893  O O   . HOH B 2 .   ? 4.369   -11.795 1.869   1.00 102.35 ? 132 HOH A O   1 
HETATM 894  O O   . HOH B 2 .   ? 3.310   0.646   -0.118  1.00 15.42  ? 133 HOH A O   1 
HETATM 895  O O   . HOH B 2 .   ? 15.325  -10.601 0.746   1.00 15.68  ? 134 HOH A O   1 
HETATM 896  O O   . HOH B 2 .   ? 0.921   1.089   6.900   1.00 17.81  ? 135 HOH A O   1 
HETATM 897  O O   . HOH B 2 .   ? -8.059  4.191   -8.372  1.00 27.64  ? 136 HOH A O   1 
HETATM 898  O O   . HOH B 2 .   ? 9.230   -6.073  -10.939 1.00 18.53  ? 137 HOH A O   1 
HETATM 899  O O   . HOH B 2 .   ? 13.179  6.101   -2.147  1.00 11.98  ? 138 HOH A O   1 
HETATM 900  O O   . HOH B 2 .   ? -20.674 -4.567  6.534   1.00 18.93  ? 139 HOH A O   1 
HETATM 901  O O   . HOH B 2 .   ? -16.918 -3.337  0.614   1.00 18.84  ? 140 HOH A O   1 
HETATM 902  O O   . HOH B 2 .   ? 7.892   -13.739 11.293  1.00 19.30  ? 141 HOH A O   1 
HETATM 903  O O   . HOH B 2 .   ? 3.904   -0.673  -11.173 1.00 24.69  ? 142 HOH A O   1 
HETATM 904  O O   . HOH B 2 .   ? -10.706 -8.444  9.902   1.00 22.62  ? 143 HOH A O   1 
HETATM 905  O O   . HOH B 2 .   ? -4.113  -10.544 8.989   1.00 18.73  ? 144 HOH A O   1 
HETATM 906  O O   . HOH B 2 .   ? -9.550  13.129  -3.399  1.00 24.68  ? 145 HOH A O   1 
HETATM 907  O O   . HOH B 2 .   ? 4.784   4.939   2.012   1.00 11.47  ? 146 HOH A O   1 
HETATM 908  O O   . HOH B 2 .   ? 13.845  -15.362 7.972   1.00 19.23  ? 147 HOH A O   1 
HETATM 909  O O   . HOH B 2 .   ? 12.146  3.718   -1.865  1.00 17.12  ? 148 HOH A O   1 
HETATM 910  O O   . HOH B 2 .   ? -2.056  -1.259  11.544  1.00 20.45  ? 149 HOH A O   1 
HETATM 911  O O   . HOH B 2 .   ? 10.411  -16.591 5.563   1.00 21.94  ? 150 HOH A O   1 
HETATM 912  O O   . HOH B 2 .   ? -10.019 0.722   7.764   1.00 22.54  ? 151 HOH A O   1 
HETATM 913  O O   . HOH B 2 .   ? -3.095  -13.694 -4.602  1.00 17.75  ? 152 HOH A O   1 
HETATM 914  O O   . HOH B 2 .   ? -7.655  -8.627  -7.759  1.00 24.53  ? 153 HOH A O   1 
HETATM 915  O O   . HOH B 2 .   ? 4.030   2.627   -10.090 1.00 21.40  ? 154 HOH A O   1 
HETATM 916  O O   . HOH B 2 .   ? -0.618  -3.456  8.119   1.00 27.40  ? 155 HOH A O   1 
HETATM 917  O O   . HOH B 2 .   ? -3.543  -6.843  11.331  1.00 25.61  ? 156 HOH A O   1 
HETATM 918  O O   . HOH B 2 .   ? 5.153   -16.881 2.713   1.00 19.26  ? 157 HOH A O   1 
HETATM 919  O O   . HOH B 2 .   ? 1.262   16.177  -5.419  1.00 25.08  ? 158 HOH A O   1 
HETATM 920  O O   . HOH B 2 .   ? 16.789  3.313   -2.231  1.00 22.80  ? 159 HOH A O   1 
HETATM 921  O O   . HOH B 2 .   ? -18.140 2.706   -6.083  1.00 30.95  ? 160 HOH A O   1 
HETATM 922  O O   . HOH B 2 .   ? -12.609 8.360   0.962   1.00 16.11  ? 161 HOH A O   1 
HETATM 923  O O   . HOH B 2 .   ? -11.846 -8.519  -2.771  1.00 23.65  ? 162 HOH A O   1 
HETATM 924  O O   . HOH B 2 .   ? 13.319  0.017   -7.461  1.00 21.81  ? 163 HOH A O   1 
HETATM 925  O O   . HOH B 2 .   ? 16.899  3.913   1.565   1.00 22.72  ? 164 HOH A O   1 
HETATM 926  O O   . HOH B 2 .   ? -14.542 4.133   -7.187  1.00 18.65  ? 165 HOH A O   1 
HETATM 927  O O   . HOH B 2 .   ? -2.231  -6.163  -6.138  1.00 22.50  ? 166 HOH A O   1 
HETATM 928  O O   . HOH B 2 .   ? 16.033  10.001  -5.109  1.00 16.13  ? 167 HOH A O   1 
HETATM 929  O O   . HOH B 2 .   ? -4.244  15.166  7.783   1.00 29.03  ? 168 HOH A O   1 
HETATM 930  O O   . HOH B 2 .   ? 11.741  -10.247 -1.370  1.00 22.05  ? 169 HOH A O   1 
HETATM 931  O O   . HOH B 2 .   ? 10.495  -6.444  -6.323  1.00 16.19  ? 170 HOH A O   1 
HETATM 932  O O   . HOH B 2 .   ? 0.982   -5.046  9.521   1.00 26.18  ? 171 HOH A O   1 
HETATM 933  O O   . HOH B 2 .   ? 10.148  10.534  -6.917  1.00 23.60  ? 172 HOH A O   1 
HETATM 934  O O   . HOH B 2 .   ? 13.207  -12.118 -2.848  1.00 28.73  ? 173 HOH A O   1 
HETATM 935  O O   . HOH B 2 .   ? -13.266 8.896   -3.879  1.00 20.41  ? 174 HOH A O   1 
HETATM 936  O O   . HOH B 2 .   ? 10.736  16.870  -5.418  1.00 39.48  ? 175 HOH A O   1 
HETATM 937  O O   . HOH B 2 .   ? -4.253  11.804  -8.143  1.00 32.92  ? 176 HOH A O   1 
HETATM 938  O O   . HOH B 2 .   ? -10.041 -10.417 -0.728  1.00 37.67  ? 177 HOH A O   1 
HETATM 939  O O   . HOH B 2 .   ? 0.927   -4.666  -10.440 1.00 22.83  ? 178 HOH A O   1 
HETATM 940  O O   . HOH B 2 .   ? 5.401   -2.139  10.341  1.00 30.45  ? 179 HOH A O   1 
HETATM 941  O O   . HOH B 2 .   ? 2.197   1.818   -12.936 1.00 22.46  ? 180 HOH A O   1 
HETATM 942  O O   . HOH B 2 .   ? -5.498  7.750   7.361   1.00 20.55  ? 181 HOH A O   1 
HETATM 943  O O   . HOH B 2 .   ? 14.823  -16.233 -0.399  1.00 33.66  ? 182 HOH A O   1 
HETATM 944  O O   . HOH B 2 .   ? -1.870  8.170   -12.949 1.00 42.34  ? 183 HOH A O   1 
HETATM 945  O O   . HOH B 2 .   ? 5.579   4.797   -10.978 1.00 28.16  ? 184 HOH A O   1 
HETATM 946  O O   . HOH B 2 .   ? -5.579  -10.991 -2.567  1.00 38.57  ? 185 HOH A O   1 
HETATM 947  O O   . HOH B 2 .   ? 0.482   -8.693  9.541   1.00 23.70  ? 186 HOH A O   1 
HETATM 948  O O   . HOH B 2 .   ? 8.294   3.054   -12.398 1.00 77.29  ? 187 HOH A O   1 
HETATM 949  O O   . HOH B 2 .   ? -14.780 -8.732  4.971   1.00 22.73  ? 188 HOH A O   1 
HETATM 950  O O   . HOH B 2 .   ? 3.082   -3.444  10.047  1.00 23.94  ? 189 HOH A O   1 
HETATM 951  O O   . HOH B 2 .   ? -1.195  11.435  -9.227  1.00 22.94  ? 190 HOH A O   1 
HETATM 952  O O   . HOH B 2 .   ? -1.284  -10.230 7.710   1.00 35.75  ? 191 HOH A O   1 
HETATM 953  O O   . HOH B 2 .   ? -6.409  12.063  5.739   1.00 28.25  ? 192 HOH A O   1 
HETATM 954  O O   . HOH B 2 .   ? 1.967   -14.027 -4.395  1.00 29.37  ? 193 HOH A O   1 
HETATM 955  O O   . HOH B 2 .   ? 14.017  -1.730  8.362   1.00 71.87  ? 194 HOH A O   1 
HETATM 956  O O   . HOH B 2 .   ? -14.704 -3.456  9.694   1.00 31.07  ? 195 HOH A O   1 
HETATM 957  O O   . HOH B 2 .   ? 12.500  6.787   5.553   1.00 32.88  ? 196 HOH A O   1 
HETATM 958  O O   . HOH B 2 .   ? -14.237 4.688   11.568  1.00 39.53  ? 197 HOH A O   1 
HETATM 959  O O   . HOH B 2 .   ? -20.341 0.649   9.780   1.00 65.61  ? 198 HOH A O   1 
HETATM 960  O O   . HOH B 2 .   ? -15.237 6.762   10.183  1.00 45.23  ? 199 HOH A O   1 
HETATM 961  O O   . HOH B 2 .   ? 11.127  6.468   -8.490  1.00 40.59  ? 200 HOH A O   1 
HETATM 962  O O   . HOH B 2 .   ? -10.113 15.841  -7.103  1.00 29.65  ? 201 HOH A O   1 
HETATM 963  O O   . HOH B 2 .   ? -14.475 -0.195  -8.833  1.00 32.46  ? 202 HOH A O   1 
HETATM 964  O O   . HOH B 2 .   ? 3.552   -13.586 -7.824  1.00 34.81  ? 203 HOH A O   1 
HETATM 965  O O   . HOH B 2 .   ? -9.996  -11.261 8.706   1.00 29.90  ? 204 HOH A O   1 
HETATM 966  O O   . HOH B 2 .   ? 0.577   -10.813 -3.637  1.00 66.49  ? 205 HOH A O   1 
HETATM 967  O O   . HOH B 2 .   ? -7.780  4.277   -5.310  1.00 87.78  ? 206 HOH A O   1 
HETATM 968  O O   . HOH B 2 .   ? -8.573  1.733   9.605   1.00 29.24  ? 207 HOH A O   1 
HETATM 969  O O   . HOH B 2 .   ? -5.779  10.393  11.165  1.00 30.54  ? 208 HOH A O   1 
HETATM 970  O O   . HOH B 2 .   ? -4.730  -13.418 2.832   1.00 33.40  ? 209 HOH A O   1 
HETATM 971  O O   . HOH B 2 .   ? 8.025   9.234   -6.867  1.00 37.07  ? 210 HOH A O   1 
HETATM 972  O O   . HOH B 2 .   ? 10.001  -10.764 -10.601 1.00 34.58  ? 211 HOH A O   1 
HETATM 973  O O   . HOH B 2 .   ? 0.655   13.372  13.004  1.00 46.02  ? 212 HOH A O   1 
HETATM 974  O O   . HOH B 2 .   ? -10.771 -13.761 4.783   1.00 33.88  ? 213 HOH A O   1 
HETATM 975  O O   . HOH B 2 .   ? -5.673  0.442   11.556  1.00 35.36  ? 214 HOH A O   1 
HETATM 976  O O   . HOH B 2 .   ? -14.762 7.474   2.863   1.00 72.74  ? 215 HOH A O   1 
HETATM 977  O O   . HOH B 2 .   ? -5.412  17.380  2.089   1.00 69.00  ? 216 HOH A O   1 
HETATM 978  O O   . HOH B 2 .   ? -12.912 0.759   7.346   1.00 30.92  ? 217 HOH A O   1 
HETATM 979  O O   . HOH B 2 .   ? -11.090 15.022  1.415   1.00 36.17  ? 218 HOH A O   1 
HETATM 980  O O   . HOH B 2 .   ? 2.876   -1.940  -13.417 1.00 34.19  ? 219 HOH A O   1 
HETATM 981  O O   . HOH B 2 .   ? 14.780  4.054   4.787   1.00 36.65  ? 220 HOH A O   1 
HETATM 982  O O   . HOH B 2 .   ? -1.637  14.329  -7.030  1.00 53.61  ? 221 HOH A O   1 
HETATM 983  O O   . HOH B 2 .   ? -2.263  -2.523  1.728   1.00 69.67  ? 222 HOH A O   1 
HETATM 984  O O   . HOH B 2 .   ? 2.893   -15.114 3.698   1.00 35.02  ? 223 HOH A O   1 
HETATM 985  O O   . HOH B 2 .   ? -13.557 -10.575 3.011   1.00 48.31  ? 224 HOH A O   1 
HETATM 986  O O   . HOH B 2 .   ? -11.100 7.000   -7.664  1.00 32.80  ? 225 HOH A O   1 
HETATM 987  O O   . HOH B 2 .   ? 12.958  5.072   8.828   1.00 54.05  ? 226 HOH A O   1 
HETATM 988  O O   . HOH B 2 .   ? -10.776 17.230  -1.387  1.00 54.43  ? 227 HOH A O   1 
HETATM 989  O O   . HOH B 2 .   ? 4.813   16.852  -5.782  1.00 30.66  ? 228 HOH A O   1 
HETATM 990  O O   . HOH B 2 .   ? -0.916  7.765   -0.408  1.00 94.17  ? 229 HOH A O   1 
HETATM 991  O O   . HOH B 2 .   ? 2.727   -12.121 3.785   1.00 29.07  ? 230 HOH A O   1 
HETATM 992  O O   . HOH B 2 .   ? -0.674  -6.295  -8.521  1.00 34.93  ? 231 HOH A O   1 
HETATM 993  O O   . HOH B 2 .   ? 5.503   -15.272 9.116   1.00 33.83  ? 232 HOH A O   1 
HETATM 994  O O   . HOH B 2 .   ? -0.148  -14.872 2.061   1.00 36.70  ? 233 HOH A O   1 
HETATM 995  O O   . HOH B 2 .   ? 2.649   -12.849 10.788  1.00 34.83  ? 234 HOH A O   1 
HETATM 996  O O   . HOH B 2 .   ? -10.262 13.163  4.582   1.00 40.16  ? 235 HOH A O   1 
HETATM 997  O O   . HOH B 2 .   ? -4.040  -11.580 -7.630  1.00 41.45  ? 236 HOH A O   1 
HETATM 998  O O   . HOH B 2 .   ? 5.605   -18.940 -2.332  1.00 40.72  ? 237 HOH A O   1 
HETATM 999  O O   . HOH B 2 .   ? -6.909  -15.476 -1.171  1.00 48.28  ? 238 HOH A O   1 
HETATM 1000 O O   . HOH B 2 .   ? 8.616   7.029   -7.684  1.00 64.71  ? 239 HOH A O   1 
HETATM 1001 O O   . HOH B 2 .   ? -11.645 -4.012  -4.538  1.00 28.51  ? 240 HOH A O   1 
HETATM 1002 O O   . HOH B 2 .   ? 9.590   6.947   -11.309 1.00 59.43  ? 241 HOH A O   1 
HETATM 1003 O O   . HOH B 2 .   ? 8.270   -17.503 -4.940  1.00 33.16  ? 242 HOH A O   1 
HETATM 1004 O O   . HOH B 2 .   ? -3.255  -5.156  0.012   1.00 75.67  ? 243 HOH A O   1 
HETATM 1005 O O   . HOH B 2 .   ? 3.345   -3.364  -16.470 1.00 36.00  ? 244 HOH A O   1 
HETATM 1006 O O   . HOH B 2 .   ? -13.861 8.375   6.915   1.00 46.15  ? 245 HOH A O   1 
HETATM 1007 O O   . HOH B 2 .   ? 7.864   2.873   -1.349  1.00 101.82 ? 246 HOH A O   1 
HETATM 1008 O O   . HOH B 2 .   ? -10.841 5.393   11.549  1.00 38.24  ? 247 HOH A O   1 
HETATM 1009 O O   . HOH B 2 .   ? -5.654  -4.768  -4.083  1.00 102.32 ? 248 HOH A O   1 
HETATM 1010 O O   . HOH B 2 .   ? -2.726  -15.723 1.187   1.00 44.18  ? 249 HOH A O   1 
HETATM 1011 O O   . HOH B 2 .   ? -7.368  3.252   2.531   1.00 100.39 ? 250 HOH A O   1 
HETATM 1012 O O   . HOH B 2 .   ? -3.556  12.283  12.372  1.00 38.98  ? 251 HOH A O   1 
HETATM 1013 O O   . HOH B 2 .   ? -2.386  -14.118 10.433  1.00 44.99  ? 252 HOH A O   1 
HETATM 1014 O O   . HOH B 2 .   ? -2.140  -13.140 2.451   1.00 34.94  ? 253 HOH A O   1 
HETATM 1015 O O   . HOH B 2 .   ? -8.184  16.039  3.702   1.00 42.71  ? 254 HOH A O   1 
HETATM 1016 O O   . HOH B 2 .   ? 6.367   15.997  -8.639  1.00 67.02  ? 255 HOH A O   1 
HETATM 1017 O O   . HOH B 2 .   ? 5.914   7.341   -5.119  1.00 91.03  ? 256 HOH A O   1 
HETATM 1018 O O   . HOH B 2 .   ? -11.619 1.582   10.501  1.00 42.30  ? 257 HOH A O   1 
HETATM 1019 O O   . HOH B 2 .   ? 5.063   0.943   11.952  1.00 40.04  ? 258 HOH A O   1 
HETATM 1020 O O   . HOH B 2 .   ? 7.929   -16.415 -10.000 1.00 32.41  ? 259 HOH A O   1 
HETATM 1021 O O   . HOH B 2 .   ? 2.807   18.481  0.680   1.00 36.92  ? 260 HOH A O   1 
HETATM 1022 O O   . HOH B 2 .   ? 6.199   -4.476  -16.617 1.00 62.80  ? 261 HOH A O   1 
HETATM 1023 O O   . HOH B 2 .   ? -3.164  -2.832  -10.762 1.00 82.06  ? 262 HOH A O   1 
HETATM 1024 O O   . HOH B 2 .   ? -10.097 -4.049  -11.795 1.00 41.86  ? 263 HOH A O   1 
HETATM 1025 O O   . HOH B 2 .   ? 9.052   8.574   -3.424  1.00 82.28  ? 264 HOH A O   1 
HETATM 1026 O O   . HOH B 2 .   ? -7.863  -2.894  -12.537 1.00 101.18 ? 265 HOH A O   1 
HETATM 1027 O O   . HOH B 2 .   ? 15.490  -18.316 6.575   1.00 60.85  ? 266 HOH A O   1 
HETATM 1028 O O   . HOH B 2 .   ? -9.631  -5.854  -5.343  1.00 34.44  ? 267 HOH A O   1 
# 
loop_
_pdbx_poly_seq_scheme.asym_id 
_pdbx_poly_seq_scheme.entity_id 
_pdbx_poly_seq_scheme.seq_id 
_pdbx_poly_seq_scheme.mon_id 
_pdbx_poly_seq_scheme.ndb_seq_num 
_pdbx_poly_seq_scheme.pdb_seq_num 
_pdbx_poly_seq_scheme.auth_seq_num 
_pdbx_poly_seq_scheme.pdb_mon_id 
_pdbx_poly_seq_scheme.auth_mon_id 
_pdbx_poly_seq_scheme.pdb_strand_id 
_pdbx_poly_seq_scheme.pdb_ins_code 
_pdbx_poly_seq_scheme.hetero 
A 1 1   MET 1   1   ?   ?   ?   A . n 
A 1 2   THR 2   2   2   THR THR A . n 
A 1 3   LEU 3   3   3   LEU LEU A . n 
A 1 4   ILE 4   4   4   ILE ILE A . n 
A 1 5   TYR 5   5   5   TYR TYR A . n 
A 1 6   LYS 6   6   6   LYS LYS A . n 
A 1 7   ILE 7   7   7   ILE ILE A . n 
A 1 8   LEU 8   8   8   LEU LEU A . n 
A 1 9   SER 9   9   9   SER SER A . n 
A 1 10  ARG 10  10  10  ARG ARG A . n 
A 1 11  ALA 11  11  11  ALA ALA A . n 
A 1 12  GLU 12  12  12  GLU GLU A . n 
A 1 13  TRP 13  13  13  TRP TRP A . n 
A 1 14  ASP 14  14  14  ASP ASP A . n 
A 1 15  ALA 15  15  15  ALA ALA A . n 
A 1 16  ALA 16  16  16  ALA ALA A . n 
A 1 17  LYS 17  17  17  LYS LYS A . n 
A 1 18  ALA 18  18  18  ALA ALA A . n 
A 1 19  GLN 19  19  19  GLN GLN A . n 
A 1 20  GLY 20  20  20  GLY GLY A . n 
A 1 21  ARG 21  21  21  ARG ARG A . n 
A 1 22  PHE 22  22  22  PHE PHE A . n 
A 1 23  GLU 23  23  23  GLU GLU A . n 
A 1 24  GLY 24  24  24  GLY GLY A . n 
A 1 25  SER 25  25  25  SER SER A . n 
A 1 26  ALA 26  26  26  ALA ALA A . n 
A 1 27  VAL 27  27  27  VAL VAL A . n 
A 1 28  ASP 28  28  28  ASP ASP A . n 
A 1 29  LEU 29  29  29  LEU LEU A . n 
A 1 30  ALA 30  30  30  ALA ALA A . n 
A 1 31  ASP 31  31  31  ASP ASP A . n 
A 1 32  GLY 32  32  32  GLY GLY A . n 
A 1 33  PHE 33  33  33  PHE PHE A . n 
A 1 34  ILE 34  34  34  ILE ILE A . n 
A 1 35  HIS 35  35  35  HIS HIS A . n 
A 1 36  LEU 36  36  36  LEU LEU A . n 
A 1 37  SER 37  37  37  SER SER A . n 
A 1 38  ALA 38  38  38  ALA ALA A . n 
A 1 39  GLY 39  39  39  GLY GLY A . n 
A 1 40  GLU 40  40  40  GLU GLU A . n 
A 1 41  GLN 41  41  41  GLN GLN A . n 
A 1 42  ALA 42  42  42  ALA ALA A . n 
A 1 43  GLN 43  43  43  GLN GLN A . n 
A 1 44  GLU 44  44  44  GLU GLU A . n 
A 1 45  THR 45  45  45  THR THR A . n 
A 1 46  ALA 46  46  46  ALA ALA A . n 
A 1 47  ALA 47  47  47  ALA ALA A . n 
A 1 48  LYS 48  48  48  LYS LYS A . n 
A 1 49  TRP 49  49  49  TRP TRP A . n 
A 1 50  PHE 50  50  50  PHE PHE A . n 
A 1 51  ARG 51  51  51  ARG ARG A . n 
A 1 52  GLY 52  52  52  GLY GLY A . n 
A 1 53  GLN 53  53  53  GLN GLN A . n 
A 1 54  ALA 54  54  54  ALA ALA A . n 
A 1 55  ASN 55  55  55  ASN ASN A . n 
A 1 56  LEU 56  56  56  LEU LEU A . n 
A 1 57  VAL 57  57  57  VAL VAL A . n 
A 1 58  LEU 58  58  58  LEU LEU A . n 
A 1 59  LEU 59  59  59  LEU LEU A . n 
A 1 60  ALA 60  60  60  ALA ALA A . n 
A 1 61  VAL 61  61  61  VAL VAL A . n 
A 1 62  GLU 62  62  62  GLU GLU A . n 
A 1 63  ALA 63  63  63  ALA ALA A . n 
A 1 64  GLU 64  64  64  GLU ALA A . n 
A 1 65  PRO 65  65  65  PRO PRO A . n 
A 1 66  LEU 66  66  66  LEU LEU A . n 
A 1 67  GLY 67  67  67  GLY GLY A . n 
A 1 68  GLU 68  68  68  GLU GLU A . n 
A 1 69  ASP 69  69  69  ASP ASP A . n 
A 1 70  LEU 70  70  70  LEU LEU A . n 
A 1 71  LYS 71  71  71  LYS LYS A . n 
A 1 72  TRP 72  72  72  TRP TRP A . n 
A 1 73  GLU 73  73  73  GLU GLU A . n 
A 1 74  ALA 74  74  74  ALA ALA A . n 
A 1 75  SER 75  75  75  SER SER A . n 
A 1 76  ARG 76  76  76  ARG ARG A . n 
A 1 77  GLY 77  77  77  GLY GLY A . n 
A 1 78  GLY 78  78  78  GLY GLY A . n 
A 1 79  ALA 79  79  79  ALA ALA A . n 
A 1 80  ARG 80  80  80  ARG ARG A . n 
A 1 81  PHE 81  81  81  PHE PHE A . n 
A 1 82  PRO 82  82  82  PRO PRO A . n 
A 1 83  HIS 83  83  83  HIS HIS A . n 
A 1 84  LEU 84  84  84  LEU LEU A . n 
A 1 85  TYR 85  85  85  TYR TYR A . n 
A 1 86  ARG 86  86  86  ARG ARG A . n 
A 1 87  PRO 87  87  87  PRO PRO A . n 
A 1 88  LEU 88  88  88  LEU LEU A . n 
A 1 89  LEU 89  89  89  LEU LEU A . n 
A 1 90  VAL 90  90  90  VAL VAL A . n 
A 1 91  SER 91  91  91  SER SER A . n 
A 1 92  GLU 92  92  92  GLU GLU A . n 
A 1 93  VAL 93  93  93  VAL VAL A . n 
A 1 94  THR 94  94  94  THR THR A . n 
A 1 95  ARG 95  95  95  ARG ARG A . n 
A 1 96  GLU 96  96  96  GLU GLU A . n 
A 1 97  ALA 97  97  97  ALA ALA A . n 
A 1 98  ASP 98  98  98  ASP ASP A . n 
A 1 99  LEU 99  99  99  LEU LEU A . n 
A 1 100 ASP 100 100 100 ASP ASP A . n 
A 1 101 LEU 101 101 101 LEU LEU A . n 
A 1 102 ASP 102 102 102 ASP ASP A . n 
A 1 103 ALA 103 103 103 ALA ALA A . n 
A 1 104 ASP 104 104 104 ASP ASP A . n 
A 1 105 GLY 105 105 105 GLY GLY A . n 
A 1 106 VAL 106 106 106 VAL VAL A . n 
A 1 107 PRO 107 107 107 PRO PRO A . n 
A 1 108 GLN 108 108 108 GLN GLN A . n 
A 1 109 LEU 109 109 109 LEU LEU A . n 
A 1 110 GLY 110 110 110 GLY GLY A . n 
A 1 111 ASP 111 111 111 ASP ASP A . n 
A 1 112 HIS 112 112 112 HIS HIS A . n 
A 1 113 LEU 113 113 113 LEU LEU A . n 
A 1 114 ALA 114 114 114 ALA ALA A . n 
A 1 115 LEU 115 115 115 LEU LEU A . n 
# 
_pdbx_SG_project.id                    1 
_pdbx_SG_project.project_name          'PSI, Protein Structure Initiative' 
_pdbx_SG_project.full_name_of_center   'Northeast Structural Genomics Consortium' 
_pdbx_SG_project.initial_of_center     NESG 
# 
loop_
_pdbx_nonpoly_scheme.asym_id 
_pdbx_nonpoly_scheme.entity_id 
_pdbx_nonpoly_scheme.mon_id 
_pdbx_nonpoly_scheme.ndb_seq_num 
_pdbx_nonpoly_scheme.pdb_seq_num 
_pdbx_nonpoly_scheme.auth_seq_num 
_pdbx_nonpoly_scheme.pdb_mon_id 
_pdbx_nonpoly_scheme.auth_mon_id 
_pdbx_nonpoly_scheme.pdb_strand_id 
_pdbx_nonpoly_scheme.pdb_ins_code 
B 2 HOH 1   116 1   HOH TIP A . 
B 2 HOH 2   117 2   HOH TIP A . 
B 2 HOH 3   118 3   HOH TIP A . 
B 2 HOH 4   119 4   HOH TIP A . 
B 2 HOH 5   120 5   HOH TIP A . 
B 2 HOH 6   121 6   HOH TIP A . 
B 2 HOH 7   122 7   HOH TIP A . 
B 2 HOH 8   123 8   HOH TIP A . 
B 2 HOH 9   124 9   HOH TIP A . 
B 2 HOH 10  125 10  HOH TIP A . 
B 2 HOH 11  126 11  HOH TIP A . 
B 2 HOH 12  127 12  HOH TIP A . 
B 2 HOH 13  128 13  HOH TIP A . 
B 2 HOH 14  129 14  HOH TIP A . 
B 2 HOH 15  130 15  HOH TIP A . 
B 2 HOH 16  131 16  HOH TIP A . 
B 2 HOH 17  132 17  HOH TIP A . 
B 2 HOH 18  133 18  HOH TIP A . 
B 2 HOH 19  134 19  HOH TIP A . 
B 2 HOH 20  135 20  HOH TIP A . 
B 2 HOH 21  136 21  HOH TIP A . 
B 2 HOH 22  137 22  HOH TIP A . 
B 2 HOH 23  138 23  HOH TIP A . 
B 2 HOH 24  139 24  HOH TIP A . 
B 2 HOH 25  140 25  HOH TIP A . 
B 2 HOH 26  141 26  HOH TIP A . 
B 2 HOH 27  142 27  HOH TIP A . 
B 2 HOH 28  143 28  HOH TIP A . 
B 2 HOH 29  144 29  HOH TIP A . 
B 2 HOH 30  145 30  HOH TIP A . 
B 2 HOH 31  146 31  HOH TIP A . 
B 2 HOH 32  147 32  HOH TIP A . 
B 2 HOH 33  148 33  HOH TIP A . 
B 2 HOH 34  149 34  HOH TIP A . 
B 2 HOH 35  150 35  HOH TIP A . 
B 2 HOH 36  151 36  HOH TIP A . 
B 2 HOH 37  152 37  HOH TIP A . 
B 2 HOH 38  153 38  HOH TIP A . 
B 2 HOH 39  154 39  HOH TIP A . 
B 2 HOH 40  155 40  HOH TIP A . 
B 2 HOH 41  156 41  HOH TIP A . 
B 2 HOH 42  157 42  HOH TIP A . 
B 2 HOH 43  158 43  HOH TIP A . 
B 2 HOH 44  159 44  HOH TIP A . 
B 2 HOH 45  160 45  HOH TIP A . 
B 2 HOH 46  161 46  HOH TIP A . 
B 2 HOH 47  162 47  HOH TIP A . 
B 2 HOH 48  163 48  HOH TIP A . 
B 2 HOH 49  164 49  HOH TIP A . 
B 2 HOH 50  165 50  HOH TIP A . 
B 2 HOH 51  166 51  HOH TIP A . 
B 2 HOH 52  167 52  HOH TIP A . 
B 2 HOH 53  168 53  HOH TIP A . 
B 2 HOH 54  169 54  HOH TIP A . 
B 2 HOH 55  170 55  HOH TIP A . 
B 2 HOH 56  171 56  HOH TIP A . 
B 2 HOH 57  172 57  HOH TIP A . 
B 2 HOH 58  173 58  HOH TIP A . 
B 2 HOH 59  174 59  HOH TIP A . 
B 2 HOH 60  175 60  HOH TIP A . 
B 2 HOH 61  176 61  HOH TIP A . 
B 2 HOH 62  177 62  HOH TIP A . 
B 2 HOH 63  178 63  HOH TIP A . 
B 2 HOH 64  179 64  HOH TIP A . 
B 2 HOH 65  180 65  HOH TIP A . 
B 2 HOH 66  181 66  HOH TIP A . 
B 2 HOH 67  182 67  HOH TIP A . 
B 2 HOH 68  183 68  HOH TIP A . 
B 2 HOH 69  184 69  HOH TIP A . 
B 2 HOH 70  185 70  HOH TIP A . 
B 2 HOH 71  186 71  HOH TIP A . 
B 2 HOH 72  187 72  HOH TIP A . 
B 2 HOH 73  188 73  HOH TIP A . 
B 2 HOH 74  189 74  HOH TIP A . 
B 2 HOH 75  190 75  HOH TIP A . 
B 2 HOH 76  191 76  HOH TIP A . 
B 2 HOH 77  192 77  HOH TIP A . 
B 2 HOH 78  193 78  HOH TIP A . 
B 2 HOH 79  194 79  HOH TIP A . 
B 2 HOH 80  195 80  HOH TIP A . 
B 2 HOH 81  196 81  HOH TIP A . 
B 2 HOH 82  197 82  HOH TIP A . 
B 2 HOH 83  198 83  HOH TIP A . 
B 2 HOH 84  199 84  HOH TIP A . 
B 2 HOH 85  200 85  HOH TIP A . 
B 2 HOH 86  201 86  HOH TIP A . 
B 2 HOH 87  202 87  HOH TIP A . 
B 2 HOH 88  203 88  HOH TIP A . 
B 2 HOH 89  204 89  HOH TIP A . 
B 2 HOH 90  205 90  HOH TIP A . 
B 2 HOH 91  206 91  HOH TIP A . 
B 2 HOH 92  207 92  HOH TIP A . 
B 2 HOH 93  208 93  HOH TIP A . 
B 2 HOH 94  209 94  HOH TIP A . 
B 2 HOH 95  210 95  HOH TIP A . 
B 2 HOH 96  211 96  HOH TIP A . 
B 2 HOH 97  212 97  HOH TIP A . 
B 2 HOH 98  213 98  HOH TIP A . 
B 2 HOH 99  214 99  HOH TIP A . 
B 2 HOH 100 215 100 HOH TIP A . 
B 2 HOH 101 216 101 HOH TIP A . 
B 2 HOH 102 217 102 HOH TIP A . 
B 2 HOH 103 218 103 HOH TIP A . 
B 2 HOH 104 219 104 HOH TIP A . 
B 2 HOH 105 220 105 HOH TIP A . 
B 2 HOH 106 221 106 HOH TIP A . 
B 2 HOH 107 222 107 HOH TIP A . 
B 2 HOH 108 223 108 HOH TIP A . 
B 2 HOH 109 224 109 HOH TIP A . 
B 2 HOH 110 225 110 HOH TIP A . 
B 2 HOH 111 226 111 HOH TIP A . 
B 2 HOH 112 227 112 HOH TIP A . 
B 2 HOH 113 228 113 HOH TIP A . 
B 2 HOH 114 229 114 HOH TIP A . 
B 2 HOH 115 230 115 HOH TIP A . 
B 2 HOH 116 231 116 HOH TIP A . 
B 2 HOH 117 232 117 HOH TIP A . 
B 2 HOH 118 233 118 HOH TIP A . 
B 2 HOH 119 234 119 HOH TIP A . 
B 2 HOH 120 235 120 HOH TIP A . 
B 2 HOH 121 236 121 HOH TIP A . 
B 2 HOH 122 237 122 HOH TIP A . 
B 2 HOH 123 238 123 HOH TIP A . 
B 2 HOH 124 239 124 HOH TIP A . 
B 2 HOH 125 240 125 HOH TIP A . 
B 2 HOH 126 241 126 HOH TIP A . 
B 2 HOH 127 242 127 HOH TIP A . 
B 2 HOH 128 243 128 HOH TIP A . 
B 2 HOH 129 244 129 HOH TIP A . 
B 2 HOH 130 245 130 HOH TIP A . 
B 2 HOH 131 246 131 HOH TIP A . 
B 2 HOH 132 247 132 HOH TIP A . 
B 2 HOH 133 248 133 HOH TIP A . 
B 2 HOH 134 249 134 HOH TIP A . 
B 2 HOH 135 250 135 HOH TIP A . 
B 2 HOH 136 251 136 HOH TIP A . 
B 2 HOH 137 252 137 HOH TIP A . 
B 2 HOH 138 253 138 HOH TIP A . 
B 2 HOH 139 254 139 HOH TIP A . 
B 2 HOH 140 255 140 HOH TIP A . 
B 2 HOH 141 256 141 HOH TIP A . 
B 2 HOH 142 257 142 HOH TIP A . 
B 2 HOH 143 258 143 HOH TIP A . 
B 2 HOH 144 259 144 HOH TIP A . 
B 2 HOH 145 260 145 HOH TIP A . 
B 2 HOH 146 261 146 HOH TIP A . 
B 2 HOH 147 262 147 HOH TIP A . 
B 2 HOH 148 263 148 HOH TIP A . 
B 2 HOH 149 264 149 HOH TIP A . 
B 2 HOH 150 265 150 HOH TIP A . 
B 2 HOH 151 266 151 HOH TIP A . 
B 2 HOH 152 267 152 HOH TIP A . 
# 
_pdbx_struct_assembly.id                   1 
_pdbx_struct_assembly.details              author_defined_assembly 
_pdbx_struct_assembly.method_details       ? 
_pdbx_struct_assembly.oligomeric_details   monomeric 
_pdbx_struct_assembly.oligomeric_count     1 
# 
_pdbx_struct_assembly_gen.assembly_id       1 
_pdbx_struct_assembly_gen.oper_expression   1 
_pdbx_struct_assembly_gen.asym_id_list      A,B 
# 
_pdbx_struct_oper_list.id                   1 
_pdbx_struct_oper_list.type                 'identity operation' 
_pdbx_struct_oper_list.name                 1_555 
_pdbx_struct_oper_list.symmetry_operation   x,y,z 
_pdbx_struct_oper_list.matrix[1][1]         1.0000000000 
_pdbx_struct_oper_list.matrix[1][2]         0.0000000000 
_pdbx_struct_oper_list.matrix[1][3]         0.0000000000 
_pdbx_struct_oper_list.vector[1]            0.0000000000 
_pdbx_struct_oper_list.matrix[2][1]         0.0000000000 
_pdbx_struct_oper_list.matrix[2][2]         1.0000000000 
_pdbx_struct_oper_list.matrix[2][3]         0.0000000000 
_pdbx_struct_oper_list.vector[2]            0.0000000000 
_pdbx_struct_oper_list.matrix[3][1]         0.0000000000 
_pdbx_struct_oper_list.matrix[3][2]         0.0000000000 
_pdbx_struct_oper_list.matrix[3][3]         1.0000000000 
_pdbx_struct_oper_list.vector[3]            0.0000000000 
# 
loop_
_pdbx_audit_revision_history.ordinal 
_pdbx_audit_revision_history.data_content_type 
_pdbx_audit_revision_history.major_revision 
_pdbx_audit_revision_history.minor_revision 
_pdbx_audit_revision_history.revision_date 
1 'Structure model' 1 0 2006-12-12 
2 'Structure model' 1 1 2008-05-01 
3 'Structure model' 1 2 2011-07-13 
4 'Structure model' 1 3 2023-08-30 
# 
_pdbx_audit_revision_details.ordinal             1 
_pdbx_audit_revision_details.revision_ordinal    1 
_pdbx_audit_revision_details.data_content_type   'Structure model' 
_pdbx_audit_revision_details.provider            repository 
_pdbx_audit_revision_details.type                'Initial release' 
_pdbx_audit_revision_details.description         ? 
_pdbx_audit_revision_details.details             ? 
# 
loop_
_pdbx_audit_revision_group.ordinal 
_pdbx_audit_revision_group.revision_ordinal 
_pdbx_audit_revision_group.data_content_type 
_pdbx_audit_revision_group.group 
1 2 'Structure model' 'Version format compliance' 
2 3 'Structure model' 'Version format compliance' 
3 4 'Structure model' 'Data collection'           
4 4 'Structure model' 'Database references'       
5 4 'Structure model' 'Refinement description'    
# 
loop_
_pdbx_audit_revision_category.ordinal 
_pdbx_audit_revision_category.revision_ordinal 
_pdbx_audit_revision_category.data_content_type 
_pdbx_audit_revision_category.category 
1 4 'Structure model' chem_comp_atom                
2 4 'Structure model' chem_comp_bond                
3 4 'Structure model' database_2                    
4 4 'Structure model' pdbx_initial_refinement_model 
5 4 'Structure model' struct_ref_seq_dif            
# 
loop_
_pdbx_audit_revision_item.ordinal 
_pdbx_audit_revision_item.revision_ordinal 
_pdbx_audit_revision_item.data_content_type 
_pdbx_audit_revision_item.item 
1 4 'Structure model' '_database_2.pdbx_DOI'                
2 4 'Structure model' '_database_2.pdbx_database_accession' 
3 4 'Structure model' '_struct_ref_seq_dif.details'         
# 
loop_
_software.name 
_software.classification 
_software.version 
_software.citation_id 
_software.pdbx_ordinal 
CNS      refinement        1.1 ? 1 
ADSC     'data collection' .   ? 2 
HKL-2000 'data scaling'    .   ? 3 
MOLREP   phasing           .   ? 4 
# 
_pdbx_validate_torsion.id              1 
_pdbx_validate_torsion.PDB_model_num   1 
_pdbx_validate_torsion.auth_comp_id    SER 
_pdbx_validate_torsion.auth_asym_id    A 
_pdbx_validate_torsion.auth_seq_id     75 
_pdbx_validate_torsion.PDB_ins_code    ? 
_pdbx_validate_torsion.label_alt_id    ? 
_pdbx_validate_torsion.phi             -133.98 
_pdbx_validate_torsion.psi             -118.62 
# 
loop_
_pdbx_unobs_or_zero_occ_atoms.id 
_pdbx_unobs_or_zero_occ_atoms.PDB_model_num 
_pdbx_unobs_or_zero_occ_atoms.polymer_flag 
_pdbx_unobs_or_zero_occ_atoms.occupancy_flag 
_pdbx_unobs_or_zero_occ_atoms.auth_asym_id 
_pdbx_unobs_or_zero_occ_atoms.auth_comp_id 
_pdbx_unobs_or_zero_occ_atoms.auth_seq_id 
_pdbx_unobs_or_zero_occ_atoms.PDB_ins_code 
_pdbx_unobs_or_zero_occ_atoms.auth_atom_id 
_pdbx_unobs_or_zero_occ_atoms.label_alt_id 
_pdbx_unobs_or_zero_occ_atoms.label_asym_id 
_pdbx_unobs_or_zero_occ_atoms.label_comp_id 
_pdbx_unobs_or_zero_occ_atoms.label_seq_id 
_pdbx_unobs_or_zero_occ_atoms.label_atom_id 
1 1 Y 1 A GLU 64 ? CG  ? A GLU 64 CG  
2 1 Y 1 A GLU 64 ? CD  ? A GLU 64 CD  
3 1 Y 1 A GLU 64 ? OE1 ? A GLU 64 OE1 
4 1 Y 1 A GLU 64 ? OE2 ? A GLU 64 OE2 
# 
_pdbx_unobs_or_zero_occ_residues.id               1 
_pdbx_unobs_or_zero_occ_residues.PDB_model_num    1 
_pdbx_unobs_or_zero_occ_residues.polymer_flag     Y 
_pdbx_unobs_or_zero_occ_residues.occupancy_flag   1 
_pdbx_unobs_or_zero_occ_residues.auth_asym_id     A 
_pdbx_unobs_or_zero_occ_residues.auth_comp_id     MET 
_pdbx_unobs_or_zero_occ_residues.auth_seq_id      1 
_pdbx_unobs_or_zero_occ_residues.PDB_ins_code     ? 
_pdbx_unobs_or_zero_occ_residues.label_asym_id    A 
_pdbx_unobs_or_zero_occ_residues.label_comp_id    MET 
_pdbx_unobs_or_zero_occ_residues.label_seq_id     1 
# 
loop_
_chem_comp_atom.comp_id 
_chem_comp_atom.atom_id 
_chem_comp_atom.type_symbol 
_chem_comp_atom.pdbx_aromatic_flag 
_chem_comp_atom.pdbx_stereo_config 
_chem_comp_atom.pdbx_ordinal 
ALA N    N N N 1   
ALA CA   C N S 2   
ALA C    C N N 3   
ALA O    O N N 4   
ALA CB   C N N 5   
ALA OXT  O N N 6   
ALA H    H N N 7   
ALA H2   H N N 8   
ALA HA   H N N 9   
ALA HB1  H N N 10  
ALA HB2  H N N 11  
ALA HB3  H N N 12  
ALA HXT  H N N 13  
ARG N    N N N 14  
ARG CA   C N S 15  
ARG C    C N N 16  
ARG O    O N N 17  
ARG CB   C N N 18  
ARG CG   C N N 19  
ARG CD   C N N 20  
ARG NE   N N N 21  
ARG CZ   C N N 22  
ARG NH1  N N N 23  
ARG NH2  N N N 24  
ARG OXT  O N N 25  
ARG H    H N N 26  
ARG H2   H N N 27  
ARG HA   H N N 28  
ARG HB2  H N N 29  
ARG HB3  H N N 30  
ARG HG2  H N N 31  
ARG HG3  H N N 32  
ARG HD2  H N N 33  
ARG HD3  H N N 34  
ARG HE   H N N 35  
ARG HH11 H N N 36  
ARG HH12 H N N 37  
ARG HH21 H N N 38  
ARG HH22 H N N 39  
ARG HXT  H N N 40  
ASN N    N N N 41  
ASN CA   C N S 42  
ASN C    C N N 43  
ASN O    O N N 44  
ASN CB   C N N 45  
ASN CG   C N N 46  
ASN OD1  O N N 47  
ASN ND2  N N N 48  
ASN OXT  O N N 49  
ASN H    H N N 50  
ASN H2   H N N 51  
ASN HA   H N N 52  
ASN HB2  H N N 53  
ASN HB3  H N N 54  
ASN HD21 H N N 55  
ASN HD22 H N N 56  
ASN HXT  H N N 57  
ASP N    N N N 58  
ASP CA   C N S 59  
ASP C    C N N 60  
ASP O    O N N 61  
ASP CB   C N N 62  
ASP CG   C N N 63  
ASP OD1  O N N 64  
ASP OD2  O N N 65  
ASP OXT  O N N 66  
ASP H    H N N 67  
ASP H2   H N N 68  
ASP HA   H N N 69  
ASP HB2  H N N 70  
ASP HB3  H N N 71  
ASP HD2  H N N 72  
ASP HXT  H N N 73  
GLN N    N N N 74  
GLN CA   C N S 75  
GLN C    C N N 76  
GLN O    O N N 77  
GLN CB   C N N 78  
GLN CG   C N N 79  
GLN CD   C N N 80  
GLN OE1  O N N 81  
GLN NE2  N N N 82  
GLN OXT  O N N 83  
GLN H    H N N 84  
GLN H2   H N N 85  
GLN HA   H N N 86  
GLN HB2  H N N 87  
GLN HB3  H N N 88  
GLN HG2  H N N 89  
GLN HG3  H N N 90  
GLN HE21 H N N 91  
GLN HE22 H N N 92  
GLN HXT  H N N 93  
GLU N    N N N 94  
GLU CA   C N S 95  
GLU C    C N N 96  
GLU O    O N N 97  
GLU CB   C N N 98  
GLU CG   C N N 99  
GLU CD   C N N 100 
GLU OE1  O N N 101 
GLU OE2  O N N 102 
GLU OXT  O N N 103 
GLU H    H N N 104 
GLU H2   H N N 105 
GLU HA   H N N 106 
GLU HB2  H N N 107 
GLU HB3  H N N 108 
GLU HG2  H N N 109 
GLU HG3  H N N 110 
GLU HE2  H N N 111 
GLU HXT  H N N 112 
GLY N    N N N 113 
GLY CA   C N N 114 
GLY C    C N N 115 
GLY O    O N N 116 
GLY OXT  O N N 117 
GLY H    H N N 118 
GLY H2   H N N 119 
GLY HA2  H N N 120 
GLY HA3  H N N 121 
GLY HXT  H N N 122 
HIS N    N N N 123 
HIS CA   C N S 124 
HIS C    C N N 125 
HIS O    O N N 126 
HIS CB   C N N 127 
HIS CG   C Y N 128 
HIS ND1  N Y N 129 
HIS CD2  C Y N 130 
HIS CE1  C Y N 131 
HIS NE2  N Y N 132 
HIS OXT  O N N 133 
HIS H    H N N 134 
HIS H2   H N N 135 
HIS HA   H N N 136 
HIS HB2  H N N 137 
HIS HB3  H N N 138 
HIS HD1  H N N 139 
HIS HD2  H N N 140 
HIS HE1  H N N 141 
HIS HE2  H N N 142 
HIS HXT  H N N 143 
HOH O    O N N 144 
HOH H1   H N N 145 
HOH H2   H N N 146 
ILE N    N N N 147 
ILE CA   C N S 148 
ILE C    C N N 149 
ILE O    O N N 150 
ILE CB   C N S 151 
ILE CG1  C N N 152 
ILE CG2  C N N 153 
ILE CD1  C N N 154 
ILE OXT  O N N 155 
ILE H    H N N 156 
ILE H2   H N N 157 
ILE HA   H N N 158 
ILE HB   H N N 159 
ILE HG12 H N N 160 
ILE HG13 H N N 161 
ILE HG21 H N N 162 
ILE HG22 H N N 163 
ILE HG23 H N N 164 
ILE HD11 H N N 165 
ILE HD12 H N N 166 
ILE HD13 H N N 167 
ILE HXT  H N N 168 
LEU N    N N N 169 
LEU CA   C N S 170 
LEU C    C N N 171 
LEU O    O N N 172 
LEU CB   C N N 173 
LEU CG   C N N 174 
LEU CD1  C N N 175 
LEU CD2  C N N 176 
LEU OXT  O N N 177 
LEU H    H N N 178 
LEU H2   H N N 179 
LEU HA   H N N 180 
LEU HB2  H N N 181 
LEU HB3  H N N 182 
LEU HG   H N N 183 
LEU HD11 H N N 184 
LEU HD12 H N N 185 
LEU HD13 H N N 186 
LEU HD21 H N N 187 
LEU HD22 H N N 188 
LEU HD23 H N N 189 
LEU HXT  H N N 190 
LYS N    N N N 191 
LYS CA   C N S 192 
LYS C    C N N 193 
LYS O    O N N 194 
LYS CB   C N N 195 
LYS CG   C N N 196 
LYS CD   C N N 197 
LYS CE   C N N 198 
LYS NZ   N N N 199 
LYS OXT  O N N 200 
LYS H    H N N 201 
LYS H2   H N N 202 
LYS HA   H N N 203 
LYS HB2  H N N 204 
LYS HB3  H N N 205 
LYS HG2  H N N 206 
LYS HG3  H N N 207 
LYS HD2  H N N 208 
LYS HD3  H N N 209 
LYS HE2  H N N 210 
LYS HE3  H N N 211 
LYS HZ1  H N N 212 
LYS HZ2  H N N 213 
LYS HZ3  H N N 214 
LYS HXT  H N N 215 
MET N    N N N 216 
MET CA   C N S 217 
MET C    C N N 218 
MET O    O N N 219 
MET CB   C N N 220 
MET CG   C N N 221 
MET SD   S N N 222 
MET CE   C N N 223 
MET OXT  O N N 224 
MET H    H N N 225 
MET H2   H N N 226 
MET HA   H N N 227 
MET HB2  H N N 228 
MET HB3  H N N 229 
MET HG2  H N N 230 
MET HG3  H N N 231 
MET HE1  H N N 232 
MET HE2  H N N 233 
MET HE3  H N N 234 
MET HXT  H N N 235 
PHE N    N N N 236 
PHE CA   C N S 237 
PHE C    C N N 238 
PHE O    O N N 239 
PHE CB   C N N 240 
PHE CG   C Y N 241 
PHE CD1  C Y N 242 
PHE CD2  C Y N 243 
PHE CE1  C Y N 244 
PHE CE2  C Y N 245 
PHE CZ   C Y N 246 
PHE OXT  O N N 247 
PHE H    H N N 248 
PHE H2   H N N 249 
PHE HA   H N N 250 
PHE HB2  H N N 251 
PHE HB3  H N N 252 
PHE HD1  H N N 253 
PHE HD2  H N N 254 
PHE HE1  H N N 255 
PHE HE2  H N N 256 
PHE HZ   H N N 257 
PHE HXT  H N N 258 
PRO N    N N N 259 
PRO CA   C N S 260 
PRO C    C N N 261 
PRO O    O N N 262 
PRO CB   C N N 263 
PRO CG   C N N 264 
PRO CD   C N N 265 
PRO OXT  O N N 266 
PRO H    H N N 267 
PRO HA   H N N 268 
PRO HB2  H N N 269 
PRO HB3  H N N 270 
PRO HG2  H N N 271 
PRO HG3  H N N 272 
PRO HD2  H N N 273 
PRO HD3  H N N 274 
PRO HXT  H N N 275 
SER N    N N N 276 
SER CA   C N S 277 
SER C    C N N 278 
SER O    O N N 279 
SER CB   C N N 280 
SER OG   O N N 281 
SER OXT  O N N 282 
SER H    H N N 283 
SER H2   H N N 284 
SER HA   H N N 285 
SER HB2  H N N 286 
SER HB3  H N N 287 
SER HG   H N N 288 
SER HXT  H N N 289 
THR N    N N N 290 
THR CA   C N S 291 
THR C    C N N 292 
THR O    O N N 293 
THR CB   C N R 294 
THR OG1  O N N 295 
THR CG2  C N N 296 
THR OXT  O N N 297 
THR H    H N N 298 
THR H2   H N N 299 
THR HA   H N N 300 
THR HB   H N N 301 
THR HG1  H N N 302 
THR HG21 H N N 303 
THR HG22 H N N 304 
THR HG23 H N N 305 
THR HXT  H N N 306 
TRP N    N N N 307 
TRP CA   C N S 308 
TRP C    C N N 309 
TRP O    O N N 310 
TRP CB   C N N 311 
TRP CG   C Y N 312 
TRP CD1  C Y N 313 
TRP CD2  C Y N 314 
TRP NE1  N Y N 315 
TRP CE2  C Y N 316 
TRP CE3  C Y N 317 
TRP CZ2  C Y N 318 
TRP CZ3  C Y N 319 
TRP CH2  C Y N 320 
TRP OXT  O N N 321 
TRP H    H N N 322 
TRP H2   H N N 323 
TRP HA   H N N 324 
TRP HB2  H N N 325 
TRP HB3  H N N 326 
TRP HD1  H N N 327 
TRP HE1  H N N 328 
TRP HE3  H N N 329 
TRP HZ2  H N N 330 
TRP HZ3  H N N 331 
TRP HH2  H N N 332 
TRP HXT  H N N 333 
TYR N    N N N 334 
TYR CA   C N S 335 
TYR C    C N N 336 
TYR O    O N N 337 
TYR CB   C N N 338 
TYR CG   C Y N 339 
TYR CD1  C Y N 340 
TYR CD2  C Y N 341 
TYR CE1  C Y N 342 
TYR CE2  C Y N 343 
TYR CZ   C Y N 344 
TYR OH   O N N 345 
TYR OXT  O N N 346 
TYR H    H N N 347 
TYR H2   H N N 348 
TYR HA   H N N 349 
TYR HB2  H N N 350 
TYR HB3  H N N 351 
TYR HD1  H N N 352 
TYR HD2  H N N 353 
TYR HE1  H N N 354 
TYR HE2  H N N 355 
TYR HH   H N N 356 
TYR HXT  H N N 357 
VAL N    N N N 358 
VAL CA   C N S 359 
VAL C    C N N 360 
VAL O    O N N 361 
VAL CB   C N N 362 
VAL CG1  C N N 363 
VAL CG2  C N N 364 
VAL OXT  O N N 365 
VAL H    H N N 366 
VAL H2   H N N 367 
VAL HA   H N N 368 
VAL HB   H N N 369 
VAL HG11 H N N 370 
VAL HG12 H N N 371 
VAL HG13 H N N 372 
VAL HG21 H N N 373 
VAL HG22 H N N 374 
VAL HG23 H N N 375 
VAL HXT  H N N 376 
# 
loop_
_chem_comp_bond.comp_id 
_chem_comp_bond.atom_id_1 
_chem_comp_bond.atom_id_2 
_chem_comp_bond.value_order 
_chem_comp_bond.pdbx_aromatic_flag 
_chem_comp_bond.pdbx_stereo_config 
_chem_comp_bond.pdbx_ordinal 
ALA N   CA   sing N N 1   
ALA N   H    sing N N 2   
ALA N   H2   sing N N 3   
ALA CA  C    sing N N 4   
ALA CA  CB   sing N N 5   
ALA CA  HA   sing N N 6   
ALA C   O    doub N N 7   
ALA C   OXT  sing N N 8   
ALA CB  HB1  sing N N 9   
ALA CB  HB2  sing N N 10  
ALA CB  HB3  sing N N 11  
ALA OXT HXT  sing N N 12  
ARG N   CA   sing N N 13  
ARG N   H    sing N N 14  
ARG N   H2   sing N N 15  
ARG CA  C    sing N N 16  
ARG CA  CB   sing N N 17  
ARG CA  HA   sing N N 18  
ARG C   O    doub N N 19  
ARG C   OXT  sing N N 20  
ARG CB  CG   sing N N 21  
ARG CB  HB2  sing N N 22  
ARG CB  HB3  sing N N 23  
ARG CG  CD   sing N N 24  
ARG CG  HG2  sing N N 25  
ARG CG  HG3  sing N N 26  
ARG CD  NE   sing N N 27  
ARG CD  HD2  sing N N 28  
ARG CD  HD3  sing N N 29  
ARG NE  CZ   sing N N 30  
ARG NE  HE   sing N N 31  
ARG CZ  NH1  sing N N 32  
ARG CZ  NH2  doub N N 33  
ARG NH1 HH11 sing N N 34  
ARG NH1 HH12 sing N N 35  
ARG NH2 HH21 sing N N 36  
ARG NH2 HH22 sing N N 37  
ARG OXT HXT  sing N N 38  
ASN N   CA   sing N N 39  
ASN N   H    sing N N 40  
ASN N   H2   sing N N 41  
ASN CA  C    sing N N 42  
ASN CA  CB   sing N N 43  
ASN CA  HA   sing N N 44  
ASN C   O    doub N N 45  
ASN C   OXT  sing N N 46  
ASN CB  CG   sing N N 47  
ASN CB  HB2  sing N N 48  
ASN CB  HB3  sing N N 49  
ASN CG  OD1  doub N N 50  
ASN CG  ND2  sing N N 51  
ASN ND2 HD21 sing N N 52  
ASN ND2 HD22 sing N N 53  
ASN OXT HXT  sing N N 54  
ASP N   CA   sing N N 55  
ASP N   H    sing N N 56  
ASP N   H2   sing N N 57  
ASP CA  C    sing N N 58  
ASP CA  CB   sing N N 59  
ASP CA  HA   sing N N 60  
ASP C   O    doub N N 61  
ASP C   OXT  sing N N 62  
ASP CB  CG   sing N N 63  
ASP CB  HB2  sing N N 64  
ASP CB  HB3  sing N N 65  
ASP CG  OD1  doub N N 66  
ASP CG  OD2  sing N N 67  
ASP OD2 HD2  sing N N 68  
ASP OXT HXT  sing N N 69  
GLN N   CA   sing N N 70  
GLN N   H    sing N N 71  
GLN N   H2   sing N N 72  
GLN CA  C    sing N N 73  
GLN CA  CB   sing N N 74  
GLN CA  HA   sing N N 75  
GLN C   O    doub N N 76  
GLN C   OXT  sing N N 77  
GLN CB  CG   sing N N 78  
GLN CB  HB2  sing N N 79  
GLN CB  HB3  sing N N 80  
GLN CG  CD   sing N N 81  
GLN CG  HG2  sing N N 82  
GLN CG  HG3  sing N N 83  
GLN CD  OE1  doub N N 84  
GLN CD  NE2  sing N N 85  
GLN NE2 HE21 sing N N 86  
GLN NE2 HE22 sing N N 87  
GLN OXT HXT  sing N N 88  
GLU N   CA   sing N N 89  
GLU N   H    sing N N 90  
GLU N   H2   sing N N 91  
GLU CA  C    sing N N 92  
GLU CA  CB   sing N N 93  
GLU CA  HA   sing N N 94  
GLU C   O    doub N N 95  
GLU C   OXT  sing N N 96  
GLU CB  CG   sing N N 97  
GLU CB  HB2  sing N N 98  
GLU CB  HB3  sing N N 99  
GLU CG  CD   sing N N 100 
GLU CG  HG2  sing N N 101 
GLU CG  HG3  sing N N 102 
GLU CD  OE1  doub N N 103 
GLU CD  OE2  sing N N 104 
GLU OE2 HE2  sing N N 105 
GLU OXT HXT  sing N N 106 
GLY N   CA   sing N N 107 
GLY N   H    sing N N 108 
GLY N   H2   sing N N 109 
GLY CA  C    sing N N 110 
GLY CA  HA2  sing N N 111 
GLY CA  HA3  sing N N 112 
GLY C   O    doub N N 113 
GLY C   OXT  sing N N 114 
GLY OXT HXT  sing N N 115 
HIS N   CA   sing N N 116 
HIS N   H    sing N N 117 
HIS N   H2   sing N N 118 
HIS CA  C    sing N N 119 
HIS CA  CB   sing N N 120 
HIS CA  HA   sing N N 121 
HIS C   O    doub N N 122 
HIS C   OXT  sing N N 123 
HIS CB  CG   sing N N 124 
HIS CB  HB2  sing N N 125 
HIS CB  HB3  sing N N 126 
HIS CG  ND1  sing Y N 127 
HIS CG  CD2  doub Y N 128 
HIS ND1 CE1  doub Y N 129 
HIS ND1 HD1  sing N N 130 
HIS CD2 NE2  sing Y N 131 
HIS CD2 HD2  sing N N 132 
HIS CE1 NE2  sing Y N 133 
HIS CE1 HE1  sing N N 134 
HIS NE2 HE2  sing N N 135 
HIS OXT HXT  sing N N 136 
HOH O   H1   sing N N 137 
HOH O   H2   sing N N 138 
ILE N   CA   sing N N 139 
ILE N   H    sing N N 140 
ILE N   H2   sing N N 141 
ILE CA  C    sing N N 142 
ILE CA  CB   sing N N 143 
ILE CA  HA   sing N N 144 
ILE C   O    doub N N 145 
ILE C   OXT  sing N N 146 
ILE CB  CG1  sing N N 147 
ILE CB  CG2  sing N N 148 
ILE CB  HB   sing N N 149 
ILE CG1 CD1  sing N N 150 
ILE CG1 HG12 sing N N 151 
ILE CG1 HG13 sing N N 152 
ILE CG2 HG21 sing N N 153 
ILE CG2 HG22 sing N N 154 
ILE CG2 HG23 sing N N 155 
ILE CD1 HD11 sing N N 156 
ILE CD1 HD12 sing N N 157 
ILE CD1 HD13 sing N N 158 
ILE OXT HXT  sing N N 159 
LEU N   CA   sing N N 160 
LEU N   H    sing N N 161 
LEU N   H2   sing N N 162 
LEU CA  C    sing N N 163 
LEU CA  CB   sing N N 164 
LEU CA  HA   sing N N 165 
LEU C   O    doub N N 166 
LEU C   OXT  sing N N 167 
LEU CB  CG   sing N N 168 
LEU CB  HB2  sing N N 169 
LEU CB  HB3  sing N N 170 
LEU CG  CD1  sing N N 171 
LEU CG  CD2  sing N N 172 
LEU CG  HG   sing N N 173 
LEU CD1 HD11 sing N N 174 
LEU CD1 HD12 sing N N 175 
LEU CD1 HD13 sing N N 176 
LEU CD2 HD21 sing N N 177 
LEU CD2 HD22 sing N N 178 
LEU CD2 HD23 sing N N 179 
LEU OXT HXT  sing N N 180 
LYS N   CA   sing N N 181 
LYS N   H    sing N N 182 
LYS N   H2   sing N N 183 
LYS CA  C    sing N N 184 
LYS CA  CB   sing N N 185 
LYS CA  HA   sing N N 186 
LYS C   O    doub N N 187 
LYS C   OXT  sing N N 188 
LYS CB  CG   sing N N 189 
LYS CB  HB2  sing N N 190 
LYS CB  HB3  sing N N 191 
LYS CG  CD   sing N N 192 
LYS CG  HG2  sing N N 193 
LYS CG  HG3  sing N N 194 
LYS CD  CE   sing N N 195 
LYS CD  HD2  sing N N 196 
LYS CD  HD3  sing N N 197 
LYS CE  NZ   sing N N 198 
LYS CE  HE2  sing N N 199 
LYS CE  HE3  sing N N 200 
LYS NZ  HZ1  sing N N 201 
LYS NZ  HZ2  sing N N 202 
LYS NZ  HZ3  sing N N 203 
LYS OXT HXT  sing N N 204 
MET N   CA   sing N N 205 
MET N   H    sing N N 206 
MET N   H2   sing N N 207 
MET CA  C    sing N N 208 
MET CA  CB   sing N N 209 
MET CA  HA   sing N N 210 
MET C   O    doub N N 211 
MET C   OXT  sing N N 212 
MET CB  CG   sing N N 213 
MET CB  HB2  sing N N 214 
MET CB  HB3  sing N N 215 
MET CG  SD   sing N N 216 
MET CG  HG2  sing N N 217 
MET CG  HG3  sing N N 218 
MET SD  CE   sing N N 219 
MET CE  HE1  sing N N 220 
MET CE  HE2  sing N N 221 
MET CE  HE3  sing N N 222 
MET OXT HXT  sing N N 223 
PHE N   CA   sing N N 224 
PHE N   H    sing N N 225 
PHE N   H2   sing N N 226 
PHE CA  C    sing N N 227 
PHE CA  CB   sing N N 228 
PHE CA  HA   sing N N 229 
PHE C   O    doub N N 230 
PHE C   OXT  sing N N 231 
PHE CB  CG   sing N N 232 
PHE CB  HB2  sing N N 233 
PHE CB  HB3  sing N N 234 
PHE CG  CD1  doub Y N 235 
PHE CG  CD2  sing Y N 236 
PHE CD1 CE1  sing Y N 237 
PHE CD1 HD1  sing N N 238 
PHE CD2 CE2  doub Y N 239 
PHE CD2 HD2  sing N N 240 
PHE CE1 CZ   doub Y N 241 
PHE CE1 HE1  sing N N 242 
PHE CE2 CZ   sing Y N 243 
PHE CE2 HE2  sing N N 244 
PHE CZ  HZ   sing N N 245 
PHE OXT HXT  sing N N 246 
PRO N   CA   sing N N 247 
PRO N   CD   sing N N 248 
PRO N   H    sing N N 249 
PRO CA  C    sing N N 250 
PRO CA  CB   sing N N 251 
PRO CA  HA   sing N N 252 
PRO C   O    doub N N 253 
PRO C   OXT  sing N N 254 
PRO CB  CG   sing N N 255 
PRO CB  HB2  sing N N 256 
PRO CB  HB3  sing N N 257 
PRO CG  CD   sing N N 258 
PRO CG  HG2  sing N N 259 
PRO CG  HG3  sing N N 260 
PRO CD  HD2  sing N N 261 
PRO CD  HD3  sing N N 262 
PRO OXT HXT  sing N N 263 
SER N   CA   sing N N 264 
SER N   H    sing N N 265 
SER N   H2   sing N N 266 
SER CA  C    sing N N 267 
SER CA  CB   sing N N 268 
SER CA  HA   sing N N 269 
SER C   O    doub N N 270 
SER C   OXT  sing N N 271 
SER CB  OG   sing N N 272 
SER CB  HB2  sing N N 273 
SER CB  HB3  sing N N 274 
SER OG  HG   sing N N 275 
SER OXT HXT  sing N N 276 
THR N   CA   sing N N 277 
THR N   H    sing N N 278 
THR N   H2   sing N N 279 
THR CA  C    sing N N 280 
THR CA  CB   sing N N 281 
THR CA  HA   sing N N 282 
THR C   O    doub N N 283 
THR C   OXT  sing N N 284 
THR CB  OG1  sing N N 285 
THR CB  CG2  sing N N 286 
THR CB  HB   sing N N 287 
THR OG1 HG1  sing N N 288 
THR CG2 HG21 sing N N 289 
THR CG2 HG22 sing N N 290 
THR CG2 HG23 sing N N 291 
THR OXT HXT  sing N N 292 
TRP N   CA   sing N N 293 
TRP N   H    sing N N 294 
TRP N   H2   sing N N 295 
TRP CA  C    sing N N 296 
TRP CA  CB   sing N N 297 
TRP CA  HA   sing N N 298 
TRP C   O    doub N N 299 
TRP C   OXT  sing N N 300 
TRP CB  CG   sing N N 301 
TRP CB  HB2  sing N N 302 
TRP CB  HB3  sing N N 303 
TRP CG  CD1  doub Y N 304 
TRP CG  CD2  sing Y N 305 
TRP CD1 NE1  sing Y N 306 
TRP CD1 HD1  sing N N 307 
TRP CD2 CE2  doub Y N 308 
TRP CD2 CE3  sing Y N 309 
TRP NE1 CE2  sing Y N 310 
TRP NE1 HE1  sing N N 311 
TRP CE2 CZ2  sing Y N 312 
TRP CE3 CZ3  doub Y N 313 
TRP CE3 HE3  sing N N 314 
TRP CZ2 CH2  doub Y N 315 
TRP CZ2 HZ2  sing N N 316 
TRP CZ3 CH2  sing Y N 317 
TRP CZ3 HZ3  sing N N 318 
TRP CH2 HH2  sing N N 319 
TRP OXT HXT  sing N N 320 
TYR N   CA   sing N N 321 
TYR N   H    sing N N 322 
TYR N   H2   sing N N 323 
TYR CA  C    sing N N 324 
TYR CA  CB   sing N N 325 
TYR CA  HA   sing N N 326 
TYR C   O    doub N N 327 
TYR C   OXT  sing N N 328 
TYR CB  CG   sing N N 329 
TYR CB  HB2  sing N N 330 
TYR CB  HB3  sing N N 331 
TYR CG  CD1  doub Y N 332 
TYR CG  CD2  sing Y N 333 
TYR CD1 CE1  sing Y N 334 
TYR CD1 HD1  sing N N 335 
TYR CD2 CE2  doub Y N 336 
TYR CD2 HD2  sing N N 337 
TYR CE1 CZ   doub Y N 338 
TYR CE1 HE1  sing N N 339 
TYR CE2 CZ   sing Y N 340 
TYR CE2 HE2  sing N N 341 
TYR CZ  OH   sing N N 342 
TYR OH  HH   sing N N 343 
TYR OXT HXT  sing N N 344 
VAL N   CA   sing N N 345 
VAL N   H    sing N N 346 
VAL N   H2   sing N N 347 
VAL CA  C    sing N N 348 
VAL CA  CB   sing N N 349 
VAL CA  HA   sing N N 350 
VAL C   O    doub N N 351 
VAL C   OXT  sing N N 352 
VAL CB  CG1  sing N N 353 
VAL CB  CG2  sing N N 354 
VAL CB  HB   sing N N 355 
VAL CG1 HG11 sing N N 356 
VAL CG1 HG12 sing N N 357 
VAL CG1 HG13 sing N N 358 
VAL CG2 HG21 sing N N 359 
VAL CG2 HG22 sing N N 360 
VAL CG2 HG23 sing N N 361 
VAL OXT HXT  sing N N 362 
# 
_pdbx_entity_nonpoly.entity_id   2 
_pdbx_entity_nonpoly.name        water 
_pdbx_entity_nonpoly.comp_id     HOH 
# 
_pdbx_initial_refinement_model.id               1 
_pdbx_initial_refinement_model.entity_id_list   ? 
_pdbx_initial_refinement_model.type             'experimental model' 
_pdbx_initial_refinement_model.source_name      PDB 
_pdbx_initial_refinement_model.accession_code   2O0P 
_pdbx_initial_refinement_model.details          ? 
# 
